data_7SSP
#
_entry.id   7SSP
#
_cell.length_a   1.00
_cell.length_b   1.00
_cell.length_c   1.00
_cell.angle_alpha   90.00
_cell.angle_beta   90.00
_cell.angle_gamma   90.00
#
_symmetry.space_group_name_H-M   'P 1'
#
loop_
_entity.id
_entity.type
_entity.pdbx_description
1 polymer 'Ubiquinone biosynthesis protein COQ9, mitochondrial'
2 polymer '5-demethoxyubiquinone hydroxylase, mitochondrial'
#
loop_
_entity_poly.entity_id
_entity_poly.type
_entity_poly.pdbx_seq_one_letter_code
_entity_poly.pdbx_strand_id
1 'polypeptide(L)'
;MAAAAVSGALGRAGWRLLQLRCLPVARCRQALVPRAFHASAVGLRSSDEQKQQPPNSFSQQHSETQGAEKPDPESSHSPP
RYTDQGGEEEEDYESEEQLQHRILTAALEFVPAHGWTAEAIAEGAQSLGLSSAAASMFGKDGSELILHFVTQCNTRLTRV
LEEEQKLVQLGQAEKRKTDQFLRDAVETRLRMLIPYIEHWPRALSILMLPHNIPSSLSLLTSMVDDMWHYAGDQSTDFNW
YTRRAMLAAIYNTTELVMMQDSSPDFEDTWRFLENRVNDAMNMGHTAKQVKSTGEALVQGLMGAAVTLKNLTGLNQRR
;
A,B,C,D
2 'polypeptide(L)'
;MSCAGAAAAPRLWRLRPGARRSLSAYGRRTSVRFRSSGMTLDNISRAAVDRIIRVDHAGEYGANRIYAGQMAVLGRTSVG
PVIQKMWDQEKDHLKKFNELMVTFRVRPTVLMPLWNVLGFALGAGTALLGKEGAMACTVAVEESIAHHYNNQIRTLMEED
PEKYEELLQLIKKFRDEELEHHDIGLDHDAELAPAYAVLKSIIQAGCRVAIYLSERL
;
E,F,G,H
#
# COMPACT_ATOMS: atom_id res chain seq x y z
N TYR A 93 26.15 -2.59 29.34
CA TYR A 93 27.36 -2.88 30.10
C TYR A 93 27.64 -4.39 30.10
N GLU A 94 28.89 -4.75 30.39
CA GLU A 94 29.27 -6.16 30.37
C GLU A 94 28.79 -6.87 31.63
N SER A 95 29.03 -6.28 32.81
CA SER A 95 28.66 -6.94 34.05
C SER A 95 27.14 -6.99 34.22
N GLU A 96 26.44 -5.94 33.80
CA GLU A 96 24.98 -5.93 33.89
C GLU A 96 24.37 -7.04 33.05
N GLU A 97 24.76 -7.14 31.78
CA GLU A 97 24.23 -8.20 30.93
C GLU A 97 24.66 -9.57 31.41
N GLN A 98 25.89 -9.69 31.93
CA GLN A 98 26.34 -10.97 32.45
C GLN A 98 25.51 -11.42 33.63
N LEU A 99 25.19 -10.49 34.56
CA LEU A 99 24.40 -10.86 35.71
C LEU A 99 22.95 -11.14 35.32
N GLN A 100 22.42 -10.40 34.35
CA GLN A 100 21.09 -10.70 33.84
C GLN A 100 21.04 -12.12 33.26
N HIS A 101 22.02 -12.45 32.42
CA HIS A 101 22.07 -13.78 31.83
C HIS A 101 22.20 -14.86 32.90
N ARG A 102 23.03 -14.62 33.92
CA ARG A 102 23.20 -15.61 34.98
C ARG A 102 21.90 -15.79 35.76
N ILE A 103 21.23 -14.69 36.11
CA ILE A 103 19.96 -14.77 36.82
C ILE A 103 18.95 -15.57 36.01
N LEU A 104 18.88 -15.31 34.70
CA LEU A 104 17.90 -16.00 33.87
C LEU A 104 18.23 -17.48 33.74
N THR A 105 19.50 -17.82 33.51
CA THR A 105 19.85 -19.22 33.29
C THR A 105 19.81 -20.03 34.59
N ALA A 106 19.87 -19.36 35.75
CA ALA A 106 19.72 -20.06 37.01
C ALA A 106 18.29 -20.06 37.52
N ALA A 107 17.45 -19.17 37.00
CA ALA A 107 16.09 -19.07 37.50
C ALA A 107 15.21 -20.22 37.03
N LEU A 108 15.39 -20.66 35.79
CA LEU A 108 14.49 -21.65 35.21
C LEU A 108 14.77 -23.07 35.69
N GLU A 109 15.53 -23.24 36.77
CA GLU A 109 15.72 -24.57 37.34
C GLU A 109 14.58 -24.95 38.27
N PHE A 110 13.93 -23.97 38.89
CA PHE A 110 12.83 -24.21 39.80
C PHE A 110 11.48 -23.88 39.18
N VAL A 111 11.45 -23.59 37.88
CA VAL A 111 10.17 -23.37 37.19
C VAL A 111 9.23 -24.56 37.33
N PRO A 112 9.71 -25.82 37.40
CA PRO A 112 8.77 -26.93 37.66
C PRO A 112 8.07 -26.86 39.01
N ALA A 113 8.29 -25.80 39.78
CA ALA A 113 7.65 -25.64 41.07
C ALA A 113 6.82 -24.37 41.23
N HIS A 114 7.08 -23.32 40.45
CA HIS A 114 6.36 -22.07 40.64
C HIS A 114 5.63 -21.63 39.37
N GLY A 115 6.26 -21.77 38.21
CA GLY A 115 5.68 -21.31 36.97
C GLY A 115 6.36 -20.06 36.43
N TRP A 116 6.08 -19.77 35.17
CA TRP A 116 6.75 -18.69 34.43
C TRP A 116 6.23 -17.33 34.93
N THR A 117 6.53 -17.05 36.20
CA THR A 117 6.16 -15.80 36.83
C THR A 117 7.43 -15.07 37.26
N ALA A 118 7.24 -13.90 37.87
CA ALA A 118 8.37 -13.15 38.41
C ALA A 118 8.84 -13.77 39.73
N GLU A 119 8.01 -14.61 40.34
CA GLU A 119 8.37 -15.22 41.61
C GLU A 119 9.53 -16.20 41.44
N ALA A 120 9.50 -17.00 40.37
CA ALA A 120 10.53 -18.01 40.15
C ALA A 120 11.89 -17.38 39.90
N ILE A 121 11.93 -16.28 39.14
CA ILE A 121 13.20 -15.64 38.87
C ILE A 121 13.76 -14.98 40.13
N ALA A 122 12.88 -14.43 40.97
CA ALA A 122 13.33 -13.86 42.23
C ALA A 122 13.87 -14.94 43.15
N GLU A 123 13.19 -16.09 43.20
CA GLU A 123 13.69 -17.20 44.00
C GLU A 123 15.03 -17.68 43.49
N GLY A 124 15.20 -17.77 42.17
CA GLY A 124 16.48 -18.20 41.62
C GLY A 124 17.58 -17.18 41.83
N ALA A 125 17.22 -15.90 41.95
CA ALA A 125 18.22 -14.87 42.18
C ALA A 125 18.89 -15.03 43.53
N GLN A 126 18.32 -15.86 44.41
CA GLN A 126 18.93 -16.11 45.71
C GLN A 126 20.31 -16.74 45.55
N SER A 127 20.40 -17.78 44.75
CA SER A 127 21.69 -18.42 44.47
C SER A 127 22.19 -18.07 43.07
N ASP A 141 3.63 -12.05 34.81
CA ASP A 141 3.83 -10.81 34.04
C ASP A 141 4.58 -11.10 32.75
N GLY A 142 5.06 -10.03 32.10
CA GLY A 142 5.89 -10.18 30.93
C GLY A 142 7.19 -10.87 31.30
N SER A 143 7.40 -12.03 30.71
CA SER A 143 8.43 -12.95 31.20
C SER A 143 9.83 -12.60 30.76
N GLU A 144 10.09 -12.65 29.45
CA GLU A 144 11.41 -12.62 28.83
C GLU A 144 12.18 -13.90 29.19
N LEU A 145 11.64 -14.65 30.14
CA LEU A 145 12.26 -15.91 30.55
C LEU A 145 11.96 -16.99 29.52
N ILE A 146 10.75 -16.98 28.97
CA ILE A 146 10.41 -17.91 27.90
C ILE A 146 11.28 -17.66 26.69
N LEU A 147 11.54 -16.38 26.38
CA LEU A 147 12.38 -16.06 25.23
C LEU A 147 13.82 -16.50 25.45
N HIS A 148 14.35 -16.29 26.67
CA HIS A 148 15.68 -16.77 26.97
C HIS A 148 15.77 -18.29 26.86
N PHE A 149 14.77 -19.00 27.40
CA PHE A 149 14.78 -20.45 27.35
C PHE A 149 14.72 -20.96 25.91
N VAL A 150 13.88 -20.32 25.09
CA VAL A 150 13.75 -20.74 23.70
C VAL A 150 15.04 -20.50 22.93
N THR A 151 15.68 -19.35 23.16
CA THR A 151 16.96 -19.09 22.49
C THR A 151 18.01 -20.11 22.90
N GLN A 152 18.07 -20.45 24.20
CA GLN A 152 19.06 -21.41 24.66
C GLN A 152 18.82 -22.78 24.03
N CYS A 153 17.56 -23.23 23.98
CA CYS A 153 17.30 -24.54 23.39
C CYS A 153 17.56 -24.54 21.89
N ASN A 154 17.31 -23.42 21.20
CA ASN A 154 17.66 -23.35 19.79
C ASN A 154 19.17 -23.49 19.60
N THR A 155 19.96 -22.78 20.41
CA THR A 155 21.41 -22.89 20.31
C THR A 155 21.87 -24.32 20.57
N ARG A 156 21.30 -24.97 21.58
CA ARG A 156 21.74 -26.33 21.87
C ARG A 156 21.34 -27.30 20.76
N LEU A 157 20.18 -27.11 20.15
CA LEU A 157 19.80 -27.94 19.02
C LEU A 157 20.78 -27.77 17.87
N THR A 158 21.15 -26.53 17.56
CA THR A 158 22.16 -26.27 16.54
C THR A 158 23.45 -27.03 16.85
N ARG A 159 23.90 -26.91 18.09
CA ARG A 159 25.17 -27.54 18.48
C ARG A 159 25.08 -29.07 18.38
N VAL A 160 23.94 -29.65 18.75
CA VAL A 160 23.80 -31.10 18.68
C VAL A 160 23.79 -31.58 17.25
N LEU A 161 23.06 -30.88 16.37
CA LEU A 161 23.07 -31.24 14.97
C LEU A 161 24.47 -31.13 14.38
N GLU A 162 25.24 -30.13 14.83
CA GLU A 162 26.61 -29.99 14.33
C GLU A 162 27.51 -31.12 14.80
N GLU A 163 27.41 -31.49 16.09
CA GLU A 163 28.20 -32.61 16.59
C GLU A 163 27.84 -33.90 15.88
N GLU A 164 26.56 -34.06 15.51
CA GLU A 164 26.18 -35.27 14.80
C GLU A 164 26.68 -35.24 13.36
N GLN A 165 26.65 -34.08 12.71
CA GLN A 165 27.15 -33.96 11.35
C GLN A 165 28.64 -34.22 11.27
N LYS A 166 29.38 -33.81 12.29
CA LYS A 166 30.82 -34.11 12.25
C LYS A 166 31.14 -35.58 12.47
N LEU A 167 30.15 -36.48 12.55
CA LEU A 167 30.39 -37.91 12.67
C LEU A 167 30.10 -38.68 11.39
N VAL A 168 29.45 -38.05 10.40
CA VAL A 168 29.18 -38.72 9.14
C VAL A 168 30.28 -38.48 8.11
N GLN A 169 31.05 -37.41 8.25
CA GLN A 169 32.19 -37.16 7.38
C GLN A 169 33.42 -37.95 7.79
N LEU A 170 33.28 -38.94 8.66
CA LEU A 170 34.34 -39.89 8.99
C LEU A 170 34.05 -41.29 8.49
N GLY A 171 32.86 -41.82 8.73
CA GLY A 171 32.51 -43.15 8.27
C GLY A 171 31.84 -44.00 9.33
N GLN A 172 31.46 -43.37 10.44
CA GLN A 172 30.85 -44.07 11.57
C GLN A 172 29.33 -44.01 11.58
N ALA A 173 28.73 -43.04 10.89
CA ALA A 173 27.29 -42.87 10.89
C ALA A 173 26.76 -42.93 9.46
N GLU A 174 25.64 -43.61 9.28
CA GLU A 174 25.03 -43.75 7.97
C GLU A 174 24.23 -42.50 7.63
N LYS A 175 24.23 -42.13 6.34
CA LYS A 175 23.45 -41.00 5.86
C LYS A 175 22.06 -41.50 5.48
N ARG A 176 21.08 -41.23 6.33
CA ARG A 176 19.70 -41.61 6.05
C ARG A 176 19.00 -40.53 5.23
N LYS A 177 17.79 -40.83 4.80
CA LYS A 177 17.07 -39.98 3.86
C LYS A 177 16.66 -38.67 4.54
N THR A 178 16.01 -37.80 3.75
CA THR A 178 15.66 -36.47 4.26
C THR A 178 14.51 -36.54 5.25
N ASP A 179 13.46 -37.29 4.92
CA ASP A 179 12.29 -37.35 5.81
C ASP A 179 12.66 -37.93 7.17
N GLN A 180 13.49 -38.97 7.20
CA GLN A 180 13.91 -39.55 8.46
C GLN A 180 14.72 -38.55 9.28
N PHE A 181 15.62 -37.82 8.62
CA PHE A 181 16.42 -36.84 9.34
C PHE A 181 15.53 -35.73 9.91
N LEU A 182 14.51 -35.31 9.16
CA LEU A 182 13.64 -34.26 9.67
C LEU A 182 12.82 -34.74 10.84
N ARG A 183 12.30 -35.97 10.77
CA ARG A 183 11.59 -36.55 11.89
C ARG A 183 12.47 -36.61 13.13
N ASP A 184 13.72 -37.07 12.96
CA ASP A 184 14.63 -37.16 14.09
C ASP A 184 14.98 -35.79 14.65
N ALA A 185 15.13 -34.79 13.79
CA ALA A 185 15.44 -33.45 14.27
C ALA A 185 14.29 -32.87 15.07
N VAL A 186 13.06 -33.02 14.58
CA VAL A 186 11.92 -32.49 15.32
C VAL A 186 11.74 -33.22 16.64
N GLU A 187 11.94 -34.55 16.64
CA GLU A 187 11.84 -35.30 17.89
C GLU A 187 12.90 -34.85 18.89
N THR A 188 14.14 -34.66 18.43
CA THR A 188 15.20 -34.21 19.32
C THR A 188 14.88 -32.84 19.90
N ARG A 189 14.37 -31.93 19.08
CA ARG A 189 14.07 -30.59 19.58
C ARG A 189 12.90 -30.61 20.55
N LEU A 190 11.91 -31.47 20.32
CA LEU A 190 10.75 -31.52 21.19
C LEU A 190 11.01 -32.27 22.48
N ARG A 191 12.00 -33.16 22.53
CA ARG A 191 12.28 -33.88 23.77
C ARG A 191 13.00 -33.03 24.81
N MET A 192 13.11 -31.72 24.59
CA MET A 192 13.64 -30.83 25.61
C MET A 192 12.54 -30.23 26.48
N LEU A 193 11.29 -30.25 26.01
CA LEU A 193 10.16 -29.70 26.73
C LEU A 193 9.49 -30.72 27.64
N ILE A 194 10.19 -31.80 27.99
CA ILE A 194 9.58 -32.88 28.77
C ILE A 194 9.48 -32.52 30.25
N PRO A 195 10.54 -32.02 30.91
CA PRO A 195 10.40 -31.67 32.33
C PRO A 195 9.52 -30.45 32.58
N TYR A 196 9.40 -29.55 31.61
CA TYR A 196 8.61 -28.32 31.76
C TYR A 196 7.21 -28.46 31.17
N ILE A 197 6.73 -29.70 31.00
CA ILE A 197 5.48 -29.91 30.28
C ILE A 197 4.27 -29.51 31.11
N GLU A 198 4.42 -29.37 32.43
CA GLU A 198 3.30 -28.97 33.27
C GLU A 198 2.83 -27.56 32.91
N HIS A 199 3.72 -26.58 33.06
CA HIS A 199 3.38 -25.17 32.91
C HIS A 199 3.70 -24.62 31.53
N TRP A 200 3.65 -25.45 30.50
CA TRP A 200 4.01 -24.94 29.18
C TRP A 200 2.89 -24.14 28.51
N PRO A 201 1.63 -24.59 28.52
CA PRO A 201 0.57 -23.82 27.85
C PRO A 201 0.52 -22.36 28.25
N ARG A 202 0.84 -22.03 29.51
CA ARG A 202 0.92 -20.63 29.91
C ARG A 202 1.99 -19.90 29.11
N ALA A 203 3.16 -20.51 28.98
CA ALA A 203 4.24 -19.89 28.22
C ALA A 203 3.88 -19.77 26.75
N LEU A 204 3.18 -20.77 26.21
CA LEU A 204 2.77 -20.71 24.82
C LEU A 204 1.74 -19.61 24.60
N SER A 205 0.87 -19.38 25.57
CA SER A 205 -0.05 -18.26 25.49
C SER A 205 0.69 -16.93 25.53
N ILE A 206 1.62 -16.78 26.47
CA ILE A 206 2.37 -15.54 26.59
C ILE A 206 3.18 -15.26 25.33
N LEU A 207 3.68 -16.32 24.68
CA LEU A 207 4.45 -16.15 23.45
C LEU A 207 3.61 -15.74 22.26
N MET A 208 2.28 -15.75 22.38
CA MET A 208 1.41 -15.48 21.24
C MET A 208 0.60 -14.21 21.40
N LEU A 209 0.89 -13.39 22.41
CA LEU A 209 0.23 -12.11 22.55
C LEU A 209 0.56 -11.23 21.34
N PRO A 210 -0.33 -10.31 20.96
CA PRO A 210 -0.14 -9.56 19.71
C PRO A 210 1.07 -8.65 19.68
N HIS A 211 1.89 -8.61 20.73
CA HIS A 211 3.09 -7.78 20.73
C HIS A 211 4.37 -8.60 20.89
N ASN A 212 4.28 -9.93 20.99
CA ASN A 212 5.44 -10.79 21.04
C ASN A 212 5.56 -11.68 19.81
N ILE A 213 4.73 -11.46 18.80
CA ILE A 213 4.72 -12.30 17.60
C ILE A 213 5.97 -12.08 16.75
N PRO A 214 6.48 -10.85 16.57
CA PRO A 214 7.72 -10.71 15.77
C PRO A 214 8.90 -11.51 16.32
N SER A 215 9.18 -11.39 17.62
CA SER A 215 10.32 -12.09 18.21
C SER A 215 10.15 -13.61 18.11
N SER A 216 9.00 -14.12 18.52
CA SER A 216 8.76 -15.55 18.47
C SER A 216 8.84 -16.08 17.04
N LEU A 217 8.33 -15.30 16.08
CA LEU A 217 8.36 -15.75 14.69
C LEU A 217 9.78 -15.76 14.15
N SER A 218 10.60 -14.77 14.56
CA SER A 218 11.99 -14.78 14.14
C SER A 218 12.73 -15.98 14.73
N LEU A 219 12.47 -16.30 16.00
CA LEU A 219 13.10 -17.48 16.59
C LEU A 219 12.68 -18.76 15.88
N LEU A 220 11.39 -18.89 15.58
CA LEU A 220 10.91 -20.07 14.86
C LEU A 220 11.56 -20.18 13.48
N THR A 221 11.68 -19.05 12.77
CA THR A 221 12.29 -19.09 11.46
C THR A 221 13.76 -19.49 11.53
N SER A 222 14.50 -18.96 12.50
CA SER A 222 15.90 -19.33 12.64
C SER A 222 16.05 -20.81 12.99
N MET A 223 15.16 -21.32 13.84
CA MET A 223 15.20 -22.75 14.17
C MET A 223 14.95 -23.60 12.94
N VAL A 224 13.91 -23.27 12.17
CA VAL A 224 13.60 -24.05 10.97
C VAL A 224 14.73 -23.97 9.96
N ASP A 225 15.39 -22.81 9.85
CA ASP A 225 16.50 -22.68 8.92
C ASP A 225 17.68 -23.55 9.36
N ASP A 226 18.03 -23.50 10.64
CA ASP A 226 19.13 -24.32 11.14
C ASP A 226 18.78 -25.81 11.16
N MET A 227 17.50 -26.15 11.05
CA MET A 227 17.10 -27.55 10.96
C MET A 227 17.12 -28.05 9.51
N TRP A 228 16.82 -27.17 8.55
CA TRP A 228 16.86 -27.56 7.15
C TRP A 228 18.27 -27.54 6.58
N HIS A 229 19.13 -26.64 7.07
CA HIS A 229 20.47 -26.51 6.48
C HIS A 229 21.31 -27.76 6.69
N TYR A 230 21.14 -28.42 7.83
CA TYR A 230 21.88 -29.66 8.10
C TYR A 230 21.24 -30.88 7.48
N ALA A 231 20.22 -30.69 6.64
CA ALA A 231 19.56 -31.78 5.96
C ALA A 231 19.99 -31.89 4.50
N GLY A 232 20.80 -30.96 4.01
CA GLY A 232 21.23 -30.97 2.63
C GLY A 232 20.36 -30.19 1.69
N ASP A 233 19.91 -29.00 2.08
CA ASP A 233 19.05 -28.17 1.25
C ASP A 233 19.90 -27.02 0.69
N GLN A 234 20.29 -27.13 -0.57
CA GLN A 234 21.01 -26.09 -1.28
C GLN A 234 20.07 -25.56 -2.36
N SER A 235 19.25 -24.59 -1.99
CA SER A 235 18.20 -24.08 -2.87
C SER A 235 18.19 -22.56 -2.82
N THR A 236 18.41 -21.93 -3.98
CA THR A 236 18.31 -20.48 -4.14
C THR A 236 17.21 -20.24 -5.17
N ASP A 237 15.97 -20.20 -4.69
CA ASP A 237 14.79 -20.16 -5.54
C ASP A 237 13.64 -19.68 -4.66
N PHE A 238 12.41 -19.84 -5.16
CA PHE A 238 11.27 -19.67 -4.28
C PHE A 238 11.09 -20.86 -3.34
N ASN A 239 11.61 -22.02 -3.71
CA ASN A 239 11.55 -23.19 -2.82
C ASN A 239 12.25 -22.95 -1.49
N TRP A 240 13.04 -21.88 -1.36
CA TRP A 240 13.60 -21.55 -0.07
C TRP A 240 12.52 -21.26 0.95
N TYR A 241 11.36 -20.76 0.52
CA TYR A 241 10.30 -20.38 1.44
C TYR A 241 9.36 -21.55 1.71
N THR A 242 8.77 -22.11 0.65
CA THR A 242 7.78 -23.18 0.80
C THR A 242 8.24 -24.24 1.79
N ARG A 243 9.37 -24.87 1.50
CA ARG A 243 9.91 -25.91 2.38
C ARG A 243 9.95 -25.43 3.83
N ARG A 244 10.54 -24.27 4.07
CA ARG A 244 10.59 -23.72 5.42
C ARG A 244 9.19 -23.70 6.03
N ALA A 245 8.24 -23.05 5.35
CA ALA A 245 6.87 -23.04 5.84
C ALA A 245 6.34 -24.45 6.00
N MET A 246 6.58 -25.30 5.00
CA MET A 246 6.06 -26.66 5.04
C MET A 246 6.58 -27.44 6.24
N LEU A 247 7.60 -26.92 6.92
CA LEU A 247 8.08 -27.55 8.15
C LEU A 247 7.55 -26.87 9.39
N ALA A 248 7.43 -25.54 9.38
CA ALA A 248 6.97 -24.82 10.58
C ALA A 248 5.65 -25.39 11.08
N ALA A 249 4.67 -25.54 10.17
CA ALA A 249 3.42 -26.20 10.52
C ALA A 249 3.67 -27.53 11.20
N ILE A 250 4.43 -28.43 10.53
CA ILE A 250 4.71 -29.76 11.06
C ILE A 250 5.25 -29.67 12.48
N TYR A 251 5.92 -28.58 12.81
CA TYR A 251 6.38 -28.41 14.19
C TYR A 251 5.25 -27.93 15.08
N ASN A 252 4.66 -26.77 14.76
CA ASN A 252 3.68 -26.14 15.64
C ASN A 252 2.55 -27.10 15.99
N THR A 253 1.86 -27.60 14.97
CA THR A 253 0.80 -28.57 15.19
C THR A 253 1.24 -29.68 16.13
N THR A 254 2.42 -30.26 15.87
CA THR A 254 2.88 -31.38 16.69
C THR A 254 2.99 -30.97 18.16
N GLU A 255 3.50 -29.76 18.41
CA GLU A 255 3.55 -29.25 19.78
C GLU A 255 2.17 -29.27 20.41
N LEU A 256 1.16 -28.78 19.70
CA LEU A 256 -0.18 -28.71 20.24
C LEU A 256 -0.77 -30.08 20.55
N VAL A 257 -0.07 -31.16 20.22
CA VAL A 257 -0.50 -32.50 20.64
C VAL A 257 0.22 -32.91 21.91
N MET A 258 1.52 -32.62 22.02
CA MET A 258 2.31 -33.08 23.14
C MET A 258 1.77 -32.57 24.47
N MET A 259 1.19 -31.36 24.48
CA MET A 259 0.68 -30.80 25.72
C MET A 259 -0.60 -31.47 26.19
N GLN A 260 -1.28 -32.23 25.34
CA GLN A 260 -2.54 -32.87 25.70
C GLN A 260 -2.50 -34.38 25.55
N ASP A 261 -1.31 -34.96 25.36
CA ASP A 261 -1.17 -36.40 25.26
C ASP A 261 -0.86 -37.00 26.62
N SER A 262 -1.26 -38.27 26.81
CA SER A 262 -0.98 -39.00 28.02
C SER A 262 -0.41 -40.39 27.80
N SER A 263 -0.14 -40.77 26.55
CA SER A 263 0.38 -42.10 26.27
C SER A 263 1.79 -42.26 26.84
N PRO A 264 2.22 -43.48 27.13
CA PRO A 264 3.59 -43.69 27.63
C PRO A 264 4.66 -43.26 26.63
N ASP A 265 5.72 -42.62 27.12
CA ASP A 265 6.85 -42.20 26.31
C ASP A 265 6.39 -41.26 25.20
N PHE A 266 5.22 -40.64 25.39
CA PHE A 266 4.62 -39.78 24.37
C PHE A 266 4.55 -40.47 23.01
N GLU A 267 4.49 -41.81 23.03
CA GLU A 267 4.57 -42.58 21.80
C GLU A 267 3.59 -42.09 20.75
N ASP A 268 2.32 -41.92 21.14
CA ASP A 268 1.30 -41.43 20.23
C ASP A 268 1.79 -40.22 19.45
N THR A 269 2.33 -39.22 20.16
CA THR A 269 2.80 -38.01 19.50
C THR A 269 3.74 -38.34 18.35
N TRP A 270 4.75 -39.19 18.61
CA TRP A 270 5.71 -39.51 17.57
C TRP A 270 5.02 -40.13 16.36
N ARG A 271 4.05 -41.01 16.60
CA ARG A 271 3.30 -41.58 15.48
C ARG A 271 2.68 -40.49 14.64
N PHE A 272 2.07 -39.50 15.29
CA PHE A 272 1.50 -38.36 14.56
C PHE A 272 2.54 -37.76 13.63
N LEU A 273 3.75 -37.54 14.14
CA LEU A 273 4.81 -36.96 13.34
C LEU A 273 4.98 -37.70 12.03
N GLU A 274 5.00 -39.04 12.10
CA GLU A 274 5.07 -39.84 10.89
C GLU A 274 3.95 -39.45 9.94
N ASN A 275 2.71 -39.59 10.40
CA ASN A 275 1.55 -39.29 9.56
C ASN A 275 1.43 -37.81 9.24
N ARG A 276 2.41 -36.99 9.64
CA ARG A 276 2.43 -35.59 9.27
C ARG A 276 3.61 -35.23 8.38
N VAL A 277 4.65 -36.07 8.32
CA VAL A 277 5.80 -35.78 7.47
C VAL A 277 5.79 -36.61 6.19
N ASN A 278 5.38 -37.88 6.27
CA ASN A 278 5.16 -38.67 5.06
C ASN A 278 4.15 -37.98 4.16
N ASP A 279 2.98 -37.65 4.71
CA ASP A 279 1.96 -36.92 3.96
C ASP A 279 2.50 -35.59 3.46
N ALA A 280 3.60 -35.11 4.02
CA ALA A 280 4.21 -33.88 3.54
C ALA A 280 5.29 -34.13 2.50
N MET A 281 6.00 -35.27 2.59
CA MET A 281 7.07 -35.54 1.63
C MET A 281 6.52 -35.96 0.27
N ASN A 282 5.27 -36.39 0.21
CA ASN A 282 4.62 -36.67 -1.07
C ASN A 282 4.05 -35.39 -1.67
N MET A 283 4.90 -34.37 -1.79
CA MET A 283 4.53 -33.05 -2.30
C MET A 283 3.38 -32.45 -1.49
N GLY A 284 3.65 -32.23 -0.21
CA GLY A 284 2.67 -31.65 0.69
C GLY A 284 2.80 -30.14 0.82
N TYR B 93 -25.68 4.79 -30.34
CA TYR B 93 -26.98 4.20 -30.01
C TYR B 93 -26.96 2.70 -30.25
N GLU B 94 -28.00 2.19 -30.92
CA GLU B 94 -28.07 0.76 -31.21
C GLU B 94 -27.61 0.45 -32.62
N SER B 95 -28.21 1.11 -33.61
CA SER B 95 -27.83 0.86 -35.01
C SER B 95 -26.41 1.29 -35.29
N GLU B 96 -25.95 2.38 -34.66
CA GLU B 96 -24.59 2.85 -34.85
C GLU B 96 -23.56 1.74 -34.61
N GLU B 97 -23.55 1.20 -33.39
CA GLU B 97 -22.58 0.15 -33.07
C GLU B 97 -22.94 -1.16 -33.76
N GLN B 98 -24.23 -1.45 -33.92
CA GLN B 98 -24.62 -2.68 -34.58
C GLN B 98 -24.16 -2.71 -36.04
N LEU B 99 -23.93 -1.56 -36.64
CA LEU B 99 -23.40 -1.50 -37.99
C LEU B 99 -21.89 -1.29 -38.02
N GLN B 100 -21.33 -0.63 -37.01
CA GLN B 100 -19.87 -0.59 -36.90
C GLN B 100 -19.29 -1.97 -36.71
N HIS B 101 -20.01 -2.86 -36.03
CA HIS B 101 -19.59 -4.25 -35.92
C HIS B 101 -19.44 -4.88 -37.30
N ARG B 102 -20.44 -4.68 -38.17
CA ARG B 102 -20.36 -5.22 -39.52
C ARG B 102 -19.25 -4.54 -40.31
N ILE B 103 -19.03 -3.25 -40.08
CA ILE B 103 -17.93 -2.54 -40.73
C ILE B 103 -16.61 -3.23 -40.42
N LEU B 104 -16.34 -3.47 -39.13
CA LEU B 104 -15.10 -4.12 -38.74
C LEU B 104 -15.03 -5.56 -39.27
N THR B 105 -16.15 -6.28 -39.22
CA THR B 105 -16.14 -7.67 -39.67
C THR B 105 -15.84 -7.78 -41.16
N ALA B 106 -16.34 -6.83 -41.95
CA ALA B 106 -16.05 -6.84 -43.38
C ALA B 106 -14.66 -6.28 -43.68
N ALA B 107 -14.18 -5.35 -42.84
CA ALA B 107 -12.86 -4.78 -43.06
C ALA B 107 -11.75 -5.79 -42.77
N LEU B 108 -11.94 -6.65 -41.78
CA LEU B 108 -10.85 -7.57 -41.46
C LEU B 108 -10.72 -8.71 -42.47
N GLU B 109 -11.38 -8.65 -43.63
CA GLU B 109 -11.25 -9.71 -44.62
C GLU B 109 -9.97 -9.59 -45.41
N PHE B 110 -9.79 -8.48 -46.13
CA PHE B 110 -8.61 -8.27 -46.96
C PHE B 110 -7.52 -7.51 -46.20
N VAL B 111 -7.17 -8.00 -45.01
CA VAL B 111 -6.05 -7.47 -44.24
C VAL B 111 -4.72 -7.87 -44.88
N PRO B 112 -4.56 -9.08 -45.43
CA PRO B 112 -3.32 -9.39 -46.15
C PRO B 112 -3.02 -8.44 -47.30
N ALA B 113 -3.92 -7.50 -47.63
CA ALA B 113 -3.60 -6.50 -48.65
C ALA B 113 -2.79 -5.36 -48.05
N HIS B 114 -3.36 -4.64 -47.08
CA HIS B 114 -2.71 -3.48 -46.48
C HIS B 114 -2.07 -3.78 -45.13
N GLY B 115 -2.84 -4.27 -44.17
CA GLY B 115 -2.37 -4.47 -42.82
C GLY B 115 -3.32 -3.86 -41.81
N TRP B 116 -2.97 -4.01 -40.54
CA TRP B 116 -3.81 -3.57 -39.44
C TRP B 116 -3.84 -2.06 -39.28
N THR B 117 -3.28 -1.31 -40.23
CA THR B 117 -3.33 0.14 -40.18
C THR B 117 -4.77 0.62 -40.36
N ALA B 118 -4.94 1.94 -40.29
CA ALA B 118 -6.25 2.56 -40.42
C ALA B 118 -6.68 2.71 -41.88
N GLU B 119 -6.05 1.98 -42.80
CA GLU B 119 -6.40 2.07 -44.22
C GLU B 119 -7.42 1.02 -44.66
N ALA B 120 -7.34 -0.20 -44.13
CA ALA B 120 -8.29 -1.23 -44.51
C ALA B 120 -9.61 -1.10 -43.76
N ILE B 121 -9.59 -0.53 -42.54
CA ILE B 121 -10.81 -0.38 -41.78
C ILE B 121 -11.81 0.52 -42.51
N ALA B 122 -11.35 1.67 -43.01
CA ALA B 122 -12.23 2.58 -43.72
C ALA B 122 -12.52 2.09 -45.13
N GLU B 123 -11.53 1.47 -45.78
CA GLU B 123 -11.72 1.00 -47.14
C GLU B 123 -12.64 -0.22 -47.21
N GLY B 124 -12.84 -0.93 -46.09
CA GLY B 124 -13.78 -2.03 -46.08
C GLY B 124 -15.22 -1.63 -46.33
N ALA B 125 -15.54 -0.34 -46.16
CA ALA B 125 -16.88 0.14 -46.43
C ALA B 125 -17.23 0.10 -47.90
N GLN B 126 -16.25 -0.08 -48.79
CA GLN B 126 -16.48 -0.16 -50.22
C GLN B 126 -16.95 -1.54 -50.66
N SER B 127 -17.36 -2.39 -49.73
CA SER B 127 -17.82 -3.73 -50.06
C SER B 127 -19.02 -4.13 -49.21
N ASP B 141 -3.27 3.96 -36.79
CA ASP B 141 -3.08 3.05 -35.66
C ASP B 141 -3.86 1.76 -35.89
N GLY B 142 -5.11 1.74 -35.45
CA GLY B 142 -5.95 0.56 -35.60
C GLY B 142 -5.94 -0.34 -34.39
N SER B 143 -6.18 0.23 -33.22
CA SER B 143 -6.14 -0.51 -31.97
C SER B 143 -7.50 -1.06 -31.57
N GLU B 144 -8.45 -1.16 -32.50
CA GLU B 144 -9.73 -1.81 -32.24
C GLU B 144 -10.01 -2.98 -33.16
N LEU B 145 -9.48 -2.96 -34.39
CA LEU B 145 -9.64 -4.10 -35.28
C LEU B 145 -9.02 -5.36 -34.68
N ILE B 146 -7.86 -5.22 -34.04
CA ILE B 146 -7.19 -6.38 -33.46
C ILE B 146 -8.01 -6.94 -32.31
N LEU B 147 -8.52 -6.07 -31.44
CA LEU B 147 -9.32 -6.56 -30.31
C LEU B 147 -10.61 -7.21 -30.79
N HIS B 148 -11.22 -6.67 -31.85
CA HIS B 148 -12.42 -7.31 -32.39
C HIS B 148 -12.09 -8.68 -32.96
N PHE B 149 -11.00 -8.79 -33.71
CA PHE B 149 -10.61 -10.08 -34.26
C PHE B 149 -10.34 -11.10 -33.15
N VAL B 150 -9.66 -10.67 -32.09
CA VAL B 150 -9.34 -11.58 -30.99
C VAL B 150 -10.60 -12.03 -30.28
N THR B 151 -11.54 -11.11 -30.03
CA THR B 151 -12.79 -11.50 -29.39
C THR B 151 -13.57 -12.48 -30.25
N GLN B 152 -13.62 -12.24 -31.56
CA GLN B 152 -14.36 -13.14 -32.44
C GLN B 152 -13.74 -14.54 -32.43
N CYS B 153 -12.41 -14.62 -32.51
CA CYS B 153 -11.78 -15.94 -32.51
C CYS B 153 -11.96 -16.64 -31.17
N ASN B 154 -11.97 -15.88 -30.07
CA ASN B 154 -12.24 -16.49 -28.76
C ASN B 154 -13.64 -17.09 -28.73
N THR B 155 -14.63 -16.34 -29.20
CA THR B 155 -16.00 -16.85 -29.23
C THR B 155 -16.11 -18.09 -30.10
N ARG B 156 -15.44 -18.09 -31.26
CA ARG B 156 -15.54 -19.27 -32.13
C ARG B 156 -14.83 -20.48 -31.51
N LEU B 157 -13.73 -20.26 -30.80
CA LEU B 157 -13.09 -21.38 -30.10
C LEU B 157 -14.02 -21.96 -29.05
N THR B 158 -14.67 -21.09 -28.26
CA THR B 158 -15.65 -21.57 -27.29
C THR B 158 -16.72 -22.41 -27.98
N ARG B 159 -17.26 -21.91 -29.09
CA ARG B 159 -18.33 -22.62 -29.77
C ARG B 159 -17.86 -23.97 -30.31
N VAL B 160 -16.64 -24.04 -30.83
CA VAL B 160 -16.13 -25.30 -31.36
C VAL B 160 -15.92 -26.31 -30.24
N LEU B 161 -15.35 -25.86 -29.12
CA LEU B 161 -15.19 -26.77 -27.98
C LEU B 161 -16.54 -27.27 -27.50
N GLU B 162 -17.56 -26.42 -27.53
CA GLU B 162 -18.90 -26.84 -27.09
C GLU B 162 -19.50 -27.87 -28.05
N GLU B 163 -19.42 -27.61 -29.35
CA GLU B 163 -19.92 -28.57 -30.34
C GLU B 163 -19.17 -29.89 -30.26
N GLU B 164 -17.91 -29.89 -29.86
CA GLU B 164 -17.19 -31.14 -29.70
C GLU B 164 -17.57 -31.85 -28.39
N GLN B 165 -17.79 -31.09 -27.32
CA GLN B 165 -18.19 -31.69 -26.06
C GLN B 165 -19.56 -32.33 -26.16
N LYS B 166 -20.47 -31.73 -26.94
CA LYS B 166 -21.79 -32.32 -27.09
C LYS B 166 -21.78 -33.65 -27.85
N LEU B 167 -20.61 -34.14 -28.26
CA LEU B 167 -20.52 -35.44 -28.92
C LEU B 167 -20.04 -36.54 -27.98
N VAL B 168 -19.21 -36.20 -27.00
CA VAL B 168 -18.68 -37.22 -26.10
C VAL B 168 -19.71 -37.61 -25.05
N GLN B 169 -20.69 -36.74 -24.79
CA GLN B 169 -21.78 -37.05 -23.89
C GLN B 169 -22.93 -37.76 -24.61
N LEU B 170 -22.64 -38.39 -25.75
CA LEU B 170 -23.62 -39.11 -26.54
C LEU B 170 -23.12 -40.46 -27.02
N GLY B 171 -21.83 -40.72 -26.96
CA GLY B 171 -21.21 -41.88 -27.58
C GLY B 171 -20.45 -41.49 -28.83
N GLN B 172 -19.97 -42.51 -29.54
CA GLN B 172 -19.36 -42.36 -30.87
C GLN B 172 -18.17 -41.39 -30.87
N ALA B 173 -17.69 -41.00 -29.70
CA ALA B 173 -16.62 -40.03 -29.58
C ALA B 173 -15.66 -40.49 -28.48
N GLU B 174 -14.45 -40.85 -28.86
CA GLU B 174 -13.47 -41.36 -27.91
C GLU B 174 -13.12 -40.30 -26.88
N LYS B 175 -12.59 -40.75 -25.75
CA LYS B 175 -12.08 -39.86 -24.71
C LYS B 175 -10.56 -39.92 -24.67
N ARG B 176 -9.97 -38.94 -23.99
CA ARG B 176 -8.52 -38.79 -23.97
C ARG B 176 -8.13 -37.97 -22.76
N LYS B 177 -6.86 -38.10 -22.37
CA LYS B 177 -6.38 -37.51 -21.13
C LYS B 177 -6.38 -35.98 -21.23
N THR B 178 -5.99 -35.34 -20.13
CA THR B 178 -6.04 -33.88 -20.07
C THR B 178 -4.96 -33.24 -20.94
N ASP B 179 -3.75 -33.80 -20.93
CA ASP B 179 -2.66 -33.20 -21.70
C ASP B 179 -2.95 -33.24 -23.19
N GLN B 180 -3.48 -34.36 -23.68
CA GLN B 180 -3.83 -34.45 -25.09
C GLN B 180 -4.90 -33.44 -25.47
N PHE B 181 -5.91 -33.29 -24.60
CA PHE B 181 -6.98 -32.34 -24.91
C PHE B 181 -6.46 -30.92 -24.91
N LEU B 182 -5.55 -30.58 -23.99
CA LEU B 182 -5.02 -29.22 -23.96
C LEU B 182 -4.15 -28.95 -25.18
N ARG B 183 -3.34 -29.93 -25.59
CA ARG B 183 -2.58 -29.77 -26.82
C ARG B 183 -3.49 -29.54 -28.01
N ASP B 184 -4.56 -30.33 -28.12
CA ASP B 184 -5.48 -30.18 -29.25
C ASP B 184 -6.20 -28.83 -29.20
N ALA B 185 -6.54 -28.36 -28.01
CA ALA B 185 -7.22 -27.07 -27.90
C ALA B 185 -6.31 -25.92 -28.31
N VAL B 186 -5.06 -25.94 -27.85
CA VAL B 186 -4.13 -24.88 -28.23
C VAL B 186 -3.85 -24.92 -29.73
N GLU B 187 -3.70 -26.13 -30.29
CA GLU B 187 -3.49 -26.23 -31.74
C GLU B 187 -4.68 -25.68 -32.51
N THR B 188 -5.90 -26.03 -32.08
CA THR B 188 -7.09 -25.53 -32.75
C THR B 188 -7.17 -24.01 -32.68
N ARG B 189 -6.86 -23.44 -31.52
CA ARG B 189 -6.93 -21.98 -31.40
C ARG B 189 -5.85 -21.29 -32.22
N LEU B 190 -4.66 -21.89 -32.32
CA LEU B 190 -3.58 -21.27 -33.07
C LEU B 190 -3.72 -21.43 -34.57
N ARG B 191 -4.45 -22.44 -35.04
CA ARG B 191 -4.61 -22.61 -36.48
C ARG B 191 -5.58 -21.61 -37.10
N MET B 192 -6.02 -20.60 -36.36
CA MET B 192 -6.80 -19.52 -36.94
C MET B 192 -5.95 -18.35 -37.40
N LEU B 193 -4.71 -18.27 -36.92
CA LEU B 193 -3.80 -17.19 -37.28
C LEU B 193 -2.95 -17.51 -38.50
N ILE B 194 -3.37 -18.47 -39.32
CA ILE B 194 -2.55 -18.92 -40.44
C ILE B 194 -2.63 -17.95 -41.62
N PRO B 195 -3.82 -17.50 -42.06
CA PRO B 195 -3.83 -16.57 -43.19
C PRO B 195 -3.27 -15.20 -42.86
N TYR B 196 -3.42 -14.74 -41.62
CA TYR B 196 -2.94 -13.43 -41.20
C TYR B 196 -1.53 -13.48 -40.61
N ILE B 197 -0.77 -14.54 -40.90
CA ILE B 197 0.50 -14.75 -40.21
C ILE B 197 1.57 -13.76 -40.62
N GLU B 198 1.43 -13.13 -41.79
CA GLU B 198 2.47 -12.22 -42.26
C GLU B 198 2.50 -10.94 -41.42
N HIS B 199 1.35 -10.27 -41.30
CA HIS B 199 1.28 -9.00 -40.59
C HIS B 199 0.90 -9.15 -39.13
N TRP B 200 1.19 -10.31 -38.53
CA TRP B 200 0.80 -10.50 -37.12
C TRP B 200 1.73 -9.78 -36.16
N PRO B 201 3.06 -9.89 -36.24
CA PRO B 201 3.92 -9.24 -35.23
C PRO B 201 3.61 -7.77 -35.00
N ARG B 202 3.17 -7.05 -36.04
CA ARG B 202 2.77 -5.66 -35.85
C ARG B 202 1.57 -5.55 -34.91
N ALA B 203 0.56 -6.41 -35.13
CA ALA B 203 -0.60 -6.40 -34.24
C ALA B 203 -0.22 -6.85 -32.84
N LEU B 204 0.72 -7.78 -32.73
CA LEU B 204 1.19 -8.20 -31.41
C LEU B 204 1.90 -7.08 -30.69
N SER B 205 2.66 -6.25 -31.41
CA SER B 205 3.25 -5.06 -30.81
C SER B 205 2.15 -4.11 -30.35
N ILE B 206 1.13 -3.89 -31.17
CA ILE B 206 0.05 -2.98 -30.80
C ILE B 206 -0.64 -3.49 -29.53
N LEU B 207 -0.80 -4.81 -29.40
CA LEU B 207 -1.50 -5.40 -28.26
C LEU B 207 -0.71 -5.33 -26.96
N MET B 208 0.56 -4.92 -26.99
CA MET B 208 1.40 -4.94 -25.80
C MET B 208 1.84 -3.55 -25.37
N LEU B 209 1.27 -2.49 -25.95
CA LEU B 209 1.56 -1.15 -25.51
C LEU B 209 1.09 -0.96 -24.07
N PRO B 210 1.73 -0.08 -23.30
CA PRO B 210 1.43 0.00 -21.87
C PRO B 210 0.02 0.48 -21.53
N HIS B 211 -0.83 0.75 -22.51
CA HIS B 211 -2.20 1.16 -22.24
C HIS B 211 -3.24 0.20 -22.81
N ASN B 212 -2.81 -0.91 -23.42
CA ASN B 212 -3.72 -1.93 -23.90
C ASN B 212 -3.53 -3.25 -23.17
N ILE B 213 -2.74 -3.28 -22.11
CA ILE B 213 -2.45 -4.51 -21.37
C ILE B 213 -3.67 -5.01 -20.60
N PRO B 214 -4.47 -4.16 -19.94
CA PRO B 214 -5.65 -4.69 -19.24
C PRO B 214 -6.61 -5.44 -20.14
N SER B 215 -6.98 -4.86 -21.29
CA SER B 215 -7.94 -5.51 -22.18
C SER B 215 -7.39 -6.83 -22.71
N SER B 216 -6.16 -6.81 -23.24
CA SER B 216 -5.58 -8.04 -23.78
C SER B 216 -5.44 -9.10 -22.69
N LEU B 217 -5.08 -8.69 -21.48
CA LEU B 217 -4.92 -9.67 -20.41
C LEU B 217 -6.26 -10.27 -20.01
N SER B 218 -7.33 -9.46 -20.02
CA SER B 218 -8.65 -10.00 -19.72
C SER B 218 -9.08 -10.99 -20.80
N LEU B 219 -8.83 -10.66 -22.06
CA LEU B 219 -9.18 -11.60 -23.14
C LEU B 219 -8.41 -12.91 -23.00
N LEU B 220 -7.11 -12.82 -22.73
CA LEU B 220 -6.31 -14.03 -22.54
C LEU B 220 -6.83 -14.86 -21.36
N THR B 221 -7.18 -14.19 -20.26
CA THR B 221 -7.68 -14.92 -19.10
C THR B 221 -9.00 -15.62 -19.42
N SER B 222 -9.90 -14.96 -20.13
CA SER B 222 -11.16 -15.61 -20.48
C SER B 222 -10.95 -16.78 -21.41
N MET B 223 -10.04 -16.65 -22.38
CA MET B 223 -9.74 -17.76 -23.27
C MET B 223 -9.21 -18.96 -22.50
N VAL B 224 -8.23 -18.72 -21.62
CA VAL B 224 -7.65 -19.82 -20.83
C VAL B 224 -8.71 -20.43 -19.92
N ASP B 225 -9.59 -19.60 -19.36
CA ASP B 225 -10.63 -20.12 -18.48
C ASP B 225 -11.57 -21.06 -19.23
N ASP B 226 -12.00 -20.66 -20.43
CA ASP B 226 -12.85 -21.54 -21.22
C ASP B 226 -12.12 -22.83 -21.60
N MET B 227 -10.85 -22.69 -22.00
CA MET B 227 -10.08 -23.85 -22.44
C MET B 227 -9.88 -24.85 -21.31
N TRP B 228 -9.78 -24.37 -20.07
CA TRP B 228 -9.63 -25.28 -18.94
C TRP B 228 -10.98 -25.83 -18.50
N HIS B 229 -12.04 -25.01 -18.53
CA HIS B 229 -13.33 -25.47 -18.06
C HIS B 229 -13.91 -26.54 -18.97
N TYR B 230 -13.62 -26.48 -20.27
CA TYR B 230 -14.08 -27.55 -21.15
C TYR B 230 -13.18 -28.78 -21.09
N ALA B 231 -12.32 -28.89 -20.08
CA ALA B 231 -11.47 -30.05 -19.88
C ALA B 231 -11.73 -30.73 -18.54
N GLY B 232 -12.77 -30.32 -17.82
CA GLY B 232 -13.09 -30.92 -16.54
C GLY B 232 -12.14 -30.51 -15.43
N ASP B 233 -12.12 -29.22 -15.08
CA ASP B 233 -11.27 -28.77 -13.99
C ASP B 233 -11.92 -29.02 -12.64
N GLN B 234 -13.05 -28.38 -12.38
CA GLN B 234 -13.79 -28.51 -11.12
C GLN B 234 -12.87 -28.31 -9.92
N SER B 235 -12.32 -27.10 -9.81
CA SER B 235 -11.39 -26.76 -8.75
C SER B 235 -11.77 -25.44 -8.11
N THR B 236 -11.96 -25.45 -6.79
CA THR B 236 -12.23 -24.26 -5.98
C THR B 236 -11.17 -24.23 -4.89
N ASP B 237 -10.02 -23.66 -5.20
CA ASP B 237 -8.84 -23.68 -4.34
C ASP B 237 -7.92 -22.58 -4.84
N PHE B 238 -6.67 -22.62 -4.39
CA PHE B 238 -5.66 -21.80 -5.04
C PHE B 238 -5.24 -22.39 -6.38
N ASN B 239 -5.43 -23.69 -6.57
CA ASN B 239 -5.12 -24.32 -7.85
C ASN B 239 -5.92 -23.73 -9.00
N TRP B 240 -6.96 -22.93 -8.72
CA TRP B 240 -7.67 -22.24 -9.79
C TRP B 240 -6.74 -21.29 -10.52
N TYR B 241 -5.73 -20.74 -9.85
CA TYR B 241 -4.85 -19.76 -10.47
C TYR B 241 -3.65 -20.42 -11.15
N THR B 242 -2.88 -21.20 -10.39
CA THR B 242 -1.66 -21.81 -10.91
C THR B 242 -1.89 -22.43 -12.28
N ARG B 243 -2.81 -23.39 -12.37
CA ARG B 243 -3.10 -24.05 -13.63
C ARG B 243 -3.34 -23.05 -14.74
N ARG B 244 -4.22 -22.08 -14.51
CA ARG B 244 -4.46 -21.04 -15.49
C ARG B 244 -3.16 -20.42 -15.96
N ALA B 245 -2.37 -19.90 -15.01
CA ALA B 245 -1.07 -19.35 -15.36
C ALA B 245 -0.21 -20.38 -16.07
N MET B 246 -0.18 -21.61 -15.54
CA MET B 246 0.65 -22.64 -16.12
C MET B 246 0.29 -22.95 -17.56
N LEU B 247 -0.86 -22.46 -18.02
CA LEU B 247 -1.22 -22.62 -19.42
C LEU B 247 -0.98 -21.36 -20.24
N ALA B 248 -1.20 -20.18 -19.66
CA ALA B 248 -1.02 -18.94 -20.41
C ALA B 248 0.37 -18.88 -21.03
N ALA B 249 1.40 -19.15 -20.22
CA ALA B 249 2.76 -19.25 -20.74
C ALA B 249 2.81 -20.18 -21.94
N ILE B 250 2.36 -21.43 -21.76
CA ILE B 250 2.40 -22.44 -22.82
C ILE B 250 1.77 -21.91 -24.10
N TYR B 251 0.81 -20.99 -23.97
CA TYR B 251 0.24 -20.38 -25.16
C TYR B 251 1.16 -19.29 -25.71
N ASN B 252 1.45 -18.28 -24.89
CA ASN B 252 2.19 -17.10 -25.36
C ASN B 252 3.51 -17.50 -26.03
N THR B 253 4.35 -18.20 -25.27
CA THR B 253 5.62 -18.68 -25.83
C THR B 253 5.42 -19.37 -27.16
N THR B 254 4.44 -20.28 -27.24
CA THR B 254 4.24 -21.02 -28.48
C THR B 254 3.95 -20.08 -29.64
N GLU B 255 3.13 -19.05 -29.38
CA GLU B 255 2.86 -18.05 -30.41
C GLU B 255 4.15 -17.44 -30.93
N LEU B 256 5.05 -17.06 -30.02
CA LEU B 256 6.30 -16.42 -30.43
C LEU B 256 7.18 -17.35 -31.25
N VAL B 257 6.82 -18.62 -31.40
CA VAL B 257 7.55 -19.49 -32.32
C VAL B 257 6.89 -19.50 -33.69
N MET B 258 5.55 -19.53 -33.72
CA MET B 258 4.84 -19.66 -34.99
C MET B 258 5.16 -18.52 -35.94
N MET B 259 5.43 -17.32 -35.42
CA MET B 259 5.71 -16.19 -36.30
C MET B 259 7.09 -16.26 -36.92
N GLN B 260 7.99 -17.10 -36.41
CA GLN B 260 9.34 -17.19 -36.95
C GLN B 260 9.68 -18.58 -37.45
N ASP B 261 8.70 -19.47 -37.54
CA ASP B 261 8.92 -20.81 -38.07
C ASP B 261 8.74 -20.80 -39.59
N SER B 262 9.50 -21.69 -40.26
CA SER B 262 9.41 -21.84 -41.70
C SER B 262 9.22 -23.29 -42.11
N SER B 263 9.03 -24.20 -41.17
CA SER B 263 8.86 -25.61 -41.49
C SER B 263 7.53 -25.84 -42.22
N PRO B 264 7.42 -26.92 -42.99
CA PRO B 264 6.14 -27.22 -43.65
C PRO B 264 5.02 -27.35 -42.64
N ASP B 265 3.88 -26.73 -42.97
CA ASP B 265 2.66 -26.70 -42.18
C ASP B 265 2.93 -26.52 -40.69
N PHE B 266 3.95 -25.72 -40.36
CA PHE B 266 4.30 -25.37 -38.99
C PHE B 266 4.50 -26.60 -38.10
N GLU B 267 4.85 -27.73 -38.71
CA GLU B 267 5.01 -28.98 -37.96
C GLU B 267 5.93 -28.78 -36.77
N ASP B 268 7.09 -28.17 -36.99
CA ASP B 268 8.04 -27.87 -35.92
C ASP B 268 7.32 -27.29 -34.71
N THR B 269 6.51 -26.25 -34.93
CA THR B 269 5.81 -25.60 -33.82
C THR B 269 5.06 -26.62 -32.97
N TRP B 270 4.29 -27.50 -33.61
CA TRP B 270 3.50 -28.47 -32.84
C TRP B 270 4.40 -29.34 -31.99
N ARG B 271 5.55 -29.75 -32.52
CA ARG B 271 6.48 -30.53 -31.72
C ARG B 271 6.86 -29.78 -30.45
N PHE B 272 7.17 -28.49 -30.59
CA PHE B 272 7.47 -27.67 -29.41
C PHE B 272 6.37 -27.78 -28.38
N LEU B 273 5.10 -27.70 -28.82
CA LEU B 273 3.98 -27.79 -27.89
C LEU B 273 4.09 -29.04 -27.03
N GLU B 274 4.40 -30.18 -27.65
CA GLU B 274 4.62 -31.41 -26.89
C GLU B 274 5.66 -31.18 -25.81
N ASN B 275 6.87 -30.78 -26.22
CA ASN B 275 7.96 -30.57 -25.28
C ASN B 275 7.73 -29.39 -24.37
N ARG B 276 6.55 -28.76 -24.43
CA ARG B 276 6.20 -27.70 -23.51
C ARG B 276 5.00 -28.04 -22.64
N VAL B 277 4.23 -29.08 -22.97
CA VAL B 277 3.07 -29.42 -22.17
C VAL B 277 3.40 -30.62 -21.28
N ASN B 278 4.23 -31.53 -21.81
CA ASN B 278 4.67 -32.66 -21.00
C ASN B 278 5.36 -32.19 -19.73
N ASP B 279 6.36 -31.31 -19.87
CA ASP B 279 7.02 -30.73 -18.70
C ASP B 279 6.03 -30.04 -17.78
N ALA B 280 4.89 -29.60 -18.32
CA ALA B 280 3.87 -29.00 -17.47
C ALA B 280 3.07 -30.06 -16.73
N MET B 281 2.73 -31.16 -17.40
CA MET B 281 1.94 -32.20 -16.76
C MET B 281 2.76 -33.06 -15.80
N ASN B 282 4.06 -32.81 -15.70
CA ASN B 282 4.90 -33.41 -14.67
C ASN B 282 5.10 -32.43 -13.51
N MET B 283 4.07 -31.65 -13.21
CA MET B 283 4.09 -30.63 -12.16
C MET B 283 5.16 -29.58 -12.44
N GLY B 284 4.98 -28.89 -13.56
CA GLY B 284 5.90 -27.83 -13.96
C GLY B 284 5.32 -26.44 -13.75
N TYR C 93 40.65 4.82 -4.40
CA TYR C 93 39.65 5.73 -4.95
C TYR C 93 39.61 7.04 -4.17
N GLU C 94 40.78 7.55 -3.82
CA GLU C 94 40.90 8.83 -3.12
C GLU C 94 41.75 9.82 -3.90
N SER C 95 42.84 9.36 -4.50
CA SER C 95 43.70 10.22 -5.31
C SER C 95 43.26 10.29 -6.77
N GLU C 96 42.15 9.63 -7.13
CA GLU C 96 41.64 9.68 -8.49
C GLU C 96 40.31 10.43 -8.60
N GLU C 97 39.42 10.29 -7.62
CA GLU C 97 38.19 11.07 -7.63
C GLU C 97 38.45 12.53 -7.27
N GLN C 98 39.42 12.80 -6.40
CA GLN C 98 39.81 14.17 -6.11
C GLN C 98 40.38 14.87 -7.33
N LEU C 99 40.76 14.11 -8.36
CA LEU C 99 41.16 14.70 -9.63
C LEU C 99 40.03 14.74 -10.65
N GLN C 100 39.08 13.80 -10.58
CA GLN C 100 37.87 13.94 -11.38
C GLN C 100 37.09 15.18 -11.00
N HIS C 101 37.12 15.54 -9.71
CA HIS C 101 36.51 16.79 -9.27
C HIS C 101 37.14 17.98 -10.00
N ARG C 102 38.47 18.02 -10.08
CA ARG C 102 39.14 19.10 -10.78
C ARG C 102 38.85 19.05 -12.27
N ILE C 103 38.73 17.84 -12.83
CA ILE C 103 38.36 17.69 -14.23
C ILE C 103 37.02 18.38 -14.51
N LEU C 104 36.01 18.07 -13.69
CA LEU C 104 34.70 18.69 -13.88
C LEU C 104 34.75 20.19 -13.64
N THR C 105 35.50 20.63 -12.63
CA THR C 105 35.55 22.04 -12.29
C THR C 105 36.20 22.86 -13.39
N ALA C 106 37.22 22.29 -14.05
CA ALA C 106 37.86 22.98 -15.16
C ALA C 106 37.07 22.84 -16.45
N ALA C 107 36.31 21.75 -16.59
CA ALA C 107 35.51 21.55 -17.79
C ALA C 107 34.36 22.52 -17.85
N LEU C 108 33.66 22.72 -16.73
CA LEU C 108 32.52 23.65 -16.78
C LEU C 108 32.96 25.10 -16.81
N GLU C 109 34.25 25.38 -17.01
CA GLU C 109 34.70 26.77 -17.03
C GLU C 109 34.34 27.46 -18.33
N PHE C 110 34.51 26.79 -19.47
CA PHE C 110 34.19 27.36 -20.77
C PHE C 110 33.11 26.52 -21.42
N VAL C 111 31.85 26.84 -21.13
CA VAL C 111 30.73 26.29 -21.88
C VAL C 111 29.82 27.44 -22.31
N PRO C 112 30.32 28.43 -23.09
CA PRO C 112 29.39 29.36 -23.74
C PRO C 112 29.12 28.99 -25.19
N ALA C 113 29.94 28.07 -25.74
CA ALA C 113 29.81 27.70 -27.14
C ALA C 113 30.03 26.21 -27.38
N HIS C 114 29.83 25.37 -26.36
CA HIS C 114 30.07 23.95 -26.48
C HIS C 114 28.97 23.06 -25.93
N GLY C 115 28.04 23.59 -25.13
CA GLY C 115 26.96 22.80 -24.61
C GLY C 115 27.37 21.83 -23.52
N TRP C 116 26.38 21.27 -22.82
CA TRP C 116 26.62 20.34 -21.72
C TRP C 116 26.92 18.93 -22.20
N THR C 117 27.26 18.75 -23.47
CA THR C 117 27.53 17.43 -24.02
C THR C 117 28.80 16.85 -23.41
N ALA C 118 29.13 15.63 -23.82
CA ALA C 118 30.28 14.90 -23.29
C ALA C 118 31.57 15.23 -24.02
N GLU C 119 31.66 16.38 -24.68
CA GLU C 119 32.89 16.82 -25.30
C GLU C 119 33.56 17.99 -24.60
N ALA C 120 32.78 18.91 -24.04
CA ALA C 120 33.37 19.97 -23.24
C ALA C 120 33.85 19.46 -21.89
N ILE C 121 33.47 18.24 -21.52
CA ILE C 121 34.04 17.61 -20.33
C ILE C 121 35.48 17.18 -20.60
N ALA C 122 35.76 16.65 -21.79
CA ALA C 122 37.11 16.23 -22.15
C ALA C 122 37.95 17.37 -22.73
N GLU C 123 37.32 18.31 -23.44
CA GLU C 123 38.04 19.46 -23.96
C GLU C 123 38.64 20.30 -22.84
N GLY C 124 38.04 20.23 -21.64
CA GLY C 124 38.60 20.89 -20.48
C GLY C 124 39.69 20.12 -19.78
N ALA C 125 39.88 18.83 -20.13
CA ALA C 125 40.94 18.04 -19.54
C ALA C 125 42.31 18.38 -20.12
N GLN C 126 42.37 19.24 -21.14
CA GLN C 126 43.65 19.67 -21.68
C GLN C 126 44.41 20.58 -20.71
N SER C 127 43.71 21.23 -19.79
CA SER C 127 44.33 22.12 -18.83
C SER C 127 43.67 22.00 -17.46
N ASP C 141 24.88 11.08 -21.71
CA ASP C 141 23.94 12.18 -21.51
C ASP C 141 24.65 13.41 -20.96
N GLY C 142 25.40 13.22 -19.89
CA GLY C 142 26.12 14.31 -19.26
C GLY C 142 25.42 14.86 -18.03
N SER C 143 24.97 13.96 -17.15
CA SER C 143 24.26 14.37 -15.95
C SER C 143 25.20 14.72 -14.80
N GLU C 144 26.37 14.08 -14.74
CA GLU C 144 27.29 14.33 -13.63
C GLU C 144 27.78 15.77 -13.63
N LEU C 145 28.01 16.35 -14.81
CA LEU C 145 28.47 17.73 -14.89
C LEU C 145 27.42 18.68 -14.32
N ILE C 146 26.16 18.51 -14.73
CA ILE C 146 25.10 19.39 -14.25
C ILE C 146 24.89 19.22 -12.75
N LEU C 147 24.90 17.99 -12.26
CA LEU C 147 24.73 17.78 -10.83
C LEU C 147 25.87 18.37 -10.03
N HIS C 148 27.09 18.28 -10.55
CA HIS C 148 28.24 18.89 -9.86
C HIS C 148 28.11 20.41 -9.84
N PHE C 149 27.72 21.01 -10.96
CA PHE C 149 27.54 22.46 -10.99
C PHE C 149 26.47 22.91 -10.00
N VAL C 150 25.36 22.18 -9.94
CA VAL C 150 24.28 22.54 -9.03
C VAL C 150 24.73 22.42 -7.58
N THR C 151 25.45 21.34 -7.24
CA THR C 151 25.95 21.17 -5.88
C THR C 151 26.91 22.29 -5.51
N GLN C 152 27.81 22.66 -6.43
CA GLN C 152 28.76 23.73 -6.13
C GLN C 152 28.06 25.06 -5.91
N CYS C 153 27.07 25.37 -6.74
CA CYS C 153 26.36 26.64 -6.55
C CYS C 153 25.55 26.65 -5.27
N ASN C 154 25.01 25.49 -4.87
CA ASN C 154 24.33 25.40 -3.59
C ASN C 154 25.29 25.68 -2.43
N THR C 155 26.47 25.07 -2.48
CA THR C 155 27.46 25.30 -1.42
C THR C 155 27.88 26.77 -1.37
N ARG C 156 28.06 27.39 -2.53
CA ARG C 156 28.47 28.79 -2.52
C ARG C 156 27.36 29.69 -1.99
N LEU C 157 26.10 29.37 -2.31
CA LEU C 157 24.99 30.14 -1.74
C LEU C 157 24.97 30.00 -0.22
N THR C 158 25.14 28.78 0.29
CA THR C 158 25.22 28.58 1.73
C THR C 158 26.31 29.45 2.35
N ARG C 159 27.50 29.44 1.74
CA ARG C 159 28.62 30.19 2.31
C ARG C 159 28.36 31.69 2.27
N VAL C 160 27.73 32.18 1.19
CA VAL C 160 27.43 33.60 1.10
C VAL C 160 26.42 34.01 2.17
N LEU C 161 25.37 33.21 2.35
CA LEU C 161 24.39 33.50 3.39
C LEU C 161 25.04 33.48 4.76
N GLU C 162 26.03 32.60 4.96
CA GLU C 162 26.71 32.54 6.26
C GLU C 162 27.58 33.78 6.49
N GLU C 163 28.32 34.19 5.46
CA GLU C 163 29.13 35.41 5.58
C GLU C 163 28.25 36.62 5.84
N GLU C 164 27.04 36.62 5.29
CA GLU C 164 26.12 37.72 5.55
C GLU C 164 25.55 37.64 6.97
N GLN C 165 25.26 36.43 7.44
CA GLN C 165 24.72 36.27 8.79
C GLN C 165 25.73 36.71 9.84
N LYS C 166 27.01 36.38 9.64
CA LYS C 166 28.01 36.85 10.58
C LYS C 166 28.42 38.28 10.26
N LEU C 167 27.44 39.14 10.04
CA LEU C 167 27.66 40.57 9.86
C LEU C 167 26.66 41.42 10.61
N VAL C 168 25.59 40.83 11.15
CA VAL C 168 24.62 41.59 11.93
C VAL C 168 24.90 41.50 13.44
N GLN C 169 25.66 40.49 13.87
CA GLN C 169 26.13 40.45 15.25
C GLN C 169 27.12 41.56 15.56
N LEU C 170 27.62 42.26 14.54
CA LEU C 170 28.50 43.40 14.72
C LEU C 170 27.77 44.73 14.63
N GLY C 171 26.46 44.71 14.38
CA GLY C 171 25.71 45.95 14.25
C GLY C 171 26.03 46.78 13.03
N GLN C 172 26.60 46.17 11.99
CA GLN C 172 26.97 46.88 10.77
C GLN C 172 25.89 46.85 9.70
N ALA C 173 25.10 45.78 9.63
CA ALA C 173 24.09 45.63 8.60
C ALA C 173 22.71 45.65 9.23
N GLU C 174 21.77 46.29 8.54
CA GLU C 174 20.41 46.40 9.03
C GLU C 174 19.72 45.03 9.04
N LYS C 175 18.51 45.01 9.59
CA LYS C 175 17.67 43.82 9.61
C LYS C 175 16.49 44.02 8.68
N ARG C 176 16.07 42.93 8.05
CA ARG C 176 14.96 42.95 7.10
C ARG C 176 13.94 41.89 7.49
N LYS C 177 12.69 42.15 7.11
CA LYS C 177 11.64 41.18 7.35
C LYS C 177 11.88 39.94 6.49
N THR C 178 11.01 38.93 6.67
CA THR C 178 11.17 37.69 5.93
C THR C 178 10.97 37.91 4.43
N ASP C 179 10.09 38.84 4.06
CA ASP C 179 9.84 39.13 2.66
C ASP C 179 11.12 39.52 1.93
N GLN C 180 11.75 40.61 2.38
CA GLN C 180 12.94 41.11 1.69
C GLN C 180 14.06 40.08 1.72
N PHE C 181 14.20 39.35 2.83
CA PHE C 181 15.28 38.38 2.91
C PHE C 181 15.08 37.24 1.92
N LEU C 182 13.87 36.72 1.83
CA LEU C 182 13.64 35.61 0.89
C LEU C 182 13.79 36.09 -0.55
N ARG C 183 13.30 37.29 -0.85
CA ARG C 183 13.48 37.84 -2.19
C ARG C 183 14.96 37.96 -2.54
N ASP C 184 15.76 38.50 -1.61
CA ASP C 184 17.18 38.67 -1.88
C ASP C 184 17.90 37.34 -1.98
N ALA C 185 17.48 36.35 -1.19
CA ALA C 185 18.10 35.03 -1.27
C ALA C 185 17.86 34.41 -2.64
N VAL C 186 16.61 34.41 -3.09
CA VAL C 186 16.31 33.84 -4.41
C VAL C 186 17.03 34.62 -5.50
N GLU C 187 17.14 35.94 -5.35
CA GLU C 187 17.80 36.75 -6.38
C GLU C 187 19.28 36.42 -6.48
N THR C 188 19.98 36.40 -5.33
CA THR C 188 21.41 36.09 -5.37
C THR C 188 21.69 34.63 -5.64
N ARG C 189 20.69 33.75 -5.55
CA ARG C 189 20.91 32.39 -6.01
C ARG C 189 20.71 32.26 -7.51
N LEU C 190 19.73 32.98 -8.07
CA LEU C 190 19.48 32.91 -9.50
C LEU C 190 20.51 33.70 -10.31
N ARG C 191 21.15 34.70 -9.73
CA ARG C 191 22.12 35.48 -10.49
C ARG C 191 23.41 34.72 -10.76
N MET C 192 23.50 33.45 -10.40
CA MET C 192 24.65 32.63 -10.78
C MET C 192 24.47 31.97 -12.13
N LEU C 193 23.25 31.94 -12.66
CA LEU C 193 22.94 31.31 -13.94
C LEU C 193 23.02 32.29 -15.10
N ILE C 194 23.68 33.43 -14.93
CA ILE C 194 23.72 34.45 -15.97
C ILE C 194 24.71 34.10 -17.07
N PRO C 195 25.95 33.64 -16.76
CA PRO C 195 26.86 33.24 -17.85
C PRO C 195 26.34 32.06 -18.66
N TYR C 196 25.86 31.03 -17.98
CA TYR C 196 25.36 29.83 -18.65
C TYR C 196 23.86 29.92 -18.92
N ILE C 197 23.44 31.00 -19.57
CA ILE C 197 22.01 31.25 -19.77
C ILE C 197 21.50 30.72 -21.11
N GLU C 198 22.36 30.61 -22.12
CA GLU C 198 21.89 30.21 -23.45
C GLU C 198 21.71 28.69 -23.53
N HIS C 199 22.59 27.91 -22.89
CA HIS C 199 22.48 26.46 -22.89
C HIS C 199 21.81 25.93 -21.63
N TRP C 200 20.99 26.72 -20.96
CA TRP C 200 20.39 26.22 -19.73
C TRP C 200 19.21 25.28 -19.95
N PRO C 201 18.23 25.62 -20.82
CA PRO C 201 17.06 24.73 -20.97
C PRO C 201 17.42 23.30 -21.30
N ARG C 202 18.52 23.06 -22.01
CA ARG C 202 18.94 21.69 -22.28
C ARG C 202 19.31 20.97 -20.98
N ALA C 203 20.07 21.64 -20.12
CA ALA C 203 20.42 21.05 -18.83
C ALA C 203 19.19 20.86 -17.96
N LEU C 204 18.23 21.79 -18.05
CA LEU C 204 16.99 21.64 -17.30
C LEU C 204 16.19 20.43 -17.77
N SER C 205 16.20 20.18 -19.08
CA SER C 205 15.59 18.96 -19.60
C SER C 205 16.30 17.74 -19.06
N ILE C 206 17.63 17.75 -19.07
CA ILE C 206 18.38 16.60 -18.57
C ILE C 206 18.06 16.35 -17.10
N LEU C 207 17.88 17.41 -16.31
CA LEU C 207 17.61 17.29 -14.88
C LEU C 207 16.22 16.76 -14.55
N MET C 208 15.33 16.64 -15.54
CA MET C 208 13.95 16.26 -15.28
C MET C 208 13.59 14.92 -15.90
N LEU C 209 14.56 14.16 -16.40
CA LEU C 209 14.28 12.83 -16.90
C LEU C 209 13.79 11.94 -15.76
N PRO C 210 12.97 10.93 -16.07
CA PRO C 210 12.33 10.15 -15.00
C PRO C 210 13.28 9.34 -14.12
N HIS C 211 14.59 9.41 -14.36
CA HIS C 211 15.54 8.69 -13.52
C HIS C 211 16.53 9.61 -12.81
N ASN C 212 16.40 10.92 -12.98
CA ASN C 212 17.23 11.90 -12.27
C ASN C 212 16.41 12.74 -11.29
N ILE C 213 15.13 12.43 -11.11
CA ILE C 213 14.25 13.21 -10.25
C ILE C 213 14.63 13.08 -8.77
N PRO C 214 14.99 11.89 -8.26
CA PRO C 214 15.39 11.84 -6.84
C PRO C 214 16.56 12.74 -6.49
N SER C 215 17.64 12.69 -7.27
CA SER C 215 18.81 13.51 -6.96
C SER C 215 18.49 15.00 -7.04
N SER C 216 17.86 15.42 -8.14
CA SER C 216 17.53 16.84 -8.30
C SER C 216 16.59 17.31 -7.21
N LEU C 217 15.64 16.46 -6.82
CA LEU C 217 14.68 16.86 -5.79
C LEU C 217 15.38 16.97 -4.43
N SER C 218 16.32 16.08 -4.14
CA SER C 218 17.08 16.19 -2.90
C SER C 218 17.91 17.47 -2.88
N LEU C 219 18.53 17.81 -4.01
CA LEU C 219 19.30 19.05 -4.06
C LEU C 219 18.40 20.27 -3.86
N LEU C 220 17.24 20.28 -4.51
CA LEU C 220 16.30 21.40 -4.34
C LEU C 220 15.85 21.50 -2.89
N THR C 221 15.56 20.38 -2.25
CA THR C 221 15.12 20.41 -0.85
C THR C 221 16.21 20.94 0.06
N SER C 222 17.46 20.51 -0.16
CA SER C 222 18.55 21.00 0.68
C SER C 222 18.77 22.49 0.47
N MET C 223 18.64 22.97 -0.77
CA MET C 223 18.77 24.40 -1.02
C MET C 223 17.68 25.18 -0.31
N VAL C 224 16.43 24.73 -0.43
CA VAL C 224 15.32 25.44 0.21
C VAL C 224 15.49 25.44 1.72
N ASP C 225 15.99 24.34 2.28
CA ASP C 225 16.21 24.27 3.72
C ASP C 225 17.31 25.26 4.16
N ASP C 226 18.44 25.27 3.45
CA ASP C 226 19.50 26.19 3.79
C ASP C 226 19.14 27.64 3.50
N MET C 227 18.09 27.88 2.72
CA MET C 227 17.60 29.22 2.48
C MET C 227 16.60 29.68 3.53
N TRP C 228 15.78 28.76 4.05
CA TRP C 228 14.82 29.10 5.08
C TRP C 228 15.46 29.18 6.46
N HIS C 229 16.47 28.36 6.72
CA HIS C 229 17.04 28.31 8.07
C HIS C 229 17.68 29.62 8.49
N TYR C 230 18.25 30.37 7.55
CA TYR C 230 18.89 31.62 7.92
C TYR C 230 17.88 32.75 8.10
N ALA C 231 16.66 32.58 7.62
CA ALA C 231 15.61 33.58 7.82
C ALA C 231 14.79 33.28 9.08
N GLY C 232 15.47 33.01 10.18
CA GLY C 232 14.84 32.78 11.47
C GLY C 232 13.61 31.90 11.46
N ASP C 233 13.75 30.64 11.07
CA ASP C 233 12.63 29.70 11.05
C ASP C 233 12.91 28.60 12.06
N GLN C 234 12.31 28.71 13.24
CA GLN C 234 12.40 27.71 14.29
C GLN C 234 11.00 27.10 14.44
N SER C 235 10.73 26.07 13.65
CA SER C 235 9.40 25.47 13.60
C SER C 235 9.51 23.95 13.56
N THR C 236 8.80 23.29 14.47
CA THR C 236 8.71 21.82 14.51
C THR C 236 7.24 21.47 14.57
N ASP C 237 6.60 21.45 13.41
CA ASP C 237 5.18 21.16 13.25
C ASP C 237 5.01 20.49 11.89
N PHE C 238 3.79 20.49 11.38
CA PHE C 238 3.62 20.28 9.95
C PHE C 238 4.06 21.50 9.15
N ASN C 239 4.13 22.68 9.78
CA ASN C 239 4.59 23.87 9.10
C ASN C 239 6.02 23.76 8.60
N TRP C 240 6.77 22.76 9.06
CA TRP C 240 8.11 22.54 8.50
C TRP C 240 8.03 22.23 7.01
N TYR C 241 6.93 21.62 6.57
CA TYR C 241 6.82 21.19 5.17
C TYR C 241 6.22 22.29 4.30
N THR C 242 5.02 22.76 4.67
CA THR C 242 4.30 23.75 3.88
C THR C 242 5.20 24.87 3.41
N ARG C 243 5.78 25.61 4.37
CA ARG C 243 6.68 26.71 4.04
C ARG C 243 7.73 26.29 3.01
N ARG C 244 8.44 25.19 3.28
CA ARG C 244 9.42 24.70 2.34
C ARG C 244 8.81 24.56 0.95
N ALA C 245 7.73 23.81 0.83
CA ALA C 245 7.06 23.67 -0.46
C ALA C 245 6.63 25.03 -0.98
N MET C 246 6.05 25.87 -0.12
CA MET C 246 5.56 27.17 -0.55
C MET C 246 6.68 28.04 -1.11
N LEU C 247 7.94 27.67 -0.88
CA LEU C 247 9.05 28.38 -1.48
C LEU C 247 9.57 27.70 -2.74
N ALA C 248 9.59 26.37 -2.77
CA ALA C 248 10.13 25.65 -3.92
C ALA C 248 9.45 26.12 -5.21
N ALA C 249 8.12 26.17 -5.21
CA ALA C 249 7.37 26.72 -6.33
C ALA C 249 7.91 28.09 -6.72
N ILE C 250 7.95 29.02 -5.76
CA ILE C 250 8.41 30.38 -6.02
C ILE C 250 9.76 30.38 -6.72
N TYR C 251 10.59 29.37 -6.46
CA TYR C 251 11.85 29.26 -7.16
C TYR C 251 11.65 28.73 -8.57
N ASN C 252 11.09 27.52 -8.67
CA ASN C 252 11.01 26.82 -9.97
C ASN C 252 10.33 27.70 -11.02
N THR C 253 9.10 28.12 -10.74
CA THR C 253 8.37 29.00 -11.65
C THR C 253 9.24 30.18 -12.08
N THR C 254 9.88 30.85 -11.12
CA THR C 254 10.68 32.02 -11.45
C THR C 254 11.77 31.66 -12.45
N GLU C 255 12.43 30.52 -12.25
CA GLU C 255 13.43 30.06 -13.21
C GLU C 255 12.85 29.98 -14.61
N LEU C 256 11.66 29.38 -14.74
CA LEU C 256 11.05 29.21 -16.05
C LEU C 256 10.70 30.54 -16.71
N VAL C 257 10.89 31.66 -16.01
CA VAL C 257 10.74 32.96 -16.65
C VAL C 257 12.07 33.50 -17.12
N MET C 258 13.12 33.32 -16.32
CA MET C 258 14.43 33.89 -16.63
C MET C 258 14.96 33.39 -17.97
N MET C 259 14.66 32.14 -18.33
CA MET C 259 15.16 31.59 -19.58
C MET C 259 14.47 32.16 -20.81
N GLN C 260 13.33 32.84 -20.64
CA GLN C 260 12.59 33.39 -21.78
C GLN C 260 12.38 34.89 -21.67
N ASP C 261 13.06 35.54 -20.74
CA ASP C 261 13.00 36.99 -20.61
C ASP C 261 14.06 37.65 -21.47
N SER C 262 13.74 38.85 -21.97
CA SER C 262 14.68 39.62 -22.79
C SER C 262 14.83 41.05 -22.28
N SER C 263 14.25 41.38 -21.13
CA SER C 263 14.34 42.72 -20.59
C SER C 263 15.77 43.02 -20.16
N PRO C 264 16.15 44.30 -20.10
CA PRO C 264 17.49 44.65 -19.61
C PRO C 264 17.73 44.12 -18.20
N ASP C 265 18.92 43.53 -18.01
CA ASP C 265 19.37 42.94 -16.75
C ASP C 265 18.28 42.13 -16.04
N PHE C 266 17.43 41.45 -16.82
CA PHE C 266 16.37 40.59 -16.31
C PHE C 266 15.47 41.29 -15.30
N GLU C 267 15.38 42.63 -15.39
CA GLU C 267 14.58 43.40 -14.44
C GLU C 267 13.17 42.85 -14.32
N ASP C 268 12.52 42.61 -15.46
CA ASP C 268 11.19 42.03 -15.49
C ASP C 268 11.08 40.85 -14.53
N THR C 269 12.01 39.90 -14.63
CA THR C 269 11.97 38.71 -13.78
C THR C 269 11.85 39.09 -12.31
N TRP C 270 12.69 40.02 -11.85
CA TRP C 270 12.66 40.40 -10.44
C TRP C 270 11.29 40.92 -10.04
N ARG C 271 10.66 41.71 -10.91
CA ARG C 271 9.32 42.20 -10.62
C ARG C 271 8.38 41.03 -10.36
N PHE C 272 8.43 40.01 -11.23
CA PHE C 272 7.63 38.81 -11.03
C PHE C 272 7.82 38.26 -9.62
N LEU C 273 9.07 38.18 -9.18
CA LEU C 273 9.35 37.65 -7.84
C LEU C 273 8.53 38.38 -6.79
N GLU C 274 8.49 39.71 -6.87
CA GLU C 274 7.65 40.48 -5.96
C GLU C 274 6.21 39.96 -6.01
N ASN C 275 5.61 40.00 -7.20
CA ASN C 275 4.23 39.58 -7.36
C ASN C 275 4.04 38.10 -7.16
N ARG C 276 5.10 37.38 -6.76
CA ARG C 276 4.98 35.97 -6.42
C ARG C 276 5.29 35.68 -4.97
N VAL C 277 5.91 36.61 -4.24
CA VAL C 277 6.22 36.33 -2.84
C VAL C 277 5.21 37.05 -1.95
N ASN C 278 4.76 38.24 -2.39
CA ASN C 278 3.72 38.94 -1.64
C ASN C 278 2.47 38.08 -1.52
N ASP C 279 1.90 37.67 -2.65
CA ASP C 279 0.76 36.76 -2.64
C ASP C 279 1.08 35.47 -1.91
N ALA C 280 2.37 35.17 -1.71
CA ALA C 280 2.74 34.00 -0.93
C ALA C 280 2.75 34.28 0.56
N MET C 281 3.27 35.44 0.96
CA MET C 281 3.33 35.77 2.38
C MET C 281 2.03 36.32 2.91
N ASN C 282 0.98 36.34 2.11
CA ASN C 282 -0.38 36.63 2.56
C ASN C 282 -1.16 35.33 2.76
N MET C 283 -0.48 34.30 3.24
CA MET C 283 -1.03 32.95 3.41
C MET C 283 -1.50 32.39 2.07
N GLY C 284 -0.55 32.22 1.16
CA GLY C 284 -0.83 31.67 -0.15
C GLY C 284 -0.02 30.44 -0.48
N TYR D 93 -40.57 -7.41 3.88
CA TYR D 93 -39.61 -6.48 4.46
C TYR D 93 -40.28 -5.15 4.78
N GLU D 94 -41.43 -4.89 4.16
CA GLU D 94 -42.15 -3.64 4.42
C GLU D 94 -42.67 -3.60 5.84
N SER D 95 -43.47 -4.60 6.23
CA SER D 95 -44.04 -4.63 7.57
C SER D 95 -42.95 -4.85 8.62
N GLU D 96 -41.92 -5.63 8.29
CA GLU D 96 -40.83 -5.86 9.23
C GLU D 96 -40.18 -4.55 9.65
N GLU D 97 -39.74 -3.75 8.68
CA GLU D 97 -39.11 -2.47 9.01
C GLU D 97 -40.12 -1.49 9.59
N GLN D 98 -41.35 -1.50 9.07
CA GLN D 98 -42.38 -0.60 9.59
C GLN D 98 -42.72 -0.89 11.05
N LEU D 99 -42.50 -2.12 11.51
CA LEU D 99 -42.72 -2.41 12.92
C LEU D 99 -41.44 -2.18 13.73
N GLN D 100 -40.27 -2.46 13.15
CA GLN D 100 -39.02 -2.18 13.84
C GLN D 100 -38.88 -0.71 14.17
N HIS D 101 -39.27 0.16 13.24
CA HIS D 101 -39.19 1.60 13.47
C HIS D 101 -40.04 2.01 14.66
N ARG D 102 -41.31 1.59 14.68
CA ARG D 102 -42.19 1.94 15.78
C ARG D 102 -41.71 1.34 17.10
N ILE D 103 -41.16 0.12 17.04
CA ILE D 103 -40.65 -0.51 18.26
C ILE D 103 -39.52 0.31 18.85
N LEU D 104 -38.54 0.68 18.00
CA LEU D 104 -37.41 1.46 18.48
C LEU D 104 -37.85 2.82 18.99
N THR D 105 -38.81 3.46 18.31
CA THR D 105 -39.28 4.77 18.77
C THR D 105 -39.97 4.67 20.12
N ALA D 106 -40.96 3.77 20.24
CA ALA D 106 -41.66 3.61 21.51
C ALA D 106 -40.71 3.22 22.63
N ALA D 107 -39.67 2.45 22.32
CA ALA D 107 -38.67 2.12 23.32
C ALA D 107 -37.91 3.37 23.75
N LEU D 108 -37.38 4.11 22.79
CA LEU D 108 -36.65 5.34 23.07
C LEU D 108 -37.50 6.35 23.82
N GLU D 109 -38.82 6.23 23.78
CA GLU D 109 -39.68 7.22 24.42
C GLU D 109 -39.38 7.39 25.90
N PHE D 110 -39.01 6.31 26.59
CA PHE D 110 -38.71 6.40 28.03
C PHE D 110 -37.44 5.62 28.33
N VAL D 111 -36.30 6.31 28.33
CA VAL D 111 -35.07 5.76 28.88
C VAL D 111 -34.50 6.79 29.87
N PRO D 112 -35.23 7.15 30.94
CA PRO D 112 -34.58 7.97 31.98
C PRO D 112 -34.13 7.15 33.17
N ALA D 113 -34.54 5.88 33.24
CA ALA D 113 -34.21 5.03 34.38
C ALA D 113 -33.92 3.58 33.98
N HIS D 114 -33.59 3.32 32.72
CA HIS D 114 -33.37 1.96 32.27
C HIS D 114 -32.11 1.76 31.43
N GLY D 115 -31.50 2.83 30.95
CA GLY D 115 -30.26 2.69 30.20
C GLY D 115 -30.43 2.13 28.80
N TRP D 116 -29.42 2.34 27.95
CA TRP D 116 -29.49 1.91 26.56
C TRP D 116 -29.20 0.42 26.45
N THR D 117 -29.93 -0.40 27.19
CA THR D 117 -29.73 -1.83 27.21
C THR D 117 -30.73 -2.51 26.29
N ALA D 118 -30.77 -3.84 26.34
CA ALA D 118 -31.79 -4.62 25.65
C ALA D 118 -33.02 -4.85 26.52
N GLU D 119 -33.25 -3.99 27.51
CA GLU D 119 -34.37 -4.09 28.42
C GLU D 119 -35.47 -3.08 28.14
N ALA D 120 -35.11 -1.79 27.98
CA ALA D 120 -36.12 -0.79 27.66
C ALA D 120 -36.73 -1.00 26.27
N ILE D 121 -36.05 -1.73 25.40
CA ILE D 121 -36.62 -2.02 24.08
C ILE D 121 -37.91 -2.83 24.23
N ALA D 122 -37.89 -3.87 25.06
CA ALA D 122 -39.10 -4.64 25.28
C ALA D 122 -40.12 -3.86 26.09
N GLU D 123 -39.66 -3.09 27.07
CA GLU D 123 -40.57 -2.26 27.87
C GLU D 123 -41.28 -1.23 27.01
N GLY D 124 -40.71 -0.87 25.87
CA GLY D 124 -41.38 0.00 24.92
C GLY D 124 -42.24 -0.78 23.96
N ALA D 125 -41.76 -1.97 23.57
CA ALA D 125 -42.53 -2.84 22.70
C ALA D 125 -43.85 -3.27 23.34
N GLN D 126 -43.92 -3.29 24.66
CA GLN D 126 -45.18 -3.60 25.33
C GLN D 126 -46.25 -2.57 24.99
N SER D 127 -45.89 -1.30 25.02
CA SER D 127 -46.83 -0.22 24.72
C SER D 127 -46.78 0.15 23.24
N ASP D 141 -25.56 -5.87 22.99
CA ASP D 141 -25.01 -4.55 23.31
C ASP D 141 -26.10 -3.49 23.26
N GLY D 142 -26.87 -3.49 22.18
CA GLY D 142 -27.93 -2.52 21.99
C GLY D 142 -27.46 -1.25 21.33
N SER D 143 -26.79 -1.38 20.19
CA SER D 143 -26.28 -0.22 19.48
C SER D 143 -27.26 0.29 18.42
N GLU D 144 -28.18 -0.57 17.99
CA GLU D 144 -29.15 -0.15 16.98
C GLU D 144 -30.04 0.98 17.50
N LEU D 145 -30.38 0.94 18.78
CA LEU D 145 -31.17 2.01 19.37
C LEU D 145 -30.42 3.33 19.33
N ILE D 146 -29.14 3.32 19.68
CA ILE D 146 -28.35 4.54 19.68
C ILE D 146 -28.19 5.08 18.27
N LEU D 147 -27.94 4.20 17.31
CA LEU D 147 -27.78 4.65 15.93
C LEU D 147 -29.08 5.23 15.39
N HIS D 148 -30.22 4.63 15.76
CA HIS D 148 -31.51 5.17 15.35
C HIS D 148 -31.75 6.54 15.96
N PHE D 149 -31.44 6.70 17.24
CA PHE D 149 -31.60 8.01 17.88
C PHE D 149 -30.75 9.06 17.19
N VAL D 150 -29.50 8.72 16.88
CA VAL D 150 -28.60 9.69 16.25
C VAL D 150 -29.11 10.07 14.86
N THR D 151 -29.56 9.08 14.09
CA THR D 151 -30.09 9.37 12.76
C THR D 151 -31.31 10.27 12.84
N GLN D 152 -32.22 9.98 13.77
CA GLN D 152 -33.43 10.80 13.89
C GLN D 152 -33.09 12.22 14.28
N CYS D 153 -32.17 12.41 15.22
CA CYS D 153 -31.82 13.77 15.62
C CYS D 153 -31.11 14.51 14.50
N ASN D 154 -30.31 13.81 13.70
CA ASN D 154 -29.70 14.44 12.53
C ASN D 154 -30.77 14.92 11.56
N THR D 155 -31.75 14.07 11.26
CA THR D 155 -32.82 14.46 10.34
C THR D 155 -33.59 15.66 10.87
N ARG D 156 -33.89 15.68 12.18
CA ARG D 156 -34.63 16.80 12.71
C ARG D 156 -33.81 18.09 12.69
N LEU D 157 -32.50 17.99 12.92
CA LEU D 157 -31.65 19.16 12.79
C LEU D 157 -31.68 19.72 11.38
N THR D 158 -31.57 18.83 10.38
CA THR D 158 -31.67 19.25 8.99
C THR D 158 -32.99 19.99 8.75
N ARG D 159 -34.09 19.42 9.24
CA ARG D 159 -35.40 20.00 9.00
C ARG D 159 -35.53 21.37 9.67
N VAL D 160 -34.98 21.51 10.88
CA VAL D 160 -35.07 22.79 11.59
C VAL D 160 -34.25 23.85 10.86
N LEU D 161 -33.04 23.49 10.42
CA LEU D 161 -32.24 24.44 9.66
C LEU D 161 -32.96 24.86 8.39
N GLU D 162 -33.66 23.94 7.75
CA GLU D 162 -34.40 24.26 6.53
C GLU D 162 -35.55 25.21 6.81
N GLU D 163 -36.34 24.92 7.86
CA GLU D 163 -37.43 25.82 8.21
C GLU D 163 -36.93 27.20 8.59
N GLU D 164 -35.75 27.28 9.20
CA GLU D 164 -35.19 28.59 9.54
C GLU D 164 -34.71 29.32 8.29
N GLN D 165 -34.08 28.59 7.35
CA GLN D 165 -33.60 29.22 6.13
C GLN D 165 -34.76 29.76 5.30
N LYS D 166 -35.87 29.03 5.25
CA LYS D 166 -37.01 29.51 4.46
C LYS D 166 -37.65 30.78 5.02
N LEU D 167 -37.17 31.30 6.15
CA LEU D 167 -37.63 32.58 6.67
C LEU D 167 -36.70 33.73 6.28
N VAL D 168 -35.65 33.45 5.52
CA VAL D 168 -34.75 34.51 5.07
C VAL D 168 -35.13 35.01 3.68
N GLN D 169 -35.68 34.13 2.83
CA GLN D 169 -36.14 34.56 1.52
C GLN D 169 -37.34 35.50 1.60
N LEU D 170 -37.95 35.63 2.77
CA LEU D 170 -39.06 36.55 2.98
C LEU D 170 -38.59 37.93 3.39
N GLY D 171 -37.80 38.01 4.46
CA GLY D 171 -37.31 39.29 4.95
C GLY D 171 -37.67 39.54 6.40
N GLN D 172 -37.90 38.48 7.16
CA GLN D 172 -38.27 38.59 8.57
C GLN D 172 -37.15 38.20 9.52
N ALA D 173 -36.03 37.70 9.00
CA ALA D 173 -34.92 37.26 9.84
C ALA D 173 -33.62 37.84 9.30
N GLU D 174 -32.86 38.48 10.19
CA GLU D 174 -31.59 39.08 9.80
C GLU D 174 -30.56 37.99 9.50
N LYS D 175 -29.67 38.26 8.56
CA LYS D 175 -28.66 37.30 8.13
C LYS D 175 -27.42 37.46 9.01
N ARG D 176 -27.25 36.54 9.95
CA ARG D 176 -26.09 36.59 10.83
C ARG D 176 -24.83 36.22 10.08
N LYS D 177 -23.68 36.43 10.74
CA LYS D 177 -22.40 36.07 10.16
C LYS D 177 -22.24 34.55 10.17
N THR D 178 -21.05 34.08 9.77
CA THR D 178 -20.82 32.65 9.69
C THR D 178 -20.56 32.05 11.07
N ASP D 179 -19.70 32.68 11.86
CA ASP D 179 -19.36 32.13 13.17
C ASP D 179 -20.58 32.09 14.09
N GLN D 180 -21.41 33.14 14.06
CA GLN D 180 -22.61 33.15 14.88
C GLN D 180 -23.57 32.05 14.45
N PHE D 181 -23.73 31.85 13.14
CA PHE D 181 -24.62 30.80 12.67
C PHE D 181 -24.12 29.42 13.07
N LEU D 182 -22.80 29.22 13.02
CA LEU D 182 -22.26 27.91 13.40
C LEU D 182 -22.42 27.67 14.89
N ARG D 183 -22.18 28.69 15.71
CA ARG D 183 -22.42 28.55 17.14
C ARG D 183 -23.88 28.19 17.42
N ASP D 184 -24.81 28.88 16.75
CA ASP D 184 -26.22 28.61 16.97
C ASP D 184 -26.61 27.22 16.49
N ALA D 185 -26.02 26.76 15.38
CA ALA D 185 -26.33 25.42 14.88
C ALA D 185 -25.84 24.35 15.85
N VAL D 186 -24.61 24.49 16.35
CA VAL D 186 -24.09 23.49 17.28
C VAL D 186 -24.89 23.51 18.58
N GLU D 187 -25.26 24.69 19.07
CA GLU D 187 -26.08 24.76 20.28
C GLU D 187 -27.44 24.10 20.07
N THR D 188 -28.08 24.35 18.92
CA THR D 188 -29.36 23.73 18.63
C THR D 188 -29.26 22.22 18.58
N ARG D 189 -28.19 21.71 17.95
CA ARG D 189 -28.06 20.25 17.84
C ARG D 189 -27.74 19.63 19.19
N LEU D 190 -26.99 20.33 20.04
CA LEU D 190 -26.64 19.76 21.33
C LEU D 190 -27.78 19.83 22.34
N ARG D 191 -28.69 20.80 22.20
CA ARG D 191 -29.78 20.90 23.17
C ARG D 191 -30.80 19.78 23.04
N MET D 192 -30.59 18.81 22.15
CA MET D 192 -31.46 17.64 22.09
C MET D 192 -31.04 16.54 23.05
N LEU D 193 -29.83 16.61 23.59
CA LEU D 193 -29.29 15.59 24.49
C LEU D 193 -29.52 15.94 25.95
N ILE D 194 -30.46 16.84 26.25
CA ILE D 194 -30.68 17.29 27.61
C ILE D 194 -31.48 16.27 28.42
N PRO D 195 -32.57 15.70 27.92
CA PRO D 195 -33.29 14.69 28.73
C PRO D 195 -32.49 13.42 28.98
N TYR D 196 -31.72 12.97 27.98
CA TYR D 196 -30.98 11.72 28.08
C TYR D 196 -29.56 11.92 28.60
N ILE D 197 -29.30 13.02 29.30
CA ILE D 197 -27.93 13.34 29.71
C ILE D 197 -27.44 12.42 30.81
N GLU D 198 -28.33 11.70 31.49
CA GLU D 198 -27.90 10.80 32.56
C GLU D 198 -27.06 9.65 32.01
N HIS D 199 -27.64 8.86 31.11
CA HIS D 199 -27.00 7.65 30.59
C HIS D 199 -26.35 7.86 29.24
N TRP D 200 -25.85 9.06 28.96
CA TRP D 200 -25.21 9.28 27.68
C TRP D 200 -23.81 8.68 27.58
N PRO D 201 -22.93 8.85 28.57
CA PRO D 201 -21.58 8.27 28.46
C PRO D 201 -21.56 6.80 28.08
N ARG D 202 -22.54 6.00 28.53
CA ARG D 202 -22.64 4.62 28.11
C ARG D 202 -22.84 4.49 26.61
N ALA D 203 -23.77 5.28 26.05
CA ALA D 203 -24.00 5.24 24.62
C ALA D 203 -22.81 5.76 23.84
N LEU D 204 -22.09 6.73 24.41
CA LEU D 204 -20.90 7.23 23.75
C LEU D 204 -19.79 6.18 23.74
N SER D 205 -19.68 5.40 24.81
CA SER D 205 -18.75 4.29 24.81
C SER D 205 -19.13 3.25 23.76
N ILE D 206 -20.42 2.91 23.70
CA ILE D 206 -20.88 1.93 22.70
C ILE D 206 -20.59 2.42 21.29
N LEU D 207 -20.76 3.72 21.05
CA LEU D 207 -20.56 4.28 19.72
C LEU D 207 -19.10 4.33 19.29
N MET D 208 -18.16 4.02 20.17
CA MET D 208 -16.74 4.15 19.87
C MET D 208 -16.01 2.83 19.90
N LEU D 209 -16.71 1.71 19.99
CA LEU D 209 -16.07 0.41 19.90
C LEU D 209 -15.44 0.24 18.52
N PRO D 210 -14.38 -0.56 18.40
CA PRO D 210 -13.62 -0.61 17.14
C PRO D 210 -14.39 -1.19 15.96
N HIS D 211 -15.66 -1.56 16.13
CA HIS D 211 -16.44 -2.07 15.01
C HIS D 211 -17.67 -1.23 14.71
N ASN D 212 -17.88 -0.12 15.42
CA ASN D 212 -18.96 0.82 15.13
C ASN D 212 -18.43 2.17 14.66
N ILE D 213 -17.14 2.30 14.42
CA ILE D 213 -16.54 3.57 14.03
C ILE D 213 -16.95 3.97 12.62
N PRO D 214 -17.03 3.07 11.63
CA PRO D 214 -17.48 3.52 10.30
C PRO D 214 -18.85 4.16 10.29
N SER D 215 -19.84 3.52 10.92
CA SER D 215 -21.20 4.06 10.91
C SER D 215 -21.26 5.40 11.63
N SER D 216 -20.70 5.47 12.84
CA SER D 216 -20.74 6.71 13.60
C SER D 216 -20.00 7.83 12.86
N LEU D 217 -18.89 7.50 12.20
CA LEU D 217 -18.14 8.52 11.49
C LEU D 217 -18.90 9.01 10.27
N SER D 218 -19.61 8.11 9.58
CA SER D 218 -20.45 8.54 8.46
C SER D 218 -21.56 9.45 8.93
N LEU D 219 -22.20 9.12 10.06
CA LEU D 219 -23.25 9.98 10.59
C LEU D 219 -22.70 11.35 10.97
N LEU D 220 -21.54 11.38 11.62
CA LEU D 220 -20.94 12.66 11.99
C LEU D 220 -20.60 13.49 10.76
N THR D 221 -20.08 12.85 9.72
CA THR D 221 -19.74 13.57 8.50
C THR D 221 -20.99 14.14 7.83
N SER D 222 -22.06 13.36 7.76
CA SER D 222 -23.29 13.87 7.16
C SER D 222 -23.88 15.02 7.97
N MET D 223 -23.80 14.94 9.29
CA MET D 223 -24.28 16.04 10.12
C MET D 223 -23.46 17.30 9.88
N VAL D 224 -22.13 17.19 9.86
CA VAL D 224 -21.29 18.35 9.65
C VAL D 224 -21.53 18.95 8.27
N ASP D 225 -21.76 18.09 7.26
CA ASP D 225 -22.03 18.59 5.92
C ASP D 225 -23.36 19.35 5.86
N ASP D 226 -24.42 18.78 6.46
CA ASP D 226 -25.70 19.46 6.46
C ASP D 226 -25.70 20.70 7.37
N MET D 227 -24.70 20.82 8.24
CA MET D 227 -24.58 22.02 9.06
C MET D 227 -23.80 23.11 8.35
N TRP D 228 -22.82 22.74 7.53
CA TRP D 228 -22.05 23.71 6.77
C TRP D 228 -22.78 24.20 5.53
N HIS D 229 -23.58 23.34 4.90
CA HIS D 229 -24.19 23.71 3.63
C HIS D 229 -25.21 24.83 3.78
N TYR D 230 -25.94 24.84 4.90
CA TYR D 230 -26.90 25.90 5.17
C TYR D 230 -26.25 27.17 5.68
N ALA D 231 -24.92 27.25 5.65
CA ALA D 231 -24.19 28.45 6.02
C ALA D 231 -23.54 29.13 4.83
N GLY D 232 -23.86 28.69 3.62
CA GLY D 232 -23.27 29.26 2.42
C GLY D 232 -21.81 28.93 2.25
N ASP D 233 -21.49 27.66 2.05
CA ASP D 233 -20.09 27.27 1.85
C ASP D 233 -19.67 27.50 0.40
N GLN D 234 -20.28 26.78 -0.53
CA GLN D 234 -19.99 26.88 -1.96
C GLN D 234 -18.49 26.81 -2.22
N SER D 235 -17.89 25.67 -1.85
CA SER D 235 -16.45 25.47 -1.96
C SER D 235 -16.18 24.16 -2.68
N THR D 236 -15.40 24.22 -3.75
CA THR D 236 -15.00 23.05 -4.53
C THR D 236 -13.48 23.10 -4.65
N ASP D 237 -12.81 22.62 -3.63
CA ASP D 237 -11.35 22.73 -3.48
C ASP D 237 -10.93 21.70 -2.44
N PHE D 238 -9.71 21.82 -1.94
CA PHE D 238 -9.36 21.06 -0.75
C PHE D 238 -10.02 21.63 0.50
N ASN D 239 -10.40 22.91 0.47
CA ASN D 239 -11.10 23.51 1.60
C ASN D 239 -12.42 22.82 1.91
N TRP D 240 -12.91 21.96 1.03
CA TRP D 240 -14.09 21.17 1.36
C TRP D 240 -13.83 20.28 2.57
N TYR D 241 -12.59 19.83 2.75
CA TYR D 241 -12.27 18.90 3.83
C TYR D 241 -11.91 19.63 5.12
N THR D 242 -10.90 20.50 5.06
CA THR D 242 -10.40 21.19 6.25
C THR D 242 -11.54 21.74 7.09
N ARG D 243 -12.35 22.63 6.50
CA ARG D 243 -13.47 23.23 7.22
C ARG D 243 -14.30 22.17 7.92
N ARG D 244 -14.72 21.13 7.18
CA ARG D 244 -15.49 20.05 7.77
C ARG D 244 -14.79 19.51 9.01
N ALA D 245 -13.53 19.09 8.86
CA ALA D 245 -12.76 18.61 10.00
C ALA D 245 -12.68 19.70 11.07
N MET D 246 -12.38 20.93 10.66
CA MET D 246 -12.23 22.01 11.63
C MET D 246 -13.49 22.26 12.42
N LEU D 247 -14.63 21.71 11.99
CA LEU D 247 -15.85 21.80 12.77
C LEU D 247 -16.12 20.55 13.60
N ALA D 248 -15.80 19.37 13.06
CA ALA D 248 -16.08 18.13 13.78
C ALA D 248 -15.47 18.16 15.17
N ALA D 249 -14.19 18.53 15.26
CA ALA D 249 -13.55 18.73 16.56
C ALA D 249 -14.39 19.62 17.46
N ILE D 250 -14.70 20.83 16.98
CA ILE D 250 -15.47 21.80 17.75
C ILE D 250 -16.75 21.17 18.31
N TYR D 251 -17.29 20.19 17.60
CA TYR D 251 -18.46 19.49 18.12
C TYR D 251 -18.05 18.47 19.18
N ASN D 252 -17.21 17.50 18.80
CA ASN D 252 -16.88 16.38 19.68
C ASN D 252 -16.39 16.87 21.03
N THR D 253 -15.32 17.66 21.03
CA THR D 253 -14.79 18.23 22.27
C THR D 253 -15.89 18.85 23.11
N THR D 254 -16.75 19.67 22.49
CA THR D 254 -17.79 20.35 23.25
C THR D 254 -18.70 19.35 23.93
N GLU D 255 -19.05 18.26 23.22
CA GLU D 255 -19.85 17.21 23.84
C GLU D 255 -19.19 16.69 25.11
N LEU D 256 -17.89 16.42 25.05
CA LEU D 256 -17.18 15.87 26.20
C LEU D 256 -17.15 16.84 27.38
N VAL D 257 -17.66 18.06 27.22
CA VAL D 257 -17.80 18.95 28.36
C VAL D 257 -19.21 18.88 28.94
N MET D 258 -20.22 18.79 28.06
CA MET D 258 -21.61 18.82 28.51
C MET D 258 -21.92 17.68 29.48
N MET D 259 -21.29 16.53 29.30
CA MET D 259 -21.56 15.38 30.17
C MET D 259 -20.97 15.54 31.56
N GLN D 260 -20.05 16.49 31.76
CA GLN D 260 -19.40 16.66 33.06
C GLN D 260 -19.59 18.06 33.63
N ASP D 261 -20.46 18.86 33.02
CA ASP D 261 -20.76 20.20 33.53
C ASP D 261 -21.95 20.14 34.48
N SER D 262 -21.97 21.10 35.42
CA SER D 262 -23.07 21.22 36.36
C SER D 262 -23.60 22.64 36.49
N SER D 263 -23.11 23.59 35.70
CA SER D 263 -23.57 24.97 35.81
C SER D 263 -25.03 25.08 35.39
N PRO D 264 -25.75 26.10 35.87
CA PRO D 264 -27.15 26.28 35.44
C PRO D 264 -27.27 26.55 33.95
N ASP D 265 -28.30 25.96 33.33
CA ASP D 265 -28.59 26.15 31.92
C ASP D 265 -27.40 25.74 31.04
N PHE D 266 -26.52 24.92 31.60
CA PHE D 266 -25.27 24.51 30.93
C PHE D 266 -24.50 25.73 30.40
N GLU D 267 -24.69 26.88 31.06
CA GLU D 267 -24.14 28.14 30.57
C GLU D 267 -22.65 28.01 30.27
N ASP D 268 -21.89 27.48 31.23
CA ASP D 268 -20.45 27.29 31.06
C ASP D 268 -20.14 26.66 29.70
N THR D 269 -20.83 25.56 29.38
CA THR D 269 -20.59 24.88 28.10
C THR D 269 -20.67 25.85 26.93
N TRP D 270 -21.74 26.64 26.87
CA TRP D 270 -21.89 27.56 25.75
C TRP D 270 -20.72 28.53 25.68
N ARG D 271 -20.27 29.03 26.83
CA ARG D 271 -19.11 29.91 26.82
C ARG D 271 -17.92 29.23 26.17
N PHE D 272 -17.68 27.96 26.51
CA PHE D 272 -16.61 27.21 25.88
C PHE D 272 -16.73 27.26 24.37
N LEU D 273 -17.94 27.06 23.85
CA LEU D 273 -18.16 27.09 22.41
C LEU D 273 -17.61 28.38 21.81
N GLU D 274 -17.89 29.52 22.44
CA GLU D 274 -17.33 30.79 21.99
C GLU D 274 -15.82 30.68 21.89
N ASN D 275 -15.17 30.36 23.02
CA ASN D 275 -13.71 30.28 23.05
C ASN D 275 -13.17 29.11 22.27
N ARG D 276 -14.03 28.39 21.54
CA ARG D 276 -13.58 27.34 20.64
C ARG D 276 -13.90 27.62 19.18
N VAL D 277 -14.77 28.58 18.89
CA VAL D 277 -15.10 28.87 17.50
C VAL D 277 -14.38 30.14 17.06
N ASN D 278 -14.22 31.09 17.98
CA ASN D 278 -13.44 32.28 17.68
C ASN D 278 -12.03 31.91 17.27
N ASP D 279 -11.33 31.17 18.14
CA ASP D 279 -9.99 30.66 17.80
C ASP D 279 -10.01 29.83 16.53
N ALA D 280 -11.18 29.39 16.07
CA ALA D 280 -11.26 28.66 14.81
C ALA D 280 -11.49 29.60 13.63
N MET D 281 -12.30 30.64 13.82
CA MET D 281 -12.56 31.58 12.74
C MET D 281 -11.39 32.51 12.49
N ASN D 282 -10.33 32.43 13.29
CA ASN D 282 -9.07 33.14 13.03
C ASN D 282 -8.07 32.24 12.34
N MET D 283 -8.55 31.33 11.48
CA MET D 283 -7.72 30.37 10.75
C MET D 283 -6.96 29.47 11.72
N GLY D 284 -7.72 28.71 12.51
CA GLY D 284 -7.14 27.78 13.46
C GLY D 284 -7.75 26.39 13.39
N SER E 45 -29.17 5.91 -5.90
CA SER E 45 -28.92 6.22 -7.30
C SER E 45 -28.11 7.51 -7.43
N ARG E 46 -28.07 8.31 -6.36
CA ARG E 46 -27.37 9.58 -6.41
C ARG E 46 -25.85 9.38 -6.49
N ALA E 47 -25.35 8.25 -6.00
CA ALA E 47 -23.91 7.99 -6.12
C ALA E 47 -23.49 7.83 -7.57
N ALA E 48 -24.38 7.28 -8.41
CA ALA E 48 -24.06 7.13 -9.83
C ALA E 48 -23.90 8.48 -10.51
N VAL E 49 -24.83 9.41 -10.25
CA VAL E 49 -24.73 10.75 -10.84
C VAL E 49 -23.79 11.64 -10.05
N ASP E 50 -23.18 11.13 -8.98
CA ASP E 50 -22.19 11.87 -8.21
C ASP E 50 -20.77 11.54 -8.66
N ARG E 51 -20.47 10.24 -8.81
CA ARG E 51 -19.13 9.83 -9.22
C ARG E 51 -18.76 10.42 -10.57
N ILE E 52 -19.72 10.52 -11.48
CA ILE E 52 -19.42 11.03 -12.82
C ILE E 52 -19.02 12.50 -12.76
N ILE E 53 -19.77 13.31 -12.01
CA ILE E 53 -19.43 14.72 -11.90
C ILE E 53 -18.09 14.89 -11.22
N ARG E 54 -17.81 14.10 -10.19
CA ARG E 54 -16.55 14.23 -9.48
C ARG E 54 -15.36 13.90 -10.38
N VAL E 55 -15.45 12.78 -11.10
CA VAL E 55 -14.31 12.39 -11.93
C VAL E 55 -14.15 13.33 -13.12
N ASP E 56 -15.25 13.88 -13.64
CA ASP E 56 -15.11 14.83 -14.74
C ASP E 56 -14.47 16.12 -14.27
N HIS E 57 -14.86 16.62 -13.09
CA HIS E 57 -14.20 17.80 -12.54
C HIS E 57 -12.71 17.55 -12.35
N ALA E 58 -12.35 16.40 -11.79
CA ALA E 58 -10.95 16.10 -11.55
C ALA E 58 -10.16 16.05 -12.86
N GLY E 59 -10.70 15.36 -13.87
CA GLY E 59 -10.01 15.26 -15.15
C GLY E 59 -9.82 16.60 -15.82
N GLU E 60 -10.87 17.44 -15.81
CA GLU E 60 -10.73 18.75 -16.43
C GLU E 60 -9.73 19.63 -15.68
N TYR E 61 -9.68 19.51 -14.35
CA TYR E 61 -8.67 20.23 -13.60
C TYR E 61 -7.27 19.80 -14.01
N GLY E 62 -7.04 18.48 -14.09
CA GLY E 62 -5.73 18.00 -14.51
C GLY E 62 -5.33 18.51 -15.88
N ALA E 63 -6.28 18.49 -16.82
CA ALA E 63 -5.96 18.95 -18.18
C ALA E 63 -5.64 20.45 -18.19
N ASN E 64 -6.44 21.25 -17.50
CA ASN E 64 -6.15 22.68 -17.40
C ASN E 64 -4.74 22.90 -16.84
N ARG E 65 -4.36 22.12 -15.82
CA ARG E 65 -3.05 22.31 -15.22
C ARG E 65 -1.93 21.95 -16.19
N ILE E 66 -2.10 20.84 -16.93
CA ILE E 66 -1.10 20.44 -17.91
C ILE E 66 -0.89 21.54 -18.94
N TYR E 67 -1.99 22.09 -19.47
CA TYR E 67 -1.84 23.15 -20.46
C TYR E 67 -1.22 24.40 -19.87
N ALA E 68 -1.50 24.69 -18.59
CA ALA E 68 -0.85 25.82 -17.94
C ALA E 68 0.66 25.63 -17.91
N GLY E 69 1.12 24.42 -17.59
CA GLY E 69 2.55 24.17 -17.61
C GLY E 69 3.15 24.35 -18.98
N GLN E 70 2.57 23.67 -19.98
CA GLN E 70 3.12 23.76 -21.33
C GLN E 70 3.12 25.19 -21.86
N MET E 71 2.15 26.00 -21.45
CA MET E 71 2.17 27.41 -21.83
C MET E 71 3.24 28.17 -21.06
N ALA E 72 3.53 27.76 -19.83
CA ALA E 72 4.57 28.43 -19.06
C ALA E 72 5.95 28.19 -19.66
N VAL E 73 6.17 27.06 -20.31
CA VAL E 73 7.49 26.79 -20.90
C VAL E 73 7.58 27.34 -22.33
N LEU E 74 6.61 27.04 -23.18
CA LEU E 74 6.64 27.44 -24.59
C LEU E 74 5.89 28.74 -24.83
N GLY E 75 5.90 29.66 -23.87
CA GLY E 75 5.11 30.87 -23.97
C GLY E 75 5.41 31.76 -25.14
N ARG E 76 6.60 32.34 -25.17
CA ARG E 76 6.98 33.32 -26.20
C ARG E 76 7.72 32.60 -27.32
N THR E 77 6.96 31.89 -28.15
CA THR E 77 7.49 31.21 -29.32
C THR E 77 6.42 31.21 -30.40
N SER E 78 6.61 30.39 -31.43
CA SER E 78 5.68 30.32 -32.55
C SER E 78 4.55 29.33 -32.32
N VAL E 79 4.51 28.66 -31.17
CA VAL E 79 3.47 27.69 -30.86
C VAL E 79 2.64 28.13 -29.65
N GLY E 80 2.66 29.41 -29.33
CA GLY E 80 1.89 29.94 -28.24
C GLY E 80 0.38 29.87 -28.42
N PRO E 81 -0.14 30.45 -29.51
CA PRO E 81 -1.59 30.58 -29.64
C PRO E 81 -2.37 29.28 -29.59
N VAL E 82 -1.81 28.17 -30.08
CA VAL E 82 -2.51 26.89 -30.01
C VAL E 82 -2.74 26.49 -28.55
N ILE E 83 -1.67 26.52 -27.76
CA ILE E 83 -1.78 26.21 -26.34
C ILE E 83 -2.71 27.20 -25.65
N GLN E 84 -2.67 28.47 -26.06
CA GLN E 84 -3.55 29.45 -25.44
C GLN E 84 -5.02 29.12 -25.69
N LYS E 85 -5.35 28.77 -26.94
CA LYS E 85 -6.73 28.44 -27.27
C LYS E 85 -7.19 27.19 -26.53
N MET E 86 -6.35 26.16 -26.48
CA MET E 86 -6.71 24.96 -25.74
C MET E 86 -6.89 25.25 -24.26
N TRP E 87 -6.03 26.10 -23.70
CA TRP E 87 -6.15 26.46 -22.30
C TRP E 87 -7.46 27.20 -22.03
N ASP E 88 -7.86 28.07 -22.95
CA ASP E 88 -9.12 28.79 -22.76
C ASP E 88 -10.31 27.83 -22.83
N GLN E 89 -10.29 26.91 -23.80
CA GLN E 89 -11.35 25.91 -23.86
C GLN E 89 -11.45 25.10 -22.58
N GLU E 90 -10.29 24.72 -22.01
CA GLU E 90 -10.33 23.91 -20.80
C GLU E 90 -10.76 24.73 -19.59
N LYS E 91 -10.40 26.01 -19.53
CA LYS E 91 -10.92 26.86 -18.45
C LYS E 91 -12.44 26.99 -18.53
N ASP E 92 -12.97 27.09 -19.75
CA ASP E 92 -14.42 27.15 -19.92
C ASP E 92 -15.07 25.86 -19.41
N HIS E 93 -14.54 24.72 -19.85
CA HIS E 93 -15.07 23.43 -19.38
C HIS E 93 -15.01 23.33 -17.87
N LEU E 94 -13.91 23.78 -17.27
CA LEU E 94 -13.77 23.69 -15.82
C LEU E 94 -14.78 24.56 -15.11
N LYS E 95 -15.03 25.77 -15.61
CA LYS E 95 -16.04 26.62 -14.97
C LYS E 95 -17.41 25.99 -15.06
N LYS E 96 -17.75 25.40 -16.20
CA LYS E 96 -19.05 24.74 -16.34
C LYS E 96 -19.19 23.61 -15.34
N PHE E 97 -18.22 22.69 -15.30
CA PHE E 97 -18.33 21.58 -14.36
C PHE E 97 -18.23 22.04 -12.91
N ASN E 98 -17.59 23.18 -12.66
CA ASN E 98 -17.53 23.69 -11.29
C ASN E 98 -18.88 24.16 -10.81
N GLU E 99 -19.60 24.91 -11.65
CA GLU E 99 -20.95 25.31 -11.25
C GLU E 99 -21.88 24.10 -11.16
N LEU E 100 -21.72 23.13 -12.06
CA LEU E 100 -22.54 21.93 -12.00
C LEU E 100 -22.25 21.11 -10.74
N MET E 101 -21.02 21.19 -10.23
CA MET E 101 -20.68 20.50 -8.99
C MET E 101 -21.22 21.23 -7.78
N VAL E 102 -21.11 22.56 -7.77
CA VAL E 102 -21.66 23.34 -6.67
C VAL E 102 -23.16 23.13 -6.55
N THR E 103 -23.86 22.96 -7.68
CA THR E 103 -25.30 22.81 -7.65
C THR E 103 -25.71 21.53 -6.92
N PHE E 104 -25.20 20.38 -7.35
CA PHE E 104 -25.65 19.09 -6.86
C PHE E 104 -25.06 18.71 -5.50
N ARG E 105 -24.30 19.59 -4.85
CA ARG E 105 -23.74 19.35 -3.53
C ARG E 105 -22.98 18.03 -3.48
N VAL E 106 -21.95 17.92 -4.30
CA VAL E 106 -21.16 16.71 -4.38
C VAL E 106 -19.79 16.97 -3.76
N ARG E 107 -19.02 15.90 -3.59
CA ARG E 107 -17.78 15.95 -2.83
C ARG E 107 -16.59 15.94 -3.77
N PRO E 108 -15.73 16.95 -3.74
CA PRO E 108 -14.54 16.92 -4.60
C PRO E 108 -13.53 15.89 -4.10
N THR E 109 -12.78 15.33 -5.03
CA THR E 109 -11.82 14.29 -4.69
C THR E 109 -10.75 14.84 -3.75
N VAL E 110 -10.20 13.95 -2.92
CA VAL E 110 -9.25 14.37 -1.90
C VAL E 110 -7.84 14.52 -2.46
N LEU E 111 -7.57 13.97 -3.65
CA LEU E 111 -6.23 14.01 -4.22
C LEU E 111 -5.94 15.28 -4.99
N MET E 112 -6.88 16.22 -5.05
CA MET E 112 -6.67 17.44 -5.84
C MET E 112 -5.36 18.17 -5.56
N PRO E 113 -4.83 18.22 -4.32
CA PRO E 113 -3.51 18.82 -4.13
C PRO E 113 -2.37 18.01 -4.70
N LEU E 114 -2.62 16.83 -5.25
CA LEU E 114 -1.57 16.03 -5.87
C LEU E 114 -1.54 16.16 -7.38
N TRP E 115 -2.68 16.39 -8.03
CA TRP E 115 -2.67 16.73 -9.45
C TRP E 115 -2.20 18.16 -9.70
N ASN E 116 -1.81 18.88 -8.66
CA ASN E 116 -1.33 20.25 -8.83
C ASN E 116 0.18 20.32 -8.99
N VAL E 117 0.91 19.28 -8.62
CA VAL E 117 2.36 19.24 -8.83
C VAL E 117 2.67 18.21 -9.90
N LEU E 118 1.75 17.28 -10.12
CA LEU E 118 1.88 16.31 -11.21
C LEU E 118 1.13 16.74 -12.46
N GLY E 119 0.41 17.85 -12.41
CA GLY E 119 -0.23 18.37 -13.60
C GLY E 119 0.60 19.51 -14.16
N PHE E 120 1.57 19.97 -13.38
CA PHE E 120 2.51 21.00 -13.84
C PHE E 120 3.87 20.43 -14.17
N ALA E 121 4.24 19.29 -13.59
CA ALA E 121 5.49 18.65 -13.96
C ALA E 121 5.42 18.10 -15.38
N LEU E 122 4.24 17.66 -15.83
CA LEU E 122 4.05 17.33 -17.23
C LEU E 122 3.62 18.57 -18.01
N GLY E 123 4.32 19.67 -17.77
CA GLY E 123 4.14 20.89 -18.53
C GLY E 123 5.49 21.55 -18.66
N ALA E 124 6.49 20.90 -18.05
CA ALA E 124 7.88 21.29 -18.20
C ALA E 124 8.71 20.03 -18.44
N GLY E 125 8.16 18.88 -18.07
CA GLY E 125 8.78 17.62 -18.43
C GLY E 125 8.74 17.46 -19.93
N THR E 126 7.54 17.33 -20.48
CA THR E 126 7.34 17.55 -21.91
C THR E 126 7.38 19.06 -22.17
N ALA E 127 7.25 19.43 -23.44
CA ALA E 127 7.35 20.80 -23.94
C ALA E 127 8.75 21.39 -23.78
N LEU E 128 9.68 20.68 -23.16
CA LEU E 128 11.09 20.99 -23.27
C LEU E 128 11.79 20.10 -24.30
N LEU E 129 11.14 19.04 -24.74
CA LEU E 129 11.66 18.15 -25.77
C LEU E 129 11.34 18.64 -27.18
N GLY E 130 10.90 19.88 -27.32
CA GLY E 130 10.56 20.43 -28.62
C GLY E 130 9.06 20.39 -28.88
N LYS E 131 8.70 20.90 -30.07
CA LYS E 131 7.30 20.92 -30.46
C LYS E 131 6.71 19.52 -30.52
N GLU E 132 7.32 18.63 -31.30
CA GLU E 132 6.78 17.28 -31.46
C GLU E 132 6.79 16.48 -30.17
N GLY E 133 7.37 17.03 -29.10
CA GLY E 133 7.30 16.39 -27.80
C GLY E 133 6.16 16.94 -26.97
N ALA E 134 5.68 18.13 -27.34
CA ALA E 134 4.52 18.70 -26.68
C ALA E 134 3.22 18.31 -27.37
N MET E 135 3.25 18.19 -28.70
CA MET E 135 2.07 17.71 -29.42
C MET E 135 1.66 16.31 -28.99
N ALA E 136 2.62 15.49 -28.56
CA ALA E 136 2.32 14.11 -28.19
C ALA E 136 1.75 13.99 -26.79
N CYS E 137 1.64 15.10 -26.06
CA CYS E 137 1.02 15.05 -24.74
C CYS E 137 -0.45 15.46 -24.79
N THR E 138 -0.74 16.56 -25.49
CA THR E 138 -2.13 17.01 -25.61
C THR E 138 -2.98 15.96 -26.30
N VAL E 139 -2.47 15.35 -27.37
CA VAL E 139 -3.21 14.30 -28.06
C VAL E 139 -3.53 13.17 -27.10
N ALA E 140 -2.56 12.75 -26.29
CA ALA E 140 -2.78 11.64 -25.38
C ALA E 140 -3.84 11.98 -24.34
N VAL E 141 -3.70 13.14 -23.69
CA VAL E 141 -4.65 13.47 -22.62
C VAL E 141 -6.05 13.68 -23.18
N GLU E 142 -6.16 14.24 -24.39
CA GLU E 142 -7.48 14.48 -24.95
C GLU E 142 -8.12 13.19 -25.43
N GLU E 143 -7.32 12.25 -25.95
CA GLU E 143 -7.88 10.95 -26.29
C GLU E 143 -8.36 10.21 -25.04
N SER E 144 -7.61 10.32 -23.94
CA SER E 144 -8.06 9.70 -22.69
C SER E 144 -9.38 10.32 -22.22
N ILE E 145 -9.48 11.65 -22.27
CA ILE E 145 -10.70 12.32 -21.84
C ILE E 145 -11.87 11.90 -22.72
N ALA E 146 -11.67 11.83 -24.04
CA ALA E 146 -12.76 11.45 -24.92
C ALA E 146 -13.18 10.00 -24.71
N HIS E 147 -12.21 9.10 -24.51
CA HIS E 147 -12.54 7.70 -24.23
C HIS E 147 -13.37 7.59 -22.96
N HIS E 148 -13.02 8.33 -21.92
CA HIS E 148 -13.81 8.24 -20.70
C HIS E 148 -15.17 8.90 -20.86
N TYR E 149 -15.27 9.97 -21.65
CA TYR E 149 -16.58 10.55 -21.91
C TYR E 149 -17.49 9.56 -22.63
N ASN E 150 -16.94 8.79 -23.57
CA ASN E 150 -17.72 7.75 -24.22
C ASN E 150 -18.16 6.68 -23.24
N ASN E 151 -17.21 6.14 -22.47
CA ASN E 151 -17.53 5.12 -21.48
C ASN E 151 -18.54 5.62 -20.45
N GLN E 152 -18.57 6.92 -20.21
CA GLN E 152 -19.43 7.48 -19.18
C GLN E 152 -20.82 7.78 -19.74
N ILE E 153 -20.91 8.13 -21.02
CA ILE E 153 -22.20 8.31 -21.68
C ILE E 153 -22.83 6.99 -22.08
N ARG E 154 -22.05 5.90 -22.06
CA ARG E 154 -22.63 4.59 -22.34
C ARG E 154 -23.53 4.14 -21.20
N THR E 155 -23.00 4.09 -19.99
CA THR E 155 -23.72 3.58 -18.83
C THR E 155 -24.76 4.54 -18.28
N LEU E 156 -25.05 5.62 -18.98
CA LEU E 156 -26.09 6.55 -18.56
C LEU E 156 -27.25 6.61 -19.53
N MET E 157 -27.16 5.97 -20.69
CA MET E 157 -28.28 5.83 -21.61
C MET E 157 -28.93 4.45 -21.56
N GLU E 158 -28.24 3.47 -20.99
CA GLU E 158 -28.77 2.13 -20.86
C GLU E 158 -29.36 1.83 -19.49
N GLU E 159 -29.20 2.73 -18.53
CA GLU E 159 -29.73 2.54 -17.19
C GLU E 159 -30.96 3.40 -16.93
N ASP E 160 -30.89 4.68 -17.29
CA ASP E 160 -32.04 5.59 -17.18
C ASP E 160 -31.86 6.71 -18.18
N PRO E 161 -32.51 6.62 -19.34
CA PRO E 161 -32.36 7.65 -20.38
C PRO E 161 -33.41 8.76 -20.37
N GLU E 162 -34.26 8.83 -19.34
CA GLU E 162 -35.32 9.83 -19.30
C GLU E 162 -35.29 10.74 -18.09
N LYS E 163 -34.57 10.38 -17.02
CA LYS E 163 -34.42 11.23 -15.85
C LYS E 163 -33.27 12.22 -15.99
N TYR E 164 -32.83 12.49 -17.21
CA TYR E 164 -31.59 13.22 -17.49
C TYR E 164 -31.79 14.01 -18.77
N GLU E 165 -30.69 14.36 -19.43
CA GLU E 165 -30.53 15.19 -20.62
C GLU E 165 -30.53 16.67 -20.26
N GLU E 166 -30.67 17.03 -19.00
CA GLU E 166 -30.17 18.30 -18.52
C GLU E 166 -28.67 18.24 -18.25
N LEU E 167 -28.08 17.06 -18.33
CA LEU E 167 -26.65 16.85 -18.10
C LEU E 167 -26.03 16.05 -19.24
N LEU E 168 -26.82 15.19 -19.88
CA LEU E 168 -26.26 14.29 -20.89
C LEU E 168 -25.89 15.04 -22.17
N GLN E 169 -26.73 16.01 -22.58
CA GLN E 169 -26.37 16.85 -23.71
C GLN E 169 -25.07 17.60 -23.46
N LEU E 170 -24.83 18.00 -22.21
CA LEU E 170 -23.57 18.63 -21.86
C LEU E 170 -22.39 17.69 -22.12
N ILE E 171 -22.52 16.43 -21.67
CA ILE E 171 -21.45 15.46 -21.87
C ILE E 171 -21.22 15.23 -23.37
N LYS E 172 -22.30 15.16 -24.15
CA LYS E 172 -22.14 14.92 -25.58
C LYS E 172 -21.44 16.09 -26.27
N LYS E 173 -21.87 17.32 -25.97
CA LYS E 173 -21.22 18.49 -26.54
C LYS E 173 -19.75 18.57 -26.14
N PHE E 174 -19.45 18.23 -24.87
CA PHE E 174 -18.07 18.28 -24.43
C PHE E 174 -17.22 17.22 -25.12
N ARG E 175 -17.78 16.02 -25.33
CA ARG E 175 -17.04 15.00 -26.06
C ARG E 175 -16.75 15.45 -27.48
N ASP E 176 -17.74 16.05 -28.15
CA ASP E 176 -17.52 16.54 -29.51
C ASP E 176 -16.43 17.60 -29.54
N GLU E 177 -16.52 18.59 -28.66
CA GLU E 177 -15.53 19.66 -28.63
C GLU E 177 -14.17 19.17 -28.19
N GLU E 178 -14.10 18.06 -27.47
CA GLU E 178 -12.81 17.53 -27.02
C GLU E 178 -12.16 16.67 -28.09
N LEU E 179 -12.96 16.02 -28.93
CA LEU E 179 -12.44 15.15 -29.98
C LEU E 179 -12.28 15.86 -31.31
N GLU E 180 -12.81 17.08 -31.45
CA GLU E 180 -12.71 17.78 -32.73
C GLU E 180 -11.26 18.04 -33.12
N HIS E 181 -10.42 18.40 -32.15
CA HIS E 181 -9.02 18.72 -32.42
C HIS E 181 -8.06 17.80 -31.69
N HIS E 182 -8.46 16.55 -31.43
CA HIS E 182 -7.52 15.58 -30.88
C HIS E 182 -6.78 14.84 -31.99
N ASP E 183 -7.25 14.99 -33.22
CA ASP E 183 -6.56 14.36 -34.35
C ASP E 183 -5.31 15.16 -34.74
N ILE E 184 -5.33 16.46 -34.49
CA ILE E 184 -4.17 17.32 -34.74
C ILE E 184 -3.93 18.24 -33.54
N ALA E 193 7.57 8.71 -36.81
CA ALA E 193 7.72 8.73 -35.37
C ALA E 193 7.32 7.39 -34.75
N PRO E 194 8.24 6.42 -34.76
CA PRO E 194 7.92 5.12 -34.17
C PRO E 194 8.10 5.08 -32.67
N ALA E 195 8.93 5.97 -32.12
CA ALA E 195 9.12 6.00 -30.67
C ALA E 195 8.12 6.93 -30.00
N TYR E 196 7.80 8.05 -30.65
CA TYR E 196 6.84 9.00 -30.09
C TYR E 196 5.45 8.39 -29.90
N ALA E 197 5.23 7.16 -30.34
CA ALA E 197 3.99 6.48 -30.02
C ALA E 197 4.05 5.88 -28.62
N VAL E 198 5.15 5.20 -28.29
CA VAL E 198 5.29 4.60 -26.97
C VAL E 198 5.19 5.67 -25.89
N LEU E 199 5.94 6.76 -26.06
CA LEU E 199 5.86 7.87 -25.11
C LEU E 199 4.43 8.37 -24.94
N LYS E 200 3.62 8.27 -25.99
CA LYS E 200 2.22 8.66 -25.85
C LYS E 200 1.46 7.67 -24.99
N SER E 201 1.66 6.37 -25.22
CA SER E 201 0.91 5.37 -24.47
C SER E 201 1.19 5.46 -22.97
N ILE E 202 2.47 5.59 -22.59
CA ILE E 202 2.82 5.72 -21.19
C ILE E 202 2.30 7.01 -20.58
N ILE E 203 1.79 7.93 -21.40
CA ILE E 203 1.07 9.09 -20.86
C ILE E 203 -0.43 8.83 -20.89
N GLN E 204 -0.93 8.08 -21.87
CA GLN E 204 -2.34 7.72 -21.93
C GLN E 204 -2.70 6.65 -20.90
N ALA E 205 -1.71 5.94 -20.36
CA ALA E 205 -1.95 4.94 -19.34
C ALA E 205 -1.75 5.48 -17.94
N GLY E 206 -1.36 6.74 -17.80
CA GLY E 206 -1.31 7.38 -16.50
C GLY E 206 -2.58 8.13 -16.22
N CYS E 207 -3.14 8.78 -17.25
CA CYS E 207 -4.42 9.44 -17.12
C CYS E 207 -5.59 8.48 -17.03
N ARG E 208 -5.32 7.17 -16.95
CA ARG E 208 -6.35 6.17 -16.74
C ARG E 208 -6.28 5.54 -15.36
N VAL E 209 -5.13 5.66 -14.69
CA VAL E 209 -5.07 5.31 -13.27
C VAL E 209 -5.43 6.51 -12.41
N ALA E 210 -5.08 7.72 -12.86
CA ALA E 210 -5.48 8.93 -12.15
C ALA E 210 -6.99 9.17 -12.23
N ILE E 211 -7.69 8.44 -13.08
CA ILE E 211 -9.14 8.48 -13.09
C ILE E 211 -9.74 7.32 -12.30
N TYR E 212 -9.06 6.17 -12.29
CA TYR E 212 -9.47 5.07 -11.43
C TYR E 212 -9.32 5.40 -9.95
N LEU E 213 -8.33 6.20 -9.59
CA LEU E 213 -8.07 6.54 -8.19
C LEU E 213 -8.83 7.77 -7.72
N SER E 214 -9.23 8.65 -8.64
CA SER E 214 -9.78 9.93 -8.23
C SER E 214 -11.29 9.90 -8.03
N GLU E 215 -11.99 8.86 -8.48
CA GLU E 215 -13.43 8.81 -8.30
C GLU E 215 -13.78 8.09 -7.01
N ARG E 216 -13.04 7.04 -6.67
CA ARG E 216 -13.29 6.30 -5.44
C ARG E 216 -12.87 7.10 -4.22
N LEU E 217 -11.59 7.46 -4.13
CA LEU E 217 -11.09 8.26 -3.03
C LEU E 217 -11.72 9.64 -3.03
N SER F 45 27.66 -7.54 11.57
CA SER F 45 28.32 -7.21 10.31
C SER F 45 27.97 -8.23 9.24
N ARG F 46 27.63 -9.45 9.66
CA ARG F 46 27.25 -10.48 8.69
C ARG F 46 25.96 -10.11 7.96
N ALA F 47 25.07 -9.36 8.60
CA ALA F 47 23.86 -8.88 7.94
C ALA F 47 24.11 -7.67 7.06
N ALA F 48 25.37 -7.24 6.91
CA ALA F 48 25.71 -6.18 5.97
C ALA F 48 26.10 -6.76 4.62
N VAL F 49 26.94 -7.81 4.64
CA VAL F 49 27.24 -8.56 3.42
C VAL F 49 26.12 -9.52 3.07
N ASP F 50 25.11 -9.66 3.93
CA ASP F 50 23.96 -10.51 3.64
C ASP F 50 22.94 -9.81 2.75
N ARG F 51 23.24 -8.59 2.30
CA ARG F 51 22.31 -7.87 1.44
C ARG F 51 22.86 -7.68 0.03
N ILE F 52 24.18 -7.52 -0.12
CA ILE F 52 24.73 -7.27 -1.45
C ILE F 52 24.62 -8.51 -2.33
N ILE F 53 24.79 -9.69 -1.75
CA ILE F 53 24.73 -10.92 -2.55
C ILE F 53 23.32 -11.15 -3.04
N ARG F 54 22.32 -10.90 -2.20
CA ARG F 54 20.94 -11.09 -2.59
C ARG F 54 20.55 -10.16 -3.72
N VAL F 55 20.94 -8.88 -3.61
CA VAL F 55 20.58 -7.90 -4.63
C VAL F 55 21.29 -8.21 -5.94
N ASP F 56 22.56 -8.63 -5.87
CA ASP F 56 23.26 -8.98 -7.09
C ASP F 56 22.65 -10.20 -7.76
N HIS F 57 22.27 -11.21 -6.96
CA HIS F 57 21.60 -12.38 -7.52
C HIS F 57 20.30 -11.98 -8.22
N ALA F 58 19.49 -11.14 -7.56
CA ALA F 58 18.22 -10.74 -8.16
C ALA F 58 18.44 -9.95 -9.45
N GLY F 59 19.38 -9.01 -9.44
CA GLY F 59 19.63 -8.22 -10.64
C GLY F 59 20.12 -9.06 -11.80
N GLU F 60 21.03 -10.00 -11.54
CA GLU F 60 21.52 -10.84 -12.62
C GLU F 60 20.43 -11.77 -13.13
N TYR F 61 19.55 -12.23 -12.24
CA TYR F 61 18.40 -13.02 -12.69
C TYR F 61 17.51 -12.22 -13.63
N GLY F 62 17.18 -10.99 -13.23
CA GLY F 62 16.37 -10.14 -14.09
C GLY F 62 17.00 -9.89 -15.45
N ALA F 63 18.30 -9.63 -15.46
CA ALA F 63 18.98 -9.38 -16.74
C ALA F 63 18.98 -10.61 -17.62
N ASN F 64 19.30 -11.78 -17.04
CA ASN F 64 19.23 -13.02 -17.79
C ASN F 64 17.85 -13.22 -18.40
N ARG F 65 16.80 -12.93 -17.63
CA ARG F 65 15.44 -13.14 -18.12
C ARG F 65 15.13 -12.19 -19.27
N ILE F 66 15.53 -10.93 -19.15
CA ILE F 66 15.31 -9.95 -20.22
C ILE F 66 15.97 -10.42 -21.51
N TYR F 67 17.23 -10.85 -21.41
CA TYR F 67 17.91 -11.30 -22.63
C TYR F 67 17.27 -12.55 -23.18
N ALA F 68 16.73 -13.43 -22.32
CA ALA F 68 16.01 -14.59 -22.81
C ALA F 68 14.80 -14.18 -23.64
N GLY F 69 14.06 -13.19 -23.17
CA GLY F 69 12.91 -12.72 -23.93
C GLY F 69 13.31 -12.13 -25.27
N GLN F 70 14.30 -11.24 -25.28
CA GLN F 70 14.72 -10.62 -26.52
C GLN F 70 15.25 -11.65 -27.51
N MET F 71 15.93 -12.68 -27.01
CA MET F 71 16.41 -13.74 -27.90
C MET F 71 15.27 -14.60 -28.41
N ALA F 72 14.20 -14.77 -27.61
CA ALA F 72 13.06 -15.53 -28.08
C ALA F 72 12.33 -14.80 -29.20
N VAL F 73 12.32 -13.46 -29.16
CA VAL F 73 11.60 -12.74 -30.20
C VAL F 73 12.47 -12.52 -31.43
N LEU F 74 13.70 -12.04 -31.25
CA LEU F 74 14.61 -11.73 -32.36
C LEU F 74 15.57 -12.87 -32.67
N GLY F 75 15.12 -14.11 -32.47
CA GLY F 75 16.01 -15.27 -32.60
C GLY F 75 16.65 -15.44 -33.97
N ARG F 76 15.85 -15.76 -34.98
CA ARG F 76 16.37 -16.09 -36.30
C ARG F 76 16.36 -14.83 -37.17
N THR F 77 17.36 -13.98 -36.94
CA THR F 77 17.53 -12.76 -37.72
C THR F 77 19.04 -12.49 -37.81
N SER F 78 19.38 -11.28 -38.26
CA SER F 78 20.78 -10.89 -38.40
C SER F 78 21.35 -10.27 -37.13
N VAL F 79 20.56 -10.17 -36.07
CA VAL F 79 21.02 -9.58 -34.82
C VAL F 79 21.05 -10.59 -33.68
N GLY F 80 20.38 -11.73 -33.82
CA GLY F 80 20.40 -12.80 -32.85
C GLY F 80 21.76 -13.13 -32.26
N PRO F 81 22.77 -13.34 -33.11
CA PRO F 81 24.10 -13.69 -32.58
C PRO F 81 24.71 -12.63 -31.68
N VAL F 82 24.26 -11.37 -31.75
CA VAL F 82 24.78 -10.36 -30.84
C VAL F 82 24.25 -10.58 -29.43
N ILE F 83 22.98 -10.99 -29.32
CA ILE F 83 22.36 -11.16 -28.01
C ILE F 83 22.82 -12.45 -27.36
N GLN F 84 23.25 -13.44 -28.15
CA GLN F 84 23.65 -14.73 -27.59
C GLN F 84 24.86 -14.57 -26.68
N LYS F 85 25.82 -13.75 -27.09
CA LYS F 85 27.01 -13.54 -26.26
C LYS F 85 26.64 -12.91 -24.92
N MET F 86 25.76 -11.89 -24.93
CA MET F 86 25.32 -11.27 -23.69
C MET F 86 24.57 -12.26 -22.81
N TRP F 87 23.73 -13.10 -23.42
CA TRP F 87 23.00 -14.10 -22.65
C TRP F 87 23.94 -15.07 -21.98
N ASP F 88 25.00 -15.49 -22.68
CA ASP F 88 25.95 -16.42 -22.09
C ASP F 88 26.74 -15.74 -20.98
N GLN F 89 27.15 -14.48 -21.18
CA GLN F 89 27.81 -13.72 -20.12
C GLN F 89 26.95 -13.67 -18.87
N GLU F 90 25.64 -13.40 -19.03
CA GLU F 90 24.77 -13.28 -17.87
C GLU F 90 24.50 -14.63 -17.22
N LYS F 91 24.43 -15.71 -17.99
CA LYS F 91 24.32 -17.02 -17.38
C LYS F 91 25.55 -17.36 -16.55
N ASP F 92 26.73 -16.98 -17.04
CA ASP F 92 27.96 -17.20 -16.27
C ASP F 92 27.93 -16.41 -14.97
N HIS F 93 27.60 -15.11 -15.06
CA HIS F 93 27.50 -14.28 -13.86
C HIS F 93 26.51 -14.88 -12.87
N LEU F 94 25.37 -15.38 -13.37
CA LEU F 94 24.36 -15.93 -12.48
C LEU F 94 24.85 -17.19 -11.79
N LYS F 95 25.56 -18.05 -12.52
CA LYS F 95 26.09 -19.26 -11.87
C LYS F 95 27.09 -18.90 -10.78
N LYS F 96 27.96 -17.92 -11.06
CA LYS F 96 28.94 -17.51 -10.05
C LYS F 96 28.23 -16.99 -8.80
N PHE F 97 27.32 -16.03 -8.98
CA PHE F 97 26.64 -15.47 -7.81
C PHE F 97 25.72 -16.49 -7.14
N ASN F 98 25.28 -17.52 -7.87
CA ASN F 98 24.45 -18.54 -7.25
C ASN F 98 25.27 -19.43 -6.32
N GLU F 99 26.45 -19.84 -6.76
CA GLU F 99 27.31 -20.60 -5.84
C GLU F 99 27.76 -19.74 -4.67
N LEU F 100 28.00 -18.45 -4.90
CA LEU F 100 28.38 -17.57 -3.80
C LEU F 100 27.22 -17.36 -2.83
N MET F 101 25.98 -17.42 -3.32
CA MET F 101 24.83 -17.30 -2.45
C MET F 101 24.59 -18.57 -1.66
N VAL F 102 24.83 -19.72 -2.28
CA VAL F 102 24.68 -20.99 -1.56
C VAL F 102 25.72 -21.11 -0.46
N THR F 103 26.93 -20.59 -0.69
CA THR F 103 27.99 -20.72 0.31
C THR F 103 27.64 -19.99 1.61
N PHE F 104 27.37 -18.69 1.51
CA PHE F 104 27.19 -17.84 2.69
C PHE F 104 25.82 -18.00 3.35
N ARG F 105 25.01 -18.98 2.92
CA ARG F 105 23.68 -19.22 3.48
C ARG F 105 22.84 -17.95 3.49
N VAL F 106 22.69 -17.38 2.31
CA VAL F 106 21.93 -16.14 2.10
C VAL F 106 20.46 -16.49 1.95
N ARG F 107 19.60 -15.48 2.05
CA ARG F 107 18.17 -15.68 1.86
C ARG F 107 17.76 -15.05 0.54
N PRO F 108 17.27 -15.82 -0.43
CA PRO F 108 16.86 -15.24 -1.71
C PRO F 108 15.61 -14.39 -1.54
N THR F 109 15.51 -13.34 -2.35
CA THR F 109 14.39 -12.42 -2.24
C THR F 109 13.08 -13.13 -2.55
N VAL F 110 12.00 -12.63 -1.94
CA VAL F 110 10.70 -13.29 -2.07
C VAL F 110 9.99 -12.93 -3.37
N LEU F 111 10.42 -11.87 -4.04
CA LEU F 111 9.76 -11.41 -5.25
C LEU F 111 10.23 -12.12 -6.51
N MET F 112 11.14 -13.08 -6.40
CA MET F 112 11.67 -13.75 -7.58
C MET F 112 10.61 -14.29 -8.53
N PRO F 113 9.46 -14.81 -8.09
CA PRO F 113 8.43 -15.20 -9.06
C PRO F 113 7.77 -14.04 -9.76
N LEU F 114 8.10 -12.80 -9.41
CA LEU F 114 7.53 -11.65 -10.10
C LEU F 114 8.46 -11.08 -11.16
N TRP F 115 9.78 -11.17 -10.97
CA TRP F 115 10.68 -10.81 -12.06
C TRP F 115 10.71 -11.86 -13.16
N ASN F 116 9.93 -12.93 -13.04
CA ASN F 116 9.88 -13.96 -14.06
C ASN F 116 8.83 -13.69 -15.14
N VAL F 117 7.86 -12.82 -14.87
CA VAL F 117 6.87 -12.45 -15.87
C VAL F 117 7.11 -11.00 -16.28
N LEU F 118 7.81 -10.24 -15.45
CA LEU F 118 8.20 -8.88 -15.79
C LEU F 118 9.62 -8.80 -16.34
N GLY F 119 10.35 -9.91 -16.35
CA GLY F 119 11.66 -9.95 -16.97
C GLY F 119 11.55 -10.54 -18.35
N PHE F 120 10.39 -11.12 -18.66
CA PHE F 120 10.13 -11.64 -20.00
C PHE F 120 9.18 -10.77 -20.79
N ALA F 121 8.33 -10.00 -20.13
CA ALA F 121 7.49 -9.05 -20.84
C ALA F 121 8.31 -7.92 -21.43
N LEU F 122 9.42 -7.55 -20.80
CA LEU F 122 10.38 -6.64 -21.44
C LEU F 122 11.41 -7.42 -22.23
N GLY F 123 10.93 -8.37 -23.02
CA GLY F 123 11.74 -9.11 -23.95
C GLY F 123 10.91 -9.40 -25.17
N ALA F 124 9.65 -8.98 -25.11
CA ALA F 124 8.73 -9.05 -26.23
C ALA F 124 8.01 -7.71 -26.35
N GLY F 125 7.94 -6.97 -25.25
CA GLY F 125 7.45 -5.60 -25.30
C GLY F 125 8.40 -4.78 -26.15
N THR F 126 9.62 -4.61 -25.68
CA THR F 126 10.70 -4.19 -26.56
C THR F 126 11.12 -5.37 -27.43
N ALA F 127 12.05 -5.10 -28.35
CA ALA F 127 12.57 -6.05 -29.33
C ALA F 127 11.53 -6.42 -30.37
N LEU F 128 10.28 -5.96 -30.24
CA LEU F 128 9.32 -5.99 -31.33
C LEU F 128 9.27 -4.67 -32.07
N LEU F 129 9.93 -3.63 -31.55
CA LEU F 129 9.98 -2.33 -32.18
C LEU F 129 11.18 -2.18 -33.11
N GLY F 130 11.76 -3.28 -33.56
CA GLY F 130 12.95 -3.24 -34.37
C GLY F 130 14.20 -3.18 -33.53
N LYS F 131 15.34 -3.02 -34.22
CA LYS F 131 16.61 -2.96 -33.52
C LYS F 131 16.88 -1.54 -33.00
N GLU F 132 15.89 -0.96 -32.33
CA GLU F 132 16.09 0.27 -31.58
C GLU F 132 15.45 0.13 -30.22
N GLY F 133 14.43 -0.73 -30.13
CA GLY F 133 13.92 -1.13 -28.84
C GLY F 133 14.75 -2.19 -28.16
N ALA F 134 15.66 -2.83 -28.90
CA ALA F 134 16.58 -3.78 -28.30
C ALA F 134 17.86 -3.09 -27.86
N MET F 135 18.42 -2.22 -28.71
CA MET F 135 19.62 -1.48 -28.35
C MET F 135 19.38 -0.52 -27.19
N ALA F 136 18.12 -0.15 -26.92
CA ALA F 136 17.83 0.79 -25.84
C ALA F 136 17.47 0.11 -24.53
N CYS F 137 17.21 -1.19 -24.55
CA CYS F 137 16.90 -1.89 -23.30
C CYS F 137 18.16 -2.44 -22.65
N THR F 138 19.02 -3.08 -23.45
CA THR F 138 20.25 -3.64 -22.90
C THR F 138 21.15 -2.56 -22.35
N VAL F 139 21.30 -1.45 -23.08
CA VAL F 139 22.11 -0.33 -22.60
C VAL F 139 21.60 0.16 -21.26
N ALA F 140 20.28 0.33 -21.14
CA ALA F 140 19.70 0.84 -19.90
C ALA F 140 19.95 -0.11 -18.74
N VAL F 141 19.64 -1.39 -18.92
CA VAL F 141 19.76 -2.33 -17.81
C VAL F 141 21.22 -2.50 -17.41
N GLU F 142 22.14 -2.45 -18.39
CA GLU F 142 23.55 -2.64 -18.05
C GLU F 142 24.13 -1.40 -17.38
N GLU F 143 23.66 -0.22 -17.77
CA GLU F 143 24.09 0.99 -17.06
C GLU F 143 23.58 0.97 -15.62
N SER F 144 22.35 0.50 -15.40
CA SER F 144 21.83 0.40 -14.05
C SER F 144 22.65 -0.58 -13.22
N ILE F 145 22.97 -1.74 -13.79
CA ILE F 145 23.77 -2.73 -13.08
C ILE F 145 25.15 -2.17 -12.74
N ALA F 146 25.79 -1.49 -13.68
CA ALA F 146 27.11 -0.91 -13.41
C ALA F 146 27.04 0.16 -12.34
N HIS F 147 26.00 1.01 -12.38
CA HIS F 147 25.84 2.03 -11.35
C HIS F 147 25.71 1.40 -9.98
N HIS F 148 24.92 0.34 -9.86
CA HIS F 148 24.78 -0.28 -8.54
C HIS F 148 26.04 -1.02 -8.12
N TYR F 149 26.78 -1.58 -9.06
CA TYR F 149 28.06 -2.20 -8.71
C TYR F 149 29.03 -1.16 -8.15
N ASN F 150 29.06 0.02 -8.76
CA ASN F 150 29.88 1.11 -8.22
C ASN F 150 29.41 1.49 -6.82
N ASN F 151 28.09 1.66 -6.65
CA ASN F 151 27.57 2.05 -5.35
C ASN F 151 27.88 1.02 -4.27
N GLN F 152 27.93 -0.26 -4.64
CA GLN F 152 28.28 -1.29 -3.66
C GLN F 152 29.77 -1.27 -3.36
N ILE F 153 30.61 -1.19 -4.40
CA ILE F 153 32.06 -1.17 -4.20
C ILE F 153 32.52 0.11 -3.51
N ARG F 154 31.65 1.11 -3.38
CA ARG F 154 32.00 2.29 -2.60
C ARG F 154 31.91 1.99 -1.10
N THR F 155 30.73 1.58 -0.63
CA THR F 155 30.46 1.39 0.78
C THR F 155 31.04 0.10 1.35
N LEU F 156 31.87 -0.60 0.58
CA LEU F 156 32.54 -1.79 1.08
C LEU F 156 34.05 -1.63 1.17
N MET F 157 34.58 -0.52 0.68
CA MET F 157 35.99 -0.20 0.82
C MET F 157 36.26 0.88 1.86
N GLU F 158 35.23 1.67 2.21
CA GLU F 158 35.35 2.71 3.22
C GLU F 158 34.90 2.27 4.60
N GLU F 159 34.31 1.07 4.72
CA GLU F 159 33.86 0.57 6.01
C GLU F 159 34.79 -0.51 6.56
N ASP F 160 35.15 -1.48 5.73
CA ASP F 160 36.13 -2.51 6.11
C ASP F 160 36.78 -3.03 4.84
N PRO F 161 37.97 -2.53 4.50
CA PRO F 161 38.63 -2.93 3.25
C PRO F 161 39.62 -4.08 3.38
N GLU F 162 39.68 -4.78 4.52
CA GLU F 162 40.65 -5.85 4.70
C GLU F 162 40.04 -7.19 5.11
N LYS F 163 38.78 -7.23 5.52
CA LYS F 163 38.09 -8.47 5.82
C LYS F 163 37.47 -9.11 4.57
N TYR F 164 37.94 -8.71 3.39
CA TYR F 164 37.28 -9.02 2.12
C TYR F 164 38.37 -9.16 1.07
N GLU F 165 38.00 -8.97 -0.20
CA GLU F 165 38.78 -9.13 -1.43
C GLU F 165 38.81 -10.58 -1.88
N GLU F 166 38.21 -11.50 -1.14
CA GLU F 166 37.75 -12.75 -1.72
C GLU F 166 36.43 -12.57 -2.45
N LEU F 167 35.82 -11.38 -2.33
CA LEU F 167 34.55 -11.06 -2.96
C LEU F 167 34.62 -9.75 -3.71
N LEU F 168 35.48 -8.83 -3.26
CA LEU F 168 35.51 -7.50 -3.85
C LEU F 168 36.13 -7.51 -5.24
N GLN F 169 37.19 -8.31 -5.43
CA GLN F 169 37.75 -8.46 -6.78
C GLN F 169 36.71 -9.00 -7.74
N LEU F 170 35.83 -9.88 -7.25
CA LEU F 170 34.74 -10.38 -8.10
C LEU F 170 33.83 -9.24 -8.54
N ILE F 171 33.46 -8.37 -7.61
CA ILE F 171 32.59 -7.24 -7.96
C ILE F 171 33.29 -6.33 -8.96
N LYS F 172 34.59 -6.09 -8.78
CA LYS F 172 35.31 -5.21 -9.69
C LYS F 172 35.38 -5.80 -11.09
N LYS F 173 35.74 -7.09 -11.19
CA LYS F 173 35.78 -7.74 -12.49
C LYS F 173 34.41 -7.73 -13.16
N PHE F 174 33.35 -7.97 -12.37
CA PHE F 174 32.00 -7.96 -12.94
C PHE F 174 31.62 -6.58 -13.44
N ARG F 175 31.97 -5.53 -12.70
CA ARG F 175 31.68 -4.18 -13.17
C ARG F 175 32.41 -3.89 -14.47
N ASP F 176 33.68 -4.28 -14.56
CA ASP F 176 34.42 -4.06 -15.80
C ASP F 176 33.78 -4.78 -16.97
N GLU F 177 33.50 -6.08 -16.79
CA GLU F 177 32.89 -6.86 -17.87
C GLU F 177 31.47 -6.40 -18.21
N GLU F 178 30.80 -5.73 -17.27
CA GLU F 178 29.45 -5.27 -17.52
C GLU F 178 29.44 -3.91 -18.22
N LEU F 179 30.46 -3.09 -17.97
CA LEU F 179 30.56 -1.77 -18.58
C LEU F 179 31.36 -1.75 -19.87
N GLU F 180 32.07 -2.84 -20.19
CA GLU F 180 32.88 -2.85 -21.40
C GLU F 180 32.02 -2.64 -22.64
N HIS F 181 30.88 -3.32 -22.74
CA HIS F 181 30.00 -3.22 -23.90
C HIS F 181 28.67 -2.55 -23.57
N HIS F 182 28.63 -1.69 -22.56
CA HIS F 182 27.42 -0.94 -22.28
C HIS F 182 27.37 0.35 -23.09
N ASP F 183 28.51 0.75 -23.65
CA ASP F 183 28.54 1.95 -24.49
C ASP F 183 28.01 1.64 -25.88
N ILE F 184 28.02 0.37 -26.28
CA ILE F 184 27.49 -0.06 -27.56
C ILE F 184 26.78 -1.40 -27.44
N ALA F 193 18.31 10.55 -32.26
CA ALA F 193 17.26 9.83 -31.53
C ALA F 193 16.97 10.50 -30.20
N PRO F 194 16.11 11.53 -30.23
CA PRO F 194 15.76 12.21 -28.97
C PRO F 194 14.59 11.58 -28.24
N ALA F 195 13.87 10.67 -28.91
CA ALA F 195 12.73 10.03 -28.26
C ALA F 195 13.14 8.78 -27.51
N TYR F 196 14.15 8.06 -28.01
CA TYR F 196 14.61 6.86 -27.33
C TYR F 196 15.32 7.20 -26.03
N ALA F 197 15.82 8.43 -25.91
CA ALA F 197 16.52 8.87 -24.71
C ALA F 197 15.57 9.04 -23.54
N VAL F 198 14.27 8.89 -23.79
CA VAL F 198 13.26 8.89 -22.75
C VAL F 198 12.81 7.47 -22.42
N LEU F 199 12.70 6.61 -23.42
CA LEU F 199 12.45 5.19 -23.17
C LEU F 199 13.56 4.59 -22.32
N LYS F 200 14.81 4.91 -22.64
CA LYS F 200 15.92 4.41 -21.84
C LYS F 200 15.82 4.86 -20.40
N SER F 201 15.42 6.11 -20.18
CA SER F 201 15.33 6.62 -18.82
C SER F 201 14.17 5.98 -18.06
N ILE F 202 13.03 5.78 -18.74
CA ILE F 202 11.89 5.18 -18.06
C ILE F 202 12.09 3.69 -17.85
N ILE F 203 13.06 3.08 -18.54
CA ILE F 203 13.44 1.71 -18.20
C ILE F 203 14.45 1.69 -17.06
N GLN F 204 15.37 2.66 -17.04
CA GLN F 204 16.35 2.74 -15.97
C GLN F 204 15.69 3.03 -14.63
N ALA F 205 14.64 3.86 -14.63
CA ALA F 205 13.94 4.16 -13.38
C ALA F 205 13.28 2.91 -12.81
N GLY F 206 12.67 2.09 -13.68
CA GLY F 206 12.11 0.83 -13.21
C GLY F 206 13.17 -0.13 -12.71
N CYS F 207 14.28 -0.27 -13.45
CA CYS F 207 15.34 -1.16 -13.01
C CYS F 207 16.06 -0.65 -11.76
N ARG F 208 15.85 0.62 -11.40
CA ARG F 208 16.40 1.14 -10.15
C ARG F 208 15.41 1.03 -9.00
N VAL F 209 14.11 1.05 -9.29
CA VAL F 209 13.13 0.81 -8.23
C VAL F 209 13.07 -0.67 -7.87
N ALA F 210 13.16 -1.56 -8.86
CA ALA F 210 13.10 -2.99 -8.61
C ALA F 210 14.32 -3.51 -7.85
N ILE F 211 15.38 -2.72 -7.74
CA ILE F 211 16.52 -3.10 -6.90
C ILE F 211 16.31 -2.65 -5.46
N TYR F 212 15.65 -1.51 -5.25
CA TYR F 212 15.39 -1.04 -3.91
C TYR F 212 14.34 -1.88 -3.18
N LEU F 213 13.46 -2.56 -3.91
CA LEU F 213 12.47 -3.42 -3.28
C LEU F 213 13.04 -4.80 -3.01
N SER F 214 14.01 -5.22 -3.82
CA SER F 214 14.54 -6.58 -3.70
C SER F 214 15.54 -6.69 -2.57
N GLU F 215 16.02 -5.55 -2.07
CA GLU F 215 16.94 -5.58 -0.93
C GLU F 215 16.22 -6.08 0.31
N ARG F 216 15.12 -5.42 0.66
CA ARG F 216 14.48 -5.62 1.96
C ARG F 216 13.56 -6.83 1.91
N LEU F 217 12.57 -6.80 1.03
CA LEU F 217 11.61 -7.89 0.89
C LEU F 217 12.30 -9.16 0.42
N SER G 45 27.00 10.05 9.53
CA SER G 45 26.76 9.69 10.93
C SER G 45 25.67 10.57 11.53
N ARG G 46 25.39 11.71 10.89
CA ARG G 46 24.39 12.62 11.42
C ARG G 46 22.98 12.05 11.32
N ALA G 47 22.74 11.14 10.37
CA ALA G 47 21.43 10.51 10.28
C ALA G 47 21.14 9.67 11.51
N ALA G 48 22.16 9.06 12.11
CA ALA G 48 21.96 8.26 13.31
C ALA G 48 21.51 9.12 14.47
N VAL G 49 22.15 10.27 14.67
CA VAL G 49 21.76 11.17 15.75
C VAL G 49 20.56 12.04 15.38
N ASP G 50 20.08 11.92 14.15
CA ASP G 50 18.86 12.59 13.72
C ASP G 50 17.63 11.72 13.94
N ARG G 51 17.72 10.46 13.56
CA ARG G 51 16.57 9.57 13.67
C ARG G 51 16.11 9.43 15.12
N ILE G 52 17.05 9.35 16.06
CA ILE G 52 16.66 9.14 17.45
C ILE G 52 15.91 10.35 17.99
N ILE G 53 16.35 11.56 17.64
CA ILE G 53 15.66 12.76 18.09
C ILE G 53 14.26 12.81 17.47
N ARG G 54 14.14 12.42 16.20
CA ARG G 54 12.83 12.44 15.57
C ARG G 54 11.87 11.46 16.23
N VAL G 55 12.34 10.23 16.50
CA VAL G 55 11.49 9.25 17.15
C VAL G 55 11.07 9.73 18.53
N ASP G 56 12.00 10.29 19.29
CA ASP G 56 11.65 10.72 20.64
C ASP G 56 10.64 11.86 20.62
N HIS G 57 10.82 12.82 19.72
CA HIS G 57 9.83 13.90 19.60
C HIS G 57 8.45 13.35 19.28
N ALA G 58 8.38 12.46 18.28
CA ALA G 58 7.07 11.93 17.88
C ALA G 58 6.42 11.14 19.01
N GLY G 59 7.19 10.29 19.68
CA GLY G 59 6.63 9.49 20.76
C GLY G 59 6.14 10.33 21.92
N GLU G 60 6.90 11.36 22.29
CA GLU G 60 6.45 12.21 23.40
C GLU G 60 5.21 13.00 23.00
N TYR G 61 5.12 13.42 21.73
CA TYR G 61 3.89 14.08 21.28
C TYR G 61 2.69 13.15 21.41
N GLY G 62 2.84 11.90 20.95
CA GLY G 62 1.75 10.95 21.07
C GLY G 62 1.31 10.73 22.50
N ALA G 63 2.28 10.55 23.40
CA ALA G 63 1.94 10.33 24.81
C ALA G 63 1.23 11.55 25.40
N ASN G 64 1.72 12.75 25.09
CA ASN G 64 1.06 13.96 25.55
C ASN G 64 -0.40 13.99 25.09
N ARG G 65 -0.64 13.61 23.83
CA ARG G 65 -2.02 13.64 23.34
C ARG G 65 -2.90 12.61 24.04
N ILE G 66 -2.38 11.40 24.26
CA ILE G 66 -3.17 10.38 24.97
C ILE G 66 -3.58 10.89 26.34
N TYR G 67 -2.62 11.48 27.08
CA TYR G 67 -2.97 11.97 28.40
C TYR G 67 -3.93 13.15 28.33
N ALA G 68 -3.83 13.98 27.30
CA ALA G 68 -4.78 15.08 27.14
C ALA G 68 -6.19 14.54 26.96
N GLY G 69 -6.35 13.50 26.15
CA GLY G 69 -7.67 12.90 25.99
C GLY G 69 -8.21 12.32 27.29
N GLN G 70 -7.41 11.47 27.95
CA GLN G 70 -7.86 10.86 29.19
C GLN G 70 -8.20 11.91 30.25
N MET G 71 -7.51 13.05 30.23
CA MET G 71 -7.85 14.12 31.16
C MET G 71 -9.12 14.83 30.73
N ALA G 72 -9.39 14.90 29.42
CA ALA G 72 -10.61 15.53 28.95
C ALA G 72 -11.84 14.71 29.33
N VAL G 73 -11.71 13.40 29.42
CA VAL G 73 -12.86 12.55 29.77
C VAL G 73 -13.03 12.42 31.28
N LEU G 74 -11.96 12.06 32.00
CA LEU G 74 -12.02 11.84 33.44
C LEU G 74 -11.60 13.07 34.24
N GLY G 75 -11.91 14.26 33.74
CA GLY G 75 -11.45 15.48 34.37
C GLY G 75 -11.87 15.68 35.81
N ARG G 76 -13.17 15.84 36.04
CA ARG G 76 -13.69 16.17 37.37
C ARG G 76 -14.16 14.88 38.04
N THR G 77 -13.19 14.12 38.55
CA THR G 77 -13.46 12.88 39.28
C THR G 77 -12.35 12.70 40.31
N SER G 78 -12.28 11.51 40.88
CA SER G 78 -11.29 11.19 41.90
C SER G 78 -9.97 10.71 41.33
N VAL G 79 -9.83 10.67 40.00
CA VAL G 79 -8.60 10.21 39.36
C VAL G 79 -7.84 11.34 38.68
N GLY G 80 -8.46 12.50 38.49
CA GLY G 80 -7.87 13.65 37.83
C GLY G 80 -6.43 13.97 38.15
N PRO G 81 -6.07 14.05 39.43
CA PRO G 81 -4.71 14.51 39.76
C PRO G 81 -3.58 13.64 39.22
N VAL G 82 -3.76 12.32 39.18
CA VAL G 82 -2.71 11.45 38.64
C VAL G 82 -2.48 11.77 37.16
N ILE G 83 -3.57 11.85 36.39
CA ILE G 83 -3.46 12.19 34.98
C ILE G 83 -2.86 13.57 34.80
N GLN G 84 -3.19 14.52 35.70
CA GLN G 84 -2.62 15.86 35.60
C GLN G 84 -1.12 15.84 35.81
N LYS G 85 -0.64 15.10 36.82
CA LYS G 85 0.78 15.01 37.08
C LYS G 85 1.52 14.36 35.91
N MET G 86 0.97 13.27 35.38
CA MET G 86 1.61 12.62 34.23
C MET G 86 1.61 13.55 33.02
N TRP G 87 0.53 14.30 32.81
CA TRP G 87 0.48 15.23 31.69
C TRP G 87 1.53 16.33 31.83
N ASP G 88 1.75 16.81 33.05
CA ASP G 88 2.77 17.83 33.25
C ASP G 88 4.17 17.27 33.00
N GLN G 89 4.44 16.05 33.49
CA GLN G 89 5.71 15.40 33.20
C GLN G 89 5.94 15.28 31.70
N GLU G 90 4.91 14.88 30.96
CA GLU G 90 5.08 14.70 29.52
C GLU G 90 5.22 16.02 28.79
N LYS G 91 4.54 17.08 29.25
CA LYS G 91 4.76 18.40 28.66
C LYS G 91 6.20 18.86 28.87
N ASP G 92 6.75 18.58 30.05
CA ASP G 92 8.15 18.92 30.30
C ASP G 92 9.08 18.17 29.34
N HIS G 93 8.89 16.86 29.23
CA HIS G 93 9.69 16.07 28.30
C HIS G 93 9.57 16.60 26.88
N LEU G 94 8.36 16.97 26.46
CA LEU G 94 8.16 17.46 25.11
C LEU G 94 8.87 18.78 24.88
N LYS G 95 8.83 19.69 25.85
CA LYS G 95 9.55 20.96 25.69
C LYS G 95 11.05 20.73 25.56
N LYS G 96 11.59 19.82 26.38
CA LYS G 96 13.02 19.52 26.30
C LYS G 96 13.39 18.99 24.91
N PHE G 97 12.68 17.96 24.45
CA PHE G 97 13.02 17.39 23.14
C PHE G 97 12.71 18.37 22.02
N ASN G 98 11.80 19.31 22.22
CA ASN G 98 11.50 20.30 21.20
C ASN G 98 12.67 21.27 21.03
N GLU G 99 13.22 21.77 22.13
CA GLU G 99 14.38 22.63 22.01
C GLU G 99 15.58 21.85 21.46
N LEU G 100 15.69 20.57 21.82
CA LEU G 100 16.78 19.76 21.29
C LEU G 100 16.63 19.49 19.80
N MET G 101 15.40 19.43 19.31
CA MET G 101 15.18 19.25 17.88
C MET G 101 15.40 20.55 17.12
N VAL G 102 15.05 21.68 17.72
CA VAL G 102 15.31 22.97 17.08
C VAL G 102 16.80 23.22 16.96
N THR G 103 17.57 22.78 17.95
CA THR G 103 19.02 23.04 17.92
C THR G 103 19.70 22.33 16.76
N PHE G 104 19.56 21.01 16.68
CA PHE G 104 20.29 20.20 15.72
C PHE G 104 19.73 20.27 14.30
N ARG G 105 18.74 21.13 14.04
CA ARG G 105 18.16 21.31 12.71
C ARG G 105 17.72 19.97 12.11
N VAL G 106 16.76 19.33 12.77
CA VAL G 106 16.28 18.04 12.36
C VAL G 106 14.93 18.21 11.67
N ARG G 107 14.46 17.14 11.04
CA ARG G 107 13.23 17.18 10.26
C ARG G 107 12.13 16.47 11.02
N PRO G 108 11.05 17.16 11.41
CA PRO G 108 9.96 16.48 12.10
C PRO G 108 9.21 15.56 11.16
N THR G 109 8.69 14.47 11.73
CA THR G 109 8.01 13.47 10.92
C THR G 109 6.78 14.06 10.25
N VAL G 110 6.44 13.52 9.08
CA VAL G 110 5.35 14.08 8.29
C VAL G 110 3.99 13.61 8.81
N LEU G 111 3.94 12.55 9.61
CA LEU G 111 2.67 12.00 10.08
C LEU G 111 2.13 12.70 11.30
N MET G 112 2.80 13.74 11.80
CA MET G 112 2.34 14.42 13.01
C MET G 112 0.87 14.83 12.99
N PRO G 113 0.30 15.28 11.87
CA PRO G 113 -1.15 15.56 11.88
C PRO G 113 -2.02 14.32 11.98
N LEU G 114 -1.44 13.12 11.98
CA LEU G 114 -2.24 11.91 12.15
C LEU G 114 -2.22 11.39 13.58
N TRP G 115 -1.14 11.61 14.33
CA TRP G 115 -1.17 11.32 15.76
C TRP G 115 -1.96 12.33 16.56
N ASN G 116 -2.50 13.37 15.91
CA ASN G 116 -3.32 14.36 16.60
C ASN G 116 -4.77 13.96 16.71
N VAL G 117 -5.27 13.10 15.82
CA VAL G 117 -6.61 12.56 15.94
C VAL G 117 -6.61 11.12 16.42
N LEU G 118 -5.47 10.43 16.32
CA LEU G 118 -5.33 9.08 16.87
C LEU G 118 -4.65 9.08 18.23
N GLY G 119 -4.21 10.22 18.72
CA GLY G 119 -3.67 10.31 20.06
C GLY G 119 -4.71 10.85 21.01
N PHE G 120 -5.81 11.36 20.46
CA PHE G 120 -6.93 11.83 21.25
C PHE G 120 -8.10 10.86 21.23
N ALA G 121 -8.21 10.02 20.20
CA ALA G 121 -9.23 8.99 20.19
C ALA G 121 -8.95 7.93 21.24
N LEU G 122 -7.68 7.68 21.55
CA LEU G 122 -7.35 6.85 22.71
C LEU G 122 -7.23 7.68 23.97
N GLY G 123 -8.20 8.56 24.16
CA GLY G 123 -8.34 9.35 25.36
C GLY G 123 -9.80 9.50 25.66
N ALA G 124 -10.61 8.92 24.78
CA ALA G 124 -12.05 8.83 24.98
C ALA G 124 -12.50 7.40 24.65
N GLY G 125 -11.71 6.70 23.84
CA GLY G 125 -11.94 5.30 23.61
C GLY G 125 -11.73 4.55 24.90
N THR G 126 -10.49 4.52 25.38
CA THR G 126 -10.25 4.18 26.77
C THR G 126 -10.63 5.37 27.65
N ALA G 127 -10.55 5.18 28.97
CA ALA G 127 -10.94 6.14 29.99
C ALA G 127 -12.44 6.39 30.02
N LEU G 128 -13.20 5.84 29.08
CA LEU G 128 -14.65 5.74 29.21
C LEU G 128 -15.09 4.40 29.74
N LEU G 129 -14.20 3.40 29.75
CA LEU G 129 -14.46 2.09 30.31
C LEU G 129 -14.24 2.03 31.80
N GLY G 130 -14.21 3.18 32.46
CA GLY G 130 -13.96 3.25 33.89
C GLY G 130 -12.49 3.49 34.20
N LYS G 131 -12.14 3.17 35.44
CA LYS G 131 -10.77 3.34 35.89
C LYS G 131 -9.83 2.28 35.39
N GLU G 132 -10.23 1.46 34.41
CA GLU G 132 -9.30 0.53 33.78
C GLU G 132 -8.87 0.99 32.40
N GLY G 133 -9.22 2.22 32.02
CA GLY G 133 -8.56 2.86 30.90
C GLY G 133 -7.39 3.71 31.36
N ALA G 134 -7.46 4.24 32.58
CA ALA G 134 -6.36 4.97 33.20
C ALA G 134 -5.38 4.06 33.91
N MET G 135 -5.42 2.75 33.65
CA MET G 135 -4.46 1.83 34.22
C MET G 135 -3.98 0.79 33.23
N ALA G 136 -4.41 0.85 31.97
CA ALA G 136 -3.91 -0.05 30.94
C ALA G 136 -3.27 0.71 29.79
N CYS G 137 -3.92 1.78 29.32
CA CYS G 137 -3.35 2.55 28.22
C CYS G 137 -2.07 3.26 28.65
N THR G 138 -2.07 3.88 29.83
CA THR G 138 -0.88 4.58 30.31
C THR G 138 0.26 3.60 30.55
N VAL G 139 -0.03 2.48 31.22
CA VAL G 139 1.00 1.47 31.45
C VAL G 139 1.58 0.97 30.14
N ALA G 140 0.71 0.70 29.17
CA ALA G 140 1.18 0.19 27.88
C ALA G 140 2.09 1.19 27.19
N VAL G 141 1.63 2.45 27.07
CA VAL G 141 2.41 3.43 26.32
C VAL G 141 3.73 3.73 27.03
N GLU G 142 3.73 3.72 28.37
CA GLU G 142 4.96 4.03 29.09
C GLU G 142 5.93 2.87 29.02
N GLU G 143 5.45 1.63 29.02
CA GLU G 143 6.34 0.49 28.82
C GLU G 143 6.94 0.52 27.42
N SER G 144 6.14 0.88 26.42
CA SER G 144 6.68 0.98 25.06
C SER G 144 7.76 2.06 24.98
N ILE G 145 7.51 3.22 25.58
CA ILE G 145 8.49 4.31 25.57
C ILE G 145 9.78 3.87 26.25
N ALA G 146 9.66 3.21 27.41
CA ALA G 146 10.86 2.76 28.12
C ALA G 146 11.62 1.72 27.31
N HIS G 147 10.91 0.79 26.66
CA HIS G 147 11.56 -0.21 25.84
C HIS G 147 12.34 0.45 24.71
N HIS G 148 11.76 1.44 24.05
CA HIS G 148 12.49 2.09 22.97
C HIS G 148 13.64 2.95 23.47
N TYR G 149 13.50 3.55 24.67
CA TYR G 149 14.63 4.28 25.23
C TYR G 149 15.79 3.33 25.51
N ASN G 150 15.50 2.14 26.02
CA ASN G 150 16.55 1.14 26.21
C ASN G 150 17.18 0.76 24.87
N ASN G 151 16.35 0.49 23.86
CA ASN G 151 16.87 0.10 22.56
C ASN G 151 17.74 1.18 21.95
N GLN G 152 17.42 2.46 22.20
CA GLN G 152 18.26 3.54 21.69
C GLN G 152 19.56 3.66 22.47
N ILE G 153 19.47 3.61 23.81
CA ILE G 153 20.68 3.72 24.63
C ILE G 153 21.59 2.51 24.48
N ARG G 154 21.11 1.44 23.84
CA ARG G 154 22.00 0.32 23.53
C ARG G 154 22.91 0.64 22.35
N THR G 155 22.33 0.98 21.20
CA THR G 155 23.07 1.20 19.97
C THR G 155 23.80 2.54 19.93
N LEU G 156 23.85 3.27 21.03
CA LEU G 156 24.59 4.52 21.09
C LEU G 156 25.77 4.45 22.05
N MET G 157 25.90 3.38 22.82
CA MET G 157 27.07 3.16 23.65
C MET G 157 28.04 2.15 23.05
N GLU G 158 27.60 1.39 22.05
CA GLU G 158 28.44 0.40 21.40
C GLU G 158 28.99 0.86 20.05
N GLU G 159 28.52 1.99 19.54
CA GLU G 159 29.00 2.51 18.26
C GLU G 159 29.95 3.69 18.45
N ASP G 160 29.57 4.65 19.30
CA ASP G 160 30.44 5.77 19.63
C ASP G 160 30.03 6.28 21.01
N PRO G 161 30.75 5.89 22.06
CA PRO G 161 30.38 6.29 23.42
C PRO G 161 31.08 7.52 23.96
N GLU G 162 31.84 8.25 23.14
CA GLU G 162 32.58 9.41 23.63
C GLU G 162 32.30 10.70 22.88
N LYS G 163 31.64 10.66 21.72
CA LYS G 163 31.22 11.86 21.01
C LYS G 163 29.87 12.37 21.48
N TYR G 164 29.46 12.00 22.68
CA TYR G 164 28.10 12.20 23.18
C TYR G 164 28.17 12.40 24.68
N GLU G 165 27.06 12.14 25.36
CA GLU G 165 26.80 12.32 26.79
C GLU G 165 26.40 13.76 27.12
N GLU G 166 26.38 14.65 26.13
CA GLU G 166 25.54 15.83 26.21
C GLU G 166 24.10 15.50 25.87
N LEU G 167 23.83 14.28 25.41
CA LEU G 167 22.50 13.84 25.02
C LEU G 167 22.16 12.51 25.68
N LEU G 168 23.18 11.68 25.95
CA LEU G 168 22.92 10.33 26.45
C LEU G 168 22.45 10.35 27.90
N GLN G 169 23.02 11.23 28.72
CA GLN G 169 22.53 11.39 30.09
C GLN G 169 21.07 11.81 30.09
N LEU G 170 20.67 12.63 29.12
CA LEU G 170 19.26 13.01 29.00
C LEU G 170 18.40 11.78 28.75
N ILE G 171 18.82 10.91 27.83
CA ILE G 171 18.04 9.70 27.55
C ILE G 171 17.96 8.82 28.79
N LYS G 172 19.06 8.70 29.53
CA LYS G 172 19.05 7.85 30.73
C LYS G 172 18.11 8.40 31.78
N LYS G 173 18.20 9.70 32.05
CA LYS G 173 17.30 10.32 33.02
C LYS G 173 15.85 10.18 32.61
N PHE G 174 15.56 10.35 31.31
CA PHE G 174 14.19 10.22 30.83
C PHE G 174 13.69 8.79 30.98
N ARG G 175 14.54 7.80 30.69
CA ARG G 175 14.13 6.41 30.88
C ARG G 175 13.82 6.14 32.34
N ASP G 176 14.65 6.62 33.25
CA ASP G 176 14.39 6.42 34.68
C ASP G 176 13.07 7.05 35.08
N GLU G 177 12.86 8.32 34.73
CA GLU G 177 11.63 9.02 35.09
C GLU G 177 10.40 8.41 34.41
N GLU G 178 10.59 7.73 33.28
CA GLU G 178 9.46 7.14 32.57
C GLU G 178 9.11 5.77 33.13
N LEU G 179 10.09 5.05 33.65
CA LEU G 179 9.88 3.71 34.17
C LEU G 179 9.63 3.69 35.68
N GLU G 180 9.86 4.80 36.39
CA GLU G 180 9.67 4.81 37.83
C GLU G 180 8.22 4.51 38.21
N HIS G 181 7.27 5.15 37.53
CA HIS G 181 5.86 5.00 37.85
C HIS G 181 5.09 4.25 36.76
N HIS G 182 5.79 3.47 35.92
CA HIS G 182 5.10 2.67 34.91
C HIS G 182 4.63 1.34 35.50
N ASP G 183 5.17 0.96 36.66
CA ASP G 183 4.73 -0.27 37.32
C ASP G 183 3.38 -0.08 37.99
N ILE G 184 3.03 1.17 38.30
CA ILE G 184 1.72 1.49 38.88
C ILE G 184 1.17 2.77 38.27
N ALA G 193 -7.33 -10.03 36.48
CA ALA G 193 -7.65 -9.37 35.22
C ALA G 193 -6.92 -10.02 34.06
N PRO G 194 -7.46 -11.13 33.54
CA PRO G 194 -6.79 -11.80 32.41
C PRO G 194 -7.20 -11.24 31.06
N ALA G 195 -8.25 -10.43 31.01
CA ALA G 195 -8.71 -9.88 29.74
C ALA G 195 -8.02 -8.56 29.42
N TYR G 196 -7.69 -7.78 30.45
CA TYR G 196 -7.01 -6.51 30.23
C TYR G 196 -5.59 -6.73 29.74
N ALA G 197 -5.01 -7.89 30.03
CA ALA G 197 -3.65 -8.21 29.64
C ALA G 197 -3.55 -8.43 28.13
N VAL G 198 -4.69 -8.42 27.45
CA VAL G 198 -4.73 -8.47 26.00
C VAL G 198 -4.95 -7.09 25.39
N LEU G 199 -5.79 -6.27 26.02
CA LEU G 199 -5.92 -4.87 25.61
C LEU G 199 -4.57 -4.15 25.72
N LYS G 200 -3.84 -4.38 26.81
CA LYS G 200 -2.54 -3.74 26.95
C LYS G 200 -1.60 -4.15 25.81
N SER G 201 -1.61 -5.43 25.42
CA SER G 201 -0.73 -5.87 24.36
C SER G 201 -1.16 -5.32 23.01
N ILE G 202 -2.47 -5.27 22.74
CA ILE G 202 -2.93 -4.75 21.47
C ILE G 202 -2.79 -3.24 21.38
N ILE G 203 -2.57 -2.56 22.49
CA ILE G 203 -2.18 -1.15 22.48
C ILE G 203 -0.67 -0.99 22.29
N GLN G 204 0.12 -1.87 22.93
CA GLN G 204 1.57 -1.78 22.82
C GLN G 204 2.04 -2.10 21.40
N ALA G 205 1.39 -3.04 20.73
CA ALA G 205 1.75 -3.35 19.34
C ALA G 205 1.53 -2.15 18.43
N GLY G 206 0.40 -1.46 18.61
CA GLY G 206 0.17 -0.25 17.84
C GLY G 206 1.16 0.85 18.15
N CYS G 207 1.48 1.03 19.44
CA CYS G 207 2.46 2.06 19.80
C CYS G 207 3.86 1.70 19.35
N ARG G 208 4.10 0.45 18.95
CA ARG G 208 5.38 0.10 18.36
C ARG G 208 5.38 0.32 16.85
N VAL G 209 4.30 -0.09 16.17
CA VAL G 209 4.19 0.13 14.73
C VAL G 209 4.21 1.62 14.43
N ALA G 210 3.61 2.43 15.30
CA ALA G 210 3.61 3.88 15.08
C ALA G 210 5.02 4.45 15.19
N ILE G 211 5.78 4.02 16.19
CA ILE G 211 7.17 4.48 16.32
C ILE G 211 7.97 4.10 15.08
N TYR G 212 7.78 2.87 14.59
CA TYR G 212 8.49 2.43 13.39
C TYR G 212 8.15 3.31 12.19
N LEU G 213 6.86 3.43 11.87
CA LEU G 213 6.44 4.23 10.73
C LEU G 213 6.86 5.68 10.86
N SER G 214 6.92 6.21 12.07
CA SER G 214 7.27 7.62 12.25
C SER G 214 8.77 7.82 12.17
N GLU G 215 9.54 6.78 12.46
CA GLU G 215 11.00 6.93 12.37
C GLU G 215 11.46 6.81 10.93
N ARG G 216 10.89 5.87 10.17
CA ARG G 216 11.39 5.69 8.80
C ARG G 216 10.87 6.79 7.88
N LEU G 217 9.56 6.97 7.81
CA LEU G 217 8.96 7.90 6.87
C LEU G 217 9.07 9.35 7.34
N SER H 45 -25.11 -8.78 -15.18
CA SER H 45 -25.66 -8.95 -13.84
C SER H 45 -25.04 -10.16 -13.14
N ARG H 46 -24.24 -10.94 -13.89
CA ARG H 46 -23.64 -12.13 -13.32
C ARG H 46 -22.62 -11.79 -12.24
N ALA H 47 -21.98 -10.61 -12.35
CA ALA H 47 -21.04 -10.21 -11.31
C ALA H 47 -21.72 -10.04 -9.96
N ALA H 48 -22.98 -9.61 -9.96
CA ALA H 48 -23.71 -9.45 -8.70
C ALA H 48 -23.95 -10.79 -8.03
N VAL H 49 -24.38 -11.80 -8.79
CA VAL H 49 -24.59 -13.13 -8.24
C VAL H 49 -23.30 -13.91 -8.13
N ASP H 50 -22.18 -13.32 -8.51
CA ASP H 50 -20.87 -13.95 -8.38
C ASP H 50 -20.16 -13.49 -7.11
N ARG H 51 -20.18 -12.18 -6.87
CA ARG H 51 -19.54 -11.55 -5.73
C ARG H 51 -20.19 -11.91 -4.40
N ILE H 52 -21.32 -12.62 -4.40
CA ILE H 52 -21.92 -13.12 -3.18
C ILE H 52 -21.50 -14.56 -2.89
N ILE H 53 -21.45 -15.39 -3.92
CA ILE H 53 -20.99 -16.77 -3.74
C ILE H 53 -19.52 -16.77 -3.32
N ARG H 54 -18.71 -15.88 -3.91
CA ARG H 54 -17.30 -15.84 -3.55
C ARG H 54 -17.10 -15.45 -2.09
N VAL H 55 -17.81 -14.41 -1.65
CA VAL H 55 -17.69 -13.97 -0.26
C VAL H 55 -18.18 -15.05 0.70
N ASP H 56 -19.29 -15.71 0.36
CA ASP H 56 -19.80 -16.74 1.26
C ASP H 56 -18.83 -17.90 1.37
N HIS H 57 -18.24 -18.33 0.26
CA HIS H 57 -17.24 -19.39 0.30
C HIS H 57 -16.06 -18.99 1.18
N ALA H 58 -15.53 -17.78 0.99
CA ALA H 58 -14.38 -17.35 1.77
C ALA H 58 -14.70 -17.29 3.26
N GLY H 59 -15.85 -16.72 3.61
CA GLY H 59 -16.22 -16.61 5.01
C GLY H 59 -16.42 -17.95 5.68
N GLU H 60 -17.08 -18.89 4.99
CA GLU H 60 -17.26 -20.20 5.58
C GLU H 60 -15.94 -20.93 5.74
N TYR H 61 -15.01 -20.74 4.80
CA TYR H 61 -13.68 -21.32 4.96
C TYR H 61 -12.99 -20.77 6.19
N GLY H 62 -13.02 -19.45 6.37
CA GLY H 62 -12.41 -18.85 7.55
C GLY H 62 -13.01 -19.37 8.84
N ALA H 63 -14.34 -19.47 8.92
CA ALA H 63 -14.97 -19.97 10.13
C ALA H 63 -14.59 -21.42 10.39
N ASN H 64 -14.55 -22.24 9.34
CA ASN H 64 -14.13 -23.63 9.51
C ASN H 64 -12.73 -23.71 10.09
N ARG H 65 -11.82 -22.86 9.60
CA ARG H 65 -10.45 -22.89 10.12
C ARG H 65 -10.39 -22.45 11.57
N ILE H 66 -11.15 -21.41 11.93
CA ILE H 66 -11.17 -20.96 13.33
C ILE H 66 -11.59 -22.09 14.24
N TYR H 67 -12.67 -22.79 13.88
CA TYR H 67 -13.13 -23.88 14.73
C TYR H 67 -12.15 -25.04 14.73
N ALA H 68 -11.46 -25.27 13.63
CA ALA H 68 -10.44 -26.32 13.62
C ALA H 68 -9.33 -26.02 14.60
N GLY H 69 -8.88 -24.76 14.65
CA GLY H 69 -7.88 -24.39 15.64
C GLY H 69 -8.36 -24.57 17.06
N GLN H 70 -9.52 -23.98 17.37
CA GLN H 70 -10.04 -24.09 18.74
C GLN H 70 -10.25 -25.54 19.15
N MET H 71 -10.60 -26.42 18.21
CA MET H 71 -10.71 -27.83 18.54
C MET H 71 -9.35 -28.48 18.71
N ALA H 72 -8.33 -27.98 17.99
CA ALA H 72 -7.00 -28.53 18.16
C ALA H 72 -6.42 -28.20 19.53
N VAL H 73 -6.80 -27.06 20.11
CA VAL H 73 -6.26 -26.69 21.42
C VAL H 73 -7.08 -27.28 22.56
N LEU H 74 -8.41 -27.10 22.53
CA LEU H 74 -9.28 -27.56 23.60
C LEU H 74 -9.89 -28.92 23.30
N GLY H 75 -9.17 -29.80 22.62
CA GLY H 75 -9.71 -31.08 22.18
C GLY H 75 -10.22 -31.97 23.29
N ARG H 76 -9.31 -32.47 24.14
CA ARG H 76 -9.67 -33.44 25.18
C ARG H 76 -9.94 -32.71 26.49
N THR H 77 -11.12 -32.10 26.56
CA THR H 77 -11.57 -31.41 27.76
C THR H 77 -13.09 -31.54 27.84
N SER H 78 -13.71 -30.75 28.71
CA SER H 78 -15.15 -30.79 28.91
C SER H 78 -15.91 -29.88 27.96
N VAL H 79 -15.22 -29.21 27.02
CA VAL H 79 -15.86 -28.30 26.09
C VAL H 79 -15.81 -28.81 24.65
N GLY H 80 -15.02 -29.85 24.39
CA GLY H 80 -14.86 -30.41 23.07
C GLY H 80 -16.11 -30.60 22.23
N PRO H 81 -17.16 -31.22 22.79
CA PRO H 81 -18.34 -31.56 21.96
C PRO H 81 -19.02 -30.36 21.32
N VAL H 82 -19.11 -29.22 22.02
CA VAL H 82 -19.75 -28.04 21.44
C VAL H 82 -18.99 -27.59 20.20
N ILE H 83 -17.68 -27.45 20.32
CA ILE H 83 -16.86 -27.04 19.18
C ILE H 83 -16.91 -28.08 18.07
N GLN H 84 -17.02 -29.37 18.44
CA GLN H 84 -17.15 -30.41 17.42
C GLN H 84 -18.44 -30.26 16.63
N LYS H 85 -19.56 -30.02 17.32
CA LYS H 85 -20.82 -29.83 16.64
C LYS H 85 -20.79 -28.61 15.74
N MET H 86 -20.23 -27.50 16.22
CA MET H 86 -20.14 -26.31 15.38
C MET H 86 -19.25 -26.56 14.17
N TRP H 87 -18.16 -27.30 14.36
CA TRP H 87 -17.26 -27.62 13.25
C TRP H 87 -17.98 -28.46 12.21
N ASP H 88 -18.82 -29.40 12.64
CA ASP H 88 -19.56 -30.21 11.68
C ASP H 88 -20.58 -29.37 10.91
N GLN H 89 -21.28 -28.47 11.62
CA GLN H 89 -22.19 -27.55 10.95
C GLN H 89 -21.46 -26.74 9.88
N GLU H 90 -20.28 -26.23 10.21
CA GLU H 90 -19.56 -25.39 9.26
C GLU H 90 -18.99 -26.21 8.10
N LYS H 91 -18.59 -27.46 8.33
CA LYS H 91 -18.16 -28.30 7.23
C LYS H 91 -19.32 -28.57 6.28
N ASP H 92 -20.53 -28.76 6.82
CA ASP H 92 -21.70 -28.94 5.97
C ASP H 92 -21.96 -27.69 5.12
N HIS H 93 -21.96 -26.52 5.76
CA HIS H 93 -22.14 -25.27 5.03
C HIS H 93 -21.09 -25.12 3.94
N LEU H 94 -19.84 -25.46 4.24
CA LEU H 94 -18.77 -25.30 3.26
C LEU H 94 -18.96 -26.23 2.09
N LYS H 95 -19.36 -27.48 2.33
CA LYS H 95 -19.60 -28.38 1.21
C LYS H 95 -20.72 -27.88 0.31
N LYS H 96 -21.80 -27.37 0.92
CA LYS H 96 -22.89 -26.83 0.12
C LYS H 96 -22.42 -25.67 -0.75
N PHE H 97 -21.78 -24.67 -0.14
CA PHE H 97 -21.33 -23.53 -0.92
C PHE H 97 -20.23 -23.90 -1.91
N ASN H 98 -19.50 -24.99 -1.66
CA ASN H 98 -18.46 -25.41 -2.59
C ASN H 98 -19.08 -26.00 -3.85
N GLU H 99 -20.10 -26.85 -3.70
CA GLU H 99 -20.77 -27.34 -4.90
C GLU H 99 -21.49 -26.21 -5.63
N LEU H 100 -22.05 -25.26 -4.89
CA LEU H 100 -22.71 -24.12 -5.54
C LEU H 100 -21.71 -23.23 -6.26
N MET H 101 -20.46 -23.17 -5.78
CA MET H 101 -19.43 -22.39 -6.46
C MET H 101 -18.91 -23.11 -7.69
N VAL H 102 -18.79 -24.44 -7.62
CA VAL H 102 -18.35 -25.20 -8.78
C VAL H 102 -19.39 -25.11 -9.89
N THR H 103 -20.67 -25.08 -9.54
CA THR H 103 -21.72 -25.08 -10.56
C THR H 103 -21.67 -23.82 -11.42
N PHE H 104 -21.70 -22.64 -10.78
CA PHE H 104 -21.81 -21.39 -11.51
C PHE H 104 -20.50 -20.89 -12.11
N ARG H 105 -19.43 -21.69 -12.07
CA ARG H 105 -18.12 -21.31 -12.60
C ARG H 105 -17.66 -19.97 -12.02
N VAL H 106 -17.57 -19.94 -10.70
CA VAL H 106 -17.15 -18.75 -9.96
C VAL H 106 -15.63 -18.75 -9.86
N ARG H 107 -15.07 -17.59 -9.52
CA ARG H 107 -13.64 -17.47 -9.32
C ARG H 107 -13.33 -17.39 -7.84
N PRO H 108 -12.62 -18.35 -7.26
CA PRO H 108 -12.31 -18.26 -5.83
C PRO H 108 -11.33 -17.15 -5.55
N THR H 109 -11.47 -16.54 -4.37
CA THR H 109 -10.62 -15.41 -4.01
C THR H 109 -9.16 -15.83 -3.96
N VAL H 110 -8.28 -14.86 -4.22
CA VAL H 110 -6.85 -15.16 -4.32
C VAL H 110 -6.18 -15.21 -2.95
N LEU H 111 -6.83 -14.69 -1.91
CA LEU H 111 -6.23 -14.62 -0.59
C LEU H 111 -6.43 -15.90 0.22
N MET H 112 -7.07 -16.92 -0.34
CA MET H 112 -7.35 -18.14 0.42
C MET H 112 -6.13 -18.74 1.11
N PRO H 113 -4.91 -18.70 0.55
CA PRO H 113 -3.76 -19.20 1.32
C PRO H 113 -3.37 -18.31 2.49
N LEU H 114 -4.02 -17.16 2.67
CA LEU H 114 -3.73 -16.30 3.81
C LEU H 114 -4.71 -16.49 4.95
N TRP H 115 -5.97 -16.84 4.67
CA TRP H 115 -6.88 -17.22 5.74
C TRP H 115 -6.59 -18.61 6.29
N ASN H 116 -5.54 -19.27 5.82
CA ASN H 116 -5.18 -20.59 6.30
C ASN H 116 -4.16 -20.55 7.43
N VAL H 117 -3.49 -19.41 7.65
CA VAL H 117 -2.57 -19.26 8.76
C VAL H 117 -3.15 -18.25 9.74
N LEU H 118 -4.07 -17.41 9.26
CA LEU H 118 -4.79 -16.48 10.11
C LEU H 118 -6.14 -17.02 10.53
N GLY H 119 -6.55 -18.19 10.04
CA GLY H 119 -7.77 -18.81 10.52
C GLY H 119 -7.44 -19.88 11.53
N PHE H 120 -6.17 -20.24 11.61
CA PHE H 120 -5.71 -21.20 12.61
C PHE H 120 -4.98 -20.55 13.77
N ALA H 121 -4.42 -19.35 13.57
CA ALA H 121 -3.86 -18.62 14.68
C ALA H 121 -4.94 -18.26 15.70
N LEU H 122 -6.09 -17.77 15.23
CA LEU H 122 -7.19 -17.51 16.15
C LEU H 122 -7.93 -18.79 16.45
N GLY H 123 -7.18 -19.84 16.75
CA GLY H 123 -7.70 -21.09 17.25
C GLY H 123 -6.68 -21.61 18.24
N ALA H 124 -5.61 -20.85 18.39
CA ALA H 124 -4.60 -21.11 19.41
C ALA H 124 -4.27 -19.81 20.12
N GLY H 125 -4.52 -18.68 19.46
CA GLY H 125 -4.41 -17.40 20.11
C GLY H 125 -5.47 -17.30 21.19
N THR H 126 -6.73 -17.29 20.78
CA THR H 126 -7.81 -17.57 21.72
C THR H 126 -7.85 -19.07 22.00
N ALA H 127 -8.79 -19.46 22.85
CA ALA H 127 -8.97 -20.85 23.27
C ALA H 127 -7.78 -21.36 24.07
N LEU H 128 -6.76 -20.53 24.24
CA LEU H 128 -5.72 -20.76 25.24
C LEU H 128 -5.92 -19.91 26.48
N LEU H 129 -6.82 -18.93 26.42
CA LEU H 129 -7.16 -18.08 27.56
C LEU H 129 -8.27 -18.67 28.40
N GLY H 130 -8.47 -19.98 28.35
CA GLY H 130 -9.55 -20.61 29.06
C GLY H 130 -10.81 -20.67 28.22
N LYS H 131 -11.94 -20.91 28.91
CA LYS H 131 -13.21 -20.95 28.22
C LYS H 131 -13.75 -19.54 28.00
N GLU H 132 -12.92 -18.68 27.41
CA GLU H 132 -13.33 -17.34 27.02
C GLU H 132 -12.82 -17.07 25.61
N GLY H 133 -12.12 -18.05 25.04
CA GLY H 133 -11.90 -18.06 23.61
C GLY H 133 -13.03 -18.77 22.88
N ALA H 134 -13.64 -19.75 23.54
CA ALA H 134 -14.79 -20.45 23.00
C ALA H 134 -16.11 -19.75 23.29
N MET H 135 -16.06 -18.51 23.79
CA MET H 135 -17.28 -17.74 24.01
C MET H 135 -17.10 -16.27 23.65
N ALA H 136 -16.01 -15.90 22.99
CA ALA H 136 -15.82 -14.52 22.58
C ALA H 136 -15.33 -14.45 21.14
N CYS H 137 -14.88 -15.58 20.61
CA CYS H 137 -14.47 -15.66 19.21
C CYS H 137 -15.57 -16.25 18.34
N THR H 138 -16.18 -17.35 18.78
CA THR H 138 -17.26 -17.96 18.03
C THR H 138 -18.45 -17.02 17.92
N VAL H 139 -18.84 -16.40 19.04
CA VAL H 139 -19.94 -15.44 19.03
C VAL H 139 -19.65 -14.31 18.05
N ALA H 140 -18.43 -13.78 18.07
CA ALA H 140 -18.09 -12.65 17.21
C ALA H 140 -18.15 -13.05 15.73
N VAL H 141 -17.51 -14.17 15.38
CA VAL H 141 -17.47 -14.55 13.98
C VAL H 141 -18.87 -14.91 13.47
N GLU H 142 -19.70 -15.52 14.33
CA GLU H 142 -21.03 -15.89 13.89
C GLU H 142 -21.94 -14.68 13.76
N GLU H 143 -21.77 -13.69 14.63
CA GLU H 143 -22.53 -12.45 14.47
C GLU H 143 -22.12 -11.73 13.19
N SER H 144 -20.83 -11.73 12.87
CA SER H 144 -20.39 -11.11 11.62
C SER H 144 -20.99 -11.83 10.40
N ILE H 145 -20.96 -13.17 10.43
CA ILE H 145 -21.53 -13.94 9.33
C ILE H 145 -23.02 -13.65 9.17
N ALA H 146 -23.75 -13.61 10.29
CA ALA H 146 -25.18 -13.33 10.21
C ALA H 146 -25.45 -11.92 9.69
N HIS H 147 -24.66 -10.94 10.13
CA HIS H 147 -24.82 -9.58 9.66
C HIS H 147 -24.62 -9.51 8.14
N HIS H 148 -23.60 -10.20 7.63
CA HIS H 148 -23.38 -10.14 6.19
C HIS H 148 -24.44 -10.93 5.42
N TYR H 149 -24.96 -12.01 6.00
CA TYR H 149 -26.06 -12.72 5.35
C TYR H 149 -27.29 -11.83 5.24
N ASN H 150 -27.58 -11.05 6.29
CA ASN H 150 -28.67 -10.08 6.22
C ASN H 150 -28.40 -9.04 5.14
N ASN H 151 -27.19 -8.50 5.11
CA ASN H 151 -26.85 -7.48 4.13
C ASN H 151 -26.96 -8.00 2.71
N GLN H 152 -26.67 -9.28 2.49
CA GLN H 152 -26.80 -9.85 1.16
C GLN H 152 -28.27 -10.10 0.82
N ILE H 153 -29.03 -10.68 1.74
CA ILE H 153 -30.44 -10.93 1.50
C ILE H 153 -31.26 -9.65 1.39
N ARG H 154 -30.68 -8.50 1.75
CA ARG H 154 -31.36 -7.24 1.51
C ARG H 154 -31.27 -6.83 0.05
N THR H 155 -30.07 -6.69 -0.48
CA THR H 155 -29.84 -6.20 -1.84
C THR H 155 -30.13 -7.23 -2.91
N LEU H 156 -30.72 -8.37 -2.57
CA LEU H 156 -31.11 -9.36 -3.55
C LEU H 156 -32.63 -9.54 -3.63
N MET H 157 -33.39 -8.92 -2.74
CA MET H 157 -34.84 -8.92 -2.83
C MET H 157 -35.39 -7.59 -3.35
N GLU H 158 -34.58 -6.53 -3.35
CA GLU H 158 -35.00 -5.23 -3.83
C GLU H 158 -34.53 -4.94 -5.25
N GLU H 159 -33.65 -5.76 -5.81
CA GLU H 159 -33.16 -5.55 -7.17
C GLU H 159 -33.80 -6.52 -8.16
N ASP H 160 -33.87 -7.81 -7.81
CA ASP H 160 -34.56 -8.80 -8.64
C ASP H 160 -34.99 -9.95 -7.73
N PRO H 161 -36.26 -9.95 -7.31
CA PRO H 161 -36.74 -10.99 -6.39
C PRO H 161 -37.41 -12.20 -7.03
N GLU H 162 -37.35 -12.34 -8.36
CA GLU H 162 -38.02 -13.45 -9.03
C GLU H 162 -37.13 -14.28 -9.93
N LYS H 163 -35.92 -13.82 -10.26
CA LYS H 163 -34.96 -14.61 -11.01
C LYS H 163 -34.12 -15.52 -10.11
N TYR H 164 -34.60 -15.79 -8.90
CA TYR H 164 -33.82 -16.43 -7.84
C TYR H 164 -34.77 -17.27 -7.01
N GLU H 165 -34.37 -17.55 -5.77
CA GLU H 165 -35.01 -18.39 -4.76
C GLU H 165 -34.65 -19.86 -4.96
N GLU H 166 -33.88 -20.19 -5.99
CA GLU H 166 -33.08 -21.41 -5.95
C GLU H 166 -31.81 -21.21 -5.14
N LEU H 167 -31.53 -19.97 -4.72
CA LEU H 167 -30.35 -19.64 -3.95
C LEU H 167 -30.72 -18.82 -2.71
N LEU H 168 -31.81 -18.06 -2.79
CA LEU H 168 -32.16 -17.15 -1.70
C LEU H 168 -32.67 -17.91 -0.49
N GLN H 169 -33.48 -18.96 -0.72
CA GLN H 169 -33.91 -19.80 0.40
C GLN H 169 -32.72 -20.42 1.11
N LEU H 170 -31.67 -20.75 0.36
CA LEU H 170 -30.45 -21.27 0.96
C LEU H 170 -29.83 -20.24 1.90
N ILE H 171 -29.74 -18.99 1.45
CA ILE H 171 -29.19 -17.94 2.29
C ILE H 171 -30.02 -17.74 3.54
N LYS H 172 -31.35 -17.79 3.40
CA LYS H 172 -32.22 -17.58 4.55
C LYS H 172 -32.06 -18.71 5.57
N LYS H 173 -32.07 -19.95 5.10
CA LYS H 173 -31.87 -21.09 6.00
C LYS H 173 -30.52 -21.02 6.68
N PHE H 174 -29.48 -20.63 5.94
CA PHE H 174 -28.15 -20.53 6.54
C PHE H 174 -28.10 -19.43 7.59
N ARG H 175 -28.75 -18.30 7.34
CA ARG H 175 -28.79 -17.24 8.33
C ARG H 175 -29.49 -17.71 9.61
N ASP H 176 -30.61 -18.42 9.46
CA ASP H 176 -31.33 -18.93 10.61
C ASP H 176 -30.45 -19.89 11.41
N GLU H 177 -29.85 -20.86 10.72
CA GLU H 177 -29.00 -21.84 11.41
C GLU H 177 -27.74 -21.22 11.99
N GLU H 178 -27.31 -20.08 11.47
CA GLU H 178 -26.10 -19.42 11.96
C GLU H 178 -26.41 -18.55 13.17
N LEU H 179 -27.62 -17.99 13.23
CA LEU H 179 -28.01 -17.11 14.32
C LEU H 179 -28.73 -17.82 15.45
N GLU H 180 -29.15 -19.08 15.24
CA GLU H 180 -29.89 -19.79 16.28
C GLU H 180 -29.06 -19.96 17.55
N HIS H 181 -27.77 -20.28 17.40
CA HIS H 181 -26.90 -20.52 18.55
C HIS H 181 -25.76 -19.50 18.64
N HIS H 182 -25.94 -18.32 18.06
CA HIS H 182 -24.93 -17.28 18.21
C HIS H 182 -25.15 -16.47 19.48
N ASP H 183 -26.34 -16.59 20.08
CA ASP H 183 -26.62 -15.89 21.33
C ASP H 183 -25.96 -16.61 22.51
N ILE H 184 -25.63 -17.89 22.33
CA ILE H 184 -24.93 -18.66 23.35
C ILE H 184 -23.92 -19.61 22.70
N ALA H 193 -18.54 -9.03 32.60
CA ALA H 193 -17.38 -9.08 31.71
C ALA H 193 -17.32 -7.84 30.83
N PRO H 194 -16.78 -6.74 31.37
CA PRO H 194 -16.68 -5.52 30.56
C PRO H 194 -15.44 -5.49 29.68
N ALA H 195 -14.43 -6.29 30.00
CA ALA H 195 -13.23 -6.33 29.17
C ALA H 195 -13.37 -7.36 28.05
N TYR H 196 -14.17 -8.40 28.27
CA TYR H 196 -14.45 -9.37 27.23
C TYR H 196 -15.41 -8.85 26.17
N ALA H 197 -15.84 -7.60 26.27
CA ALA H 197 -16.69 -6.98 25.26
C ALA H 197 -15.92 -6.09 24.30
N VAL H 198 -14.61 -5.98 24.46
CA VAL H 198 -13.75 -5.26 23.53
C VAL H 198 -12.97 -6.22 22.64
N LEU H 199 -12.56 -7.36 23.19
CA LEU H 199 -11.99 -8.42 22.36
C LEU H 199 -12.97 -8.86 21.28
N LYS H 200 -14.25 -8.99 21.64
CA LYS H 200 -15.27 -9.34 20.66
C LYS H 200 -15.33 -8.32 19.54
N SER H 201 -15.26 -7.04 19.88
CA SER H 201 -15.37 -6.00 18.86
C SER H 201 -14.12 -5.97 17.99
N ILE H 202 -12.94 -6.14 18.59
CA ILE H 202 -11.71 -6.10 17.81
C ILE H 202 -11.54 -7.35 16.97
N ILE H 203 -12.29 -8.42 17.28
CA ILE H 203 -12.33 -9.57 16.38
C ILE H 203 -13.37 -9.38 15.28
N GLN H 204 -14.50 -8.76 15.61
CA GLN H 204 -15.55 -8.55 14.60
C GLN H 204 -15.11 -7.54 13.56
N ALA H 205 -14.35 -6.52 13.96
CA ALA H 205 -13.84 -5.56 12.99
C ALA H 205 -12.89 -6.21 12.00
N GLY H 206 -12.03 -7.10 12.48
CA GLY H 206 -11.16 -7.84 11.58
C GLY H 206 -11.92 -8.78 10.67
N CYS H 207 -12.92 -9.48 11.22
CA CYS H 207 -13.72 -10.37 10.39
C CYS H 207 -14.60 -9.60 9.41
N ARG H 208 -14.76 -8.29 9.59
CA ARG H 208 -15.45 -7.48 8.60
C ARG H 208 -14.49 -6.95 7.54
N VAL H 209 -13.28 -6.54 7.94
CA VAL H 209 -12.29 -6.11 6.96
C VAL H 209 -11.90 -7.27 6.06
N ALA H 210 -11.88 -8.49 6.60
CA ALA H 210 -11.52 -9.65 5.78
C ALA H 210 -12.61 -9.99 4.78
N ILE H 211 -13.84 -9.55 5.02
CA ILE H 211 -14.90 -9.73 4.04
C ILE H 211 -14.90 -8.56 3.05
N TYR H 212 -14.45 -7.39 3.47
CA TYR H 212 -14.31 -6.27 2.54
C TYR H 212 -13.27 -6.55 1.45
N LEU H 213 -12.30 -7.43 1.72
CA LEU H 213 -11.21 -7.69 0.79
C LEU H 213 -11.42 -8.92 -0.07
N SER H 214 -12.21 -9.90 0.39
CA SER H 214 -12.33 -11.15 -0.36
C SER H 214 -13.09 -10.95 -1.65
N GLU H 215 -14.06 -10.04 -1.67
CA GLU H 215 -14.88 -9.87 -2.86
C GLU H 215 -14.12 -9.14 -3.96
N ARG H 216 -13.63 -7.94 -3.66
CA ARG H 216 -13.04 -7.10 -4.71
C ARG H 216 -11.76 -7.71 -5.25
N LEU H 217 -10.94 -8.30 -4.38
CA LEU H 217 -9.64 -8.81 -4.79
C LEU H 217 -9.69 -10.30 -5.08
#